data_8ES4
#
_entry.id   8ES4
#
_cell.length_a   1.00
_cell.length_b   1.00
_cell.length_c   1.00
_cell.angle_alpha   90.00
_cell.angle_beta   90.00
_cell.angle_gamma   90.00
#
_symmetry.space_group_name_H-M   'P 1'
#
loop_
_entity.id
_entity.type
_entity.pdbx_description
1 polymer Gp35
2 polymer Gp39
3 polymer Gp40
4 polymer Gp44
#
loop_
_entity_poly.entity_id
_entity_poly.type
_entity_poly.pdbx_seq_one_letter_code
_entity_poly.pdbx_strand_id
1 'polypeptide(L)'
;MQGQQKESLESLFTKDSDPTVLDAAEQFAQWTLPTVLTRDISGMDGKRTSLHRDYQSTGAVLVNSASTKVTNALFPQGAP
FFRFVDSPDMAAAVAELGINGTVQSQQSQIELSASSLVFSRDNYAASLRAVKLLMVTGNALEYFDEGTGRSHIYSVREYT
VRRDGSGNILRVVLKERIAAMDLPQEFRSAHLGQKDDYDDVTLYTGICLEDNKFKIYQEVQQQQIGDASTYPIDECPYTV
LVWNLVNGEHYGRGLVEDYAGDFARLSVLSQALTLYEVEAARLYNAVSAGAGIDVDAAQAAETGDYVQTSAAPGTNPGIW
AVENGSDRKIMSLQSEISMIEQKLARAFMYAGNTRQGERVTAYEIRTNAQEAQNSLGDAYSILSDHWLRKRAYLYTVYQY
PPMRAMFTLGATTIQILVGTASLNKAAQADRLLEASQSIQLVLPVLQGATKRTNPDAVVDFILDAFGVVSSKLMYTEEQL
KQIQDQQDQQQADQQRNLELAQANPEVAGQQLGLIPS
;
A,B
2 'polypeptide(L)'
;MRLTDAVNVTLEALGESRIVDINTSNPSAGLARAALDRTRRGVLSTGWWFNTIIREVTPTPNPGQIKVPWNQLSMYGLDG
TKYGERDGVLYNLVDQTKVFSDTVHLKVVIDIDFEDLPEHMAMWVANATAAQVYLNDLGADGNYKSLLGIAAEYEAMNMR
EHLRNQRYSTSRTHAARKIRSGFFR
;
C,D
3 'polypeptide(L)'
;MAQTFEGTLQSLLQGVSQQIPRERQPGQLGAQQNMLSDPVTGLRRRPPLHLAAQTLMENPVSPDALFSTYIERGTDGRHL
LINTEAGIWQILSKDATTLIRSGQADYLKASIGATSIQTASIAGLTYILNTEQTPVAHVDNTGKLNPANTGFFYIVASSF
SKRWTITVQSNEGTWTAVHDVGASSDDGAVPAATASAVINSLKTNLLAAGMPSDKVDTFGSYMFIKGLTNVVVSSDAGTT
YARWSNQSRVDEESDLPAQLPASANGCMCRVGAASTSATWYRFDYATRQWNEDSAYSSITKITNMPLEFAADDQIIPRDF
EGRLAGDDENNEDPGFVENGYITGIAAFQGRLVLLSGSRVSMSASGLYQRFYRSTVVNLLDTDRIDIGAASAQDSVFRAA
LQFNRDLVVFGDSMQAVIAGNAVLTPTNASIALTSEFSCDSRVIPVVTGQTVLYASRRNSDYAGLLEFIPSAYTSSQYVS
QDATVHLPRYIPGRVMDMQVSSVTNVAFFRYSGERTSVLVYEFLWGEDAKRAQGAYHKWVLPYDVLSLHTLSEAAYFFVR
GPGAYVLALRVDPREGFVAGTTYEYPFMDMGAPVTVQGGQFTLPEHLRKAGLQDSIALAYYTGDDSGSELGIASISSNWV
CTTVRGVPDGNYLAGYRFKSGTTLTPPMLKDQNDNLIGSGHVRLLRLDVAMRNSGVVDVLVEDNARDVDNDSEYSGVLMN
SKELAPEQPLKASLSNIIIPCRTNTDTTEVTLSTSGTLEMNIMDVSYILRYNQRRRRV
;
E
4 'polypeptide(L)'
;MAYSWSEQVVPSGTTLISVDIEYLDKSYIYLYINNVLISNSDYSWNSDTLIQLNTPMASAGTVLLVRRTDKEYLYIMFAE
GAAFIRENLDVQNTQFLHLAQELVEGRSIDGFYGDLSMNGYRITHLADGVDPKDAVNKGQLDSVSNRVSSIENSFLGLTT
VSYPWYTVVSADTDTFEPPFKFTKAALYIDGLCQVPDYSYVVVDNKLLLAESVPTGTVVFARLGEDTDAATEAATTTALA
AVQADLQNQINALRALLQGG
;
G,H,F
#
# COMPACT_ATOMS: atom_id res chain seq x y z
N GLU A 7 -54.98 22.72 33.80
CA GLU A 7 -55.42 22.81 35.19
C GLU A 7 -55.83 21.44 35.71
N SER A 8 -55.97 20.48 34.82
CA SER A 8 -56.33 19.12 35.22
C SER A 8 -55.17 18.45 35.95
N LEU A 9 -55.51 17.48 36.80
CA LEU A 9 -54.49 16.78 37.57
C LEU A 9 -53.60 15.94 36.66
N GLU A 10 -54.13 15.44 35.55
CA GLU A 10 -53.30 14.71 34.61
C GLU A 10 -52.21 15.61 34.03
N SER A 11 -52.57 16.85 33.67
CA SER A 11 -51.59 17.78 33.15
C SER A 11 -50.53 18.13 34.19
N LEU A 12 -50.95 18.35 35.43
CA LEU A 12 -49.98 18.64 36.49
C LEU A 12 -49.06 17.46 36.75
N PHE A 13 -49.61 16.24 36.74
CA PHE A 13 -48.78 15.06 36.92
C PHE A 13 -47.76 14.91 35.79
N THR A 14 -48.18 15.18 34.55
CA THR A 14 -47.26 15.14 33.43
C THR A 14 -46.18 16.22 33.57
N LYS A 15 -46.56 17.42 34.00
CA LYS A 15 -45.61 18.53 34.08
C LYS A 15 -44.59 18.30 35.19
N ASP A 16 -45.03 17.78 36.34
CA ASP A 16 -44.14 17.63 37.49
C ASP A 16 -43.34 16.33 37.46
N SER A 17 -43.57 15.46 36.47
CA SER A 17 -42.87 14.18 36.42
C SER A 17 -41.46 14.36 35.90
N ASP A 18 -40.51 13.65 36.50
CA ASP A 18 -39.11 13.68 36.09
C ASP A 18 -38.69 12.30 35.61
N PRO A 19 -38.63 12.05 34.30
CA PRO A 19 -38.27 10.72 33.83
C PRO A 19 -36.87 10.27 34.24
N THR A 20 -35.93 11.21 34.41
CA THR A 20 -34.59 10.84 34.81
C THR A 20 -34.56 10.20 36.19
N VAL A 21 -35.37 10.75 37.12
CA VAL A 21 -35.47 10.17 38.46
C VAL A 21 -35.99 8.75 38.38
N LEU A 22 -37.01 8.52 37.55
CA LEU A 22 -37.56 7.18 37.40
C LEU A 22 -36.54 6.23 36.81
N ASP A 23 -35.78 6.68 35.80
CA ASP A 23 -34.76 5.81 35.21
C ASP A 23 -33.68 5.45 36.22
N ALA A 24 -33.23 6.44 37.00
CA ALA A 24 -32.21 6.16 38.01
C ALA A 24 -32.73 5.23 39.08
N ALA A 25 -33.98 5.41 39.51
CA ALA A 25 -34.57 4.52 40.50
C ALA A 25 -34.70 3.11 39.95
N GLU A 26 -35.08 2.97 38.68
CA GLU A 26 -35.16 1.65 38.08
C GLU A 26 -33.79 0.98 38.02
N GLN A 27 -32.75 1.75 37.68
CA GLN A 27 -31.41 1.18 37.66
C GLN A 27 -30.97 0.73 39.04
N PHE A 28 -31.23 1.56 40.06
CA PHE A 28 -30.85 1.19 41.42
C PHE A 28 -31.60 -0.05 41.89
N ALA A 29 -32.90 -0.13 41.57
CA ALA A 29 -33.67 -1.32 41.93
C ALA A 29 -33.13 -2.55 41.23
N GLN A 30 -32.83 -2.45 39.93
CA GLN A 30 -32.25 -3.58 39.21
C GLN A 30 -30.93 -3.99 39.83
N TRP A 31 -30.18 -3.04 40.39
CA TRP A 31 -28.95 -3.40 41.11
C TRP A 31 -29.27 -4.16 42.38
N THR A 32 -30.22 -3.66 43.18
CA THR A 32 -30.46 -4.21 44.51
C THR A 32 -31.65 -5.16 44.57
N LEU A 33 -32.85 -4.68 44.26
CA LEU A 33 -34.06 -5.49 44.34
C LEU A 33 -34.97 -5.14 43.17
N PRO A 34 -35.02 -5.98 42.13
CA PRO A 34 -35.88 -5.67 40.98
C PRO A 34 -37.35 -5.54 41.33
N THR A 35 -37.82 -6.27 42.34
CA THR A 35 -39.23 -6.24 42.70
C THR A 35 -39.63 -4.94 43.41
N VAL A 36 -38.67 -4.15 43.89
CA VAL A 36 -39.00 -2.91 44.57
C VAL A 36 -39.65 -1.92 43.61
N LEU A 37 -39.07 -1.77 42.42
CA LEU A 37 -39.60 -0.86 41.41
C LEU A 37 -39.36 -1.46 40.03
N THR A 38 -40.44 -1.81 39.34
CA THR A 38 -40.36 -2.37 38.00
C THR A 38 -40.32 -1.26 36.97
N ARG A 39 -40.46 -1.61 35.69
CA ARG A 39 -40.39 -0.65 34.59
C ARG A 39 -41.75 -0.57 33.90
N ASP A 40 -42.63 0.28 34.45
CA ASP A 40 -43.92 0.60 33.84
C ASP A 40 -44.72 -0.65 33.48
N ILE A 41 -45.09 -1.45 34.48
CA ILE A 41 -45.86 -2.67 34.26
C ILE A 41 -47.36 -2.43 34.30
N SER A 42 -47.79 -1.19 34.06
CA SER A 42 -49.22 -0.88 34.09
C SER A 42 -49.95 -1.48 32.89
N GLY A 43 -49.29 -1.51 31.73
CA GLY A 43 -49.90 -2.00 30.51
C GLY A 43 -49.89 -3.51 30.34
N MET A 44 -49.35 -4.25 31.31
CA MET A 44 -49.27 -5.69 31.22
C MET A 44 -50.55 -6.39 31.69
N ASP A 45 -51.55 -5.62 32.12
CA ASP A 45 -52.83 -6.16 32.58
C ASP A 45 -52.65 -7.17 33.70
N GLY A 46 -51.75 -6.82 34.63
CA GLY A 46 -51.50 -7.65 35.80
C GLY A 46 -50.92 -9.00 35.48
N LYS A 47 -49.94 -9.05 34.59
CA LYS A 47 -49.26 -10.27 34.22
C LYS A 47 -47.83 -10.25 34.74
N ARG A 48 -47.24 -11.43 34.86
CA ARG A 48 -45.89 -11.58 35.41
C ARG A 48 -44.88 -11.06 34.41
N THR A 49 -44.41 -9.84 34.61
CA THR A 49 -43.38 -9.27 33.75
C THR A 49 -42.04 -9.95 33.99
N SER A 50 -41.22 -9.98 32.94
CA SER A 50 -39.90 -10.60 33.02
C SER A 50 -38.90 -9.58 33.57
N LEU A 51 -38.37 -9.86 34.75
CA LEU A 51 -37.42 -8.98 35.42
C LEU A 51 -36.00 -9.45 35.15
N HIS A 52 -35.15 -8.52 34.73
CA HIS A 52 -33.74 -8.84 34.44
C HIS A 52 -32.94 -8.66 35.74
N ARG A 53 -32.85 -9.74 36.51
CA ARG A 53 -32.09 -9.68 37.75
C ARG A 53 -30.60 -9.50 37.45
N ASP A 54 -29.93 -8.75 38.32
CA ASP A 54 -28.52 -8.46 38.13
C ASP A 54 -27.68 -9.71 38.40
N TYR A 55 -26.44 -9.68 37.91
CA TYR A 55 -25.55 -10.83 38.01
C TYR A 55 -25.05 -11.10 39.42
N GLN A 56 -25.27 -10.19 40.36
CA GLN A 56 -24.86 -10.37 41.74
C GLN A 56 -26.04 -10.19 42.67
N SER A 57 -26.11 -11.02 43.72
CA SER A 57 -27.19 -10.96 44.69
C SER A 57 -26.75 -10.36 46.03
N THR A 58 -25.52 -9.84 46.10
CA THR A 58 -25.06 -9.23 47.35
C THR A 58 -25.88 -8.00 47.70
N GLY A 59 -26.21 -7.18 46.70
CA GLY A 59 -26.95 -5.95 46.97
C GLY A 59 -28.30 -6.21 47.60
N ALA A 60 -28.99 -7.28 47.18
CA ALA A 60 -30.28 -7.60 47.74
C ALA A 60 -30.17 -7.92 49.23
N VAL A 61 -29.18 -8.73 49.61
CA VAL A 61 -28.98 -9.07 51.02
C VAL A 61 -28.62 -7.82 51.81
N LEU A 62 -27.73 -6.99 51.27
CA LEU A 62 -27.33 -5.78 51.97
C LEU A 62 -28.52 -4.85 52.21
N VAL A 63 -29.35 -4.66 51.18
CA VAL A 63 -30.49 -3.77 51.31
C VAL A 63 -31.51 -4.33 52.28
N ASN A 64 -31.74 -5.65 52.25
CA ASN A 64 -32.67 -6.26 53.18
C ASN A 64 -32.20 -6.08 54.62
N SER A 65 -30.91 -6.33 54.88
CA SER A 65 -30.38 -6.17 56.22
C SER A 65 -30.47 -4.72 56.68
N ALA A 66 -30.12 -3.78 55.80
CA ALA A 66 -30.20 -2.36 56.14
C ALA A 66 -31.64 -1.95 56.43
N SER A 67 -32.59 -2.44 55.63
CA SER A 67 -33.99 -2.10 55.85
C SER A 67 -34.46 -2.63 57.20
N THR A 68 -34.12 -3.88 57.52
CA THR A 68 -34.54 -4.44 58.80
C THR A 68 -33.93 -3.66 59.96
N LYS A 69 -32.64 -3.35 59.87
CA LYS A 69 -32.00 -2.63 60.97
C LYS A 69 -32.56 -1.22 61.13
N VAL A 70 -32.77 -0.51 60.03
CA VAL A 70 -33.28 0.87 60.12
C VAL A 70 -34.71 0.87 60.65
N THR A 71 -35.55 -0.06 60.18
CA THR A 71 -36.92 -0.13 60.66
C THR A 71 -36.97 -0.48 62.14
N ASN A 72 -36.09 -1.39 62.58
CA ASN A 72 -36.05 -1.72 64.00
C ASN A 72 -35.60 -0.53 64.83
N ALA A 73 -34.61 0.21 64.34
CA ALA A 73 -34.12 1.38 65.08
C ALA A 73 -35.19 2.47 65.16
N LEU A 74 -35.90 2.71 64.06
CA LEU A 74 -36.90 3.77 64.05
C LEU A 74 -38.11 3.40 64.88
N PHE A 75 -38.53 2.13 64.85
CA PHE A 75 -39.71 1.67 65.57
C PHE A 75 -39.31 0.50 66.46
N PRO A 76 -38.70 0.78 67.61
CA PRO A 76 -38.31 -0.29 68.52
C PRO A 76 -39.52 -1.02 69.06
N GLN A 77 -39.36 -2.31 69.29
CA GLN A 77 -40.43 -3.14 69.83
C GLN A 77 -40.41 -3.06 71.35
N GLY A 78 -41.57 -2.81 71.94
CA GLY A 78 -41.67 -2.67 73.38
C GLY A 78 -41.28 -1.33 73.94
N ALA A 79 -40.98 -0.35 73.07
CA ALA A 79 -40.62 0.98 73.51
C ALA A 79 -41.25 1.98 72.56
N PRO A 80 -42.05 2.91 73.07
CA PRO A 80 -42.65 3.93 72.19
C PRO A 80 -41.60 4.84 71.58
N PHE A 81 -41.90 5.34 70.39
CA PHE A 81 -40.93 6.11 69.61
C PHE A 81 -41.03 7.61 69.82
N PHE A 82 -41.91 8.10 70.69
CA PHE A 82 -42.02 9.53 70.94
C PHE A 82 -42.44 9.76 72.37
N ARG A 83 -41.91 10.84 72.96
CA ARG A 83 -42.15 11.17 74.37
C ARG A 83 -42.85 12.52 74.44
N PHE A 84 -43.94 12.59 75.19
CA PHE A 84 -44.53 13.88 75.51
C PHE A 84 -43.65 14.64 76.49
N VAL A 85 -43.41 15.92 76.22
CA VAL A 85 -42.64 16.74 77.14
C VAL A 85 -43.53 17.20 78.29
N ASP A 86 -42.91 17.45 79.44
CA ASP A 86 -43.66 17.88 80.61
C ASP A 86 -44.00 19.36 80.48
N SER A 87 -45.26 19.64 80.13
CA SER A 87 -45.73 21.01 79.97
C SER A 87 -47.11 21.15 80.62
N PRO A 88 -47.37 22.29 81.27
CA PRO A 88 -48.72 22.52 81.82
C PRO A 88 -49.82 22.36 80.80
N ASP A 89 -49.61 22.79 79.57
CA ASP A 89 -50.65 22.68 78.54
C ASP A 89 -50.99 21.22 78.27
N MET A 90 -49.98 20.37 78.18
CA MET A 90 -50.23 18.94 78.04
C MET A 90 -50.90 18.37 79.28
N ALA A 91 -50.49 18.85 80.46
CA ALA A 91 -51.08 18.37 81.70
C ALA A 91 -52.55 18.73 81.81
N ALA A 92 -52.92 19.92 81.34
CA ALA A 92 -54.32 20.32 81.39
C ALA A 92 -55.17 19.55 80.38
N ALA A 93 -54.58 19.17 79.24
CA ALA A 93 -55.33 18.51 78.19
C ALA A 93 -55.44 17.00 78.39
N VAL A 94 -54.45 16.39 79.06
CA VAL A 94 -54.48 14.93 79.24
C VAL A 94 -55.62 14.52 80.18
N ALA A 95 -56.04 15.41 81.08
CA ALA A 95 -57.08 15.05 82.05
C ALA A 95 -58.39 14.72 81.36
N GLU A 96 -58.76 15.48 80.32
CA GLU A 96 -60.02 15.26 79.61
C GLU A 96 -59.83 14.20 78.52
N LEU A 97 -59.39 13.01 78.96
CA LEU A 97 -59.18 11.89 78.05
C LEU A 97 -59.80 10.58 78.53
N GLY A 98 -60.41 10.55 79.72
CA GLY A 98 -61.03 9.33 80.20
C GLY A 98 -60.07 8.28 80.70
N ILE A 99 -58.86 8.66 81.08
CA ILE A 99 -57.86 7.73 81.59
C ILE A 99 -57.59 8.04 83.05
N ASN A 100 -57.66 7.01 83.89
CA ASN A 100 -57.48 7.17 85.32
C ASN A 100 -55.99 7.15 85.67
N GLY A 101 -55.70 7.49 86.91
CA GLY A 101 -54.33 7.53 87.41
C GLY A 101 -53.74 8.91 87.39
N THR A 102 -52.45 8.97 87.73
CA THR A 102 -51.73 10.23 87.76
C THR A 102 -51.42 10.70 86.34
N VAL A 103 -50.93 11.93 86.25
CA VAL A 103 -50.66 12.53 84.94
C VAL A 103 -49.56 11.76 84.22
N GLN A 104 -48.51 11.34 84.93
CA GLN A 104 -47.46 10.54 84.31
C GLN A 104 -48.03 9.21 83.80
N SER A 105 -48.87 8.55 84.58
CA SER A 105 -49.46 7.30 84.15
C SER A 105 -50.36 7.49 82.93
N GLN A 106 -51.15 8.56 82.92
CA GLN A 106 -52.01 8.85 81.78
C GLN A 106 -51.18 9.11 80.53
N GLN A 107 -50.12 9.90 80.64
CA GLN A 107 -49.26 10.17 79.50
C GLN A 107 -48.62 8.89 79.00
N SER A 108 -48.15 8.04 79.91
CA SER A 108 -47.54 6.78 79.49
C SER A 108 -48.56 5.88 78.78
N GLN A 109 -49.79 5.84 79.29
CA GLN A 109 -50.81 5.01 78.65
C GLN A 109 -51.15 5.51 77.25
N ILE A 110 -51.36 6.82 77.09
CA ILE A 110 -51.64 7.38 75.77
C ILE A 110 -50.47 7.13 74.83
N GLU A 111 -49.24 7.34 75.32
CA GLU A 111 -48.06 7.09 74.53
C GLU A 111 -48.00 5.64 74.05
N LEU A 112 -48.16 4.68 74.94
CA LEU A 112 -48.06 3.28 74.57
C LEU A 112 -49.16 2.89 73.60
N SER A 113 -50.38 3.35 73.84
CA SER A 113 -51.48 3.02 72.94
C SER A 113 -51.28 3.61 71.55
N ALA A 114 -50.77 4.85 71.48
CA ALA A 114 -50.49 5.45 70.17
C ALA A 114 -49.35 4.74 69.46
N SER A 115 -48.30 4.36 70.20
CA SER A 115 -47.14 3.74 69.58
C SER A 115 -47.44 2.32 69.12
N SER A 116 -48.28 1.59 69.85
CA SER A 116 -48.58 0.21 69.47
C SER A 116 -49.38 0.11 68.17
N LEU A 117 -49.91 1.23 67.66
CA LEU A 117 -50.68 1.21 66.44
C LEU A 117 -49.85 0.81 65.23
N VAL A 118 -48.53 1.02 65.28
CA VAL A 118 -47.68 0.62 64.15
C VAL A 118 -47.57 -0.90 64.05
N PHE A 119 -47.84 -1.62 65.12
CA PHE A 119 -47.86 -3.08 65.11
C PHE A 119 -49.28 -3.62 65.19
N SER A 120 -50.22 -2.93 64.55
CA SER A 120 -51.64 -3.27 64.68
C SER A 120 -52.22 -3.88 63.41
N ARG A 121 -52.11 -3.20 62.28
CA ARG A 121 -52.72 -3.67 61.03
C ARG A 121 -51.83 -3.25 59.86
N ASP A 122 -50.99 -4.19 59.41
CA ASP A 122 -50.14 -4.05 58.22
C ASP A 122 -49.43 -2.70 58.17
N ASN A 123 -49.12 -2.13 59.32
CA ASN A 123 -48.38 -0.88 59.38
C ASN A 123 -46.88 -1.10 59.43
N TYR A 124 -46.42 -2.18 60.09
CA TYR A 124 -45.01 -2.49 60.10
C TYR A 124 -44.50 -2.84 58.71
N ALA A 125 -45.29 -3.61 57.95
CA ALA A 125 -44.93 -3.89 56.57
C ALA A 125 -44.88 -2.62 55.73
N ALA A 126 -45.80 -1.70 55.98
CA ALA A 126 -45.77 -0.41 55.29
C ALA A 126 -44.51 0.36 55.62
N SER A 127 -44.11 0.37 56.90
CA SER A 127 -42.89 1.06 57.28
C SER A 127 -41.67 0.43 56.63
N LEU A 128 -41.63 -0.91 56.59
CA LEU A 128 -40.50 -1.59 55.96
C LEU A 128 -40.43 -1.28 54.47
N ARG A 129 -41.58 -1.27 53.80
CA ARG A 129 -41.59 -0.93 52.37
C ARG A 129 -41.18 0.51 52.14
N ALA A 130 -41.62 1.43 53.02
CA ALA A 130 -41.21 2.81 52.90
C ALA A 130 -39.71 2.97 53.07
N VAL A 131 -39.13 2.27 54.04
CA VAL A 131 -37.68 2.33 54.24
C VAL A 131 -36.95 1.76 53.03
N LYS A 132 -37.44 0.65 52.49
CA LYS A 132 -36.83 0.05 51.31
C LYS A 132 -36.85 1.03 50.14
N LEU A 133 -38.00 1.66 49.90
CA LEU A 133 -38.09 2.64 48.82
C LEU A 133 -37.16 3.82 49.09
N LEU A 134 -37.10 4.30 50.32
CA LEU A 134 -36.30 5.48 50.64
C LEU A 134 -34.81 5.21 50.43
N MET A 135 -34.34 4.04 50.80
CA MET A 135 -32.92 3.75 50.56
C MET A 135 -32.65 3.43 49.09
N VAL A 136 -33.55 2.70 48.44
CA VAL A 136 -33.32 2.30 47.05
C VAL A 136 -33.74 3.41 46.10
N THR A 137 -35.03 3.73 46.09
CA THR A 137 -35.53 4.75 45.17
C THR A 137 -35.14 6.15 45.62
N GLY A 138 -35.22 6.42 46.91
CA GLY A 138 -34.94 7.74 47.45
C GLY A 138 -36.16 8.57 47.76
N ASN A 139 -37.34 8.17 47.28
CA ASN A 139 -38.56 8.93 47.49
C ASN A 139 -39.68 7.98 47.86
N ALA A 140 -40.54 8.43 48.77
CA ALA A 140 -41.68 7.64 49.21
C ALA A 140 -42.80 8.57 49.64
N LEU A 141 -44.01 8.03 49.66
CA LEU A 141 -45.20 8.79 50.05
C LEU A 141 -46.17 7.85 50.75
N GLU A 142 -46.67 8.26 51.91
CA GLU A 142 -47.63 7.48 52.65
C GLU A 142 -48.90 8.28 52.87
N TYR A 143 -50.03 7.57 52.97
CA TYR A 143 -51.33 8.17 53.23
C TYR A 143 -51.99 7.39 54.36
N PHE A 144 -52.11 8.03 55.52
CA PHE A 144 -52.71 7.39 56.69
C PHE A 144 -54.23 7.55 56.62
N ASP A 145 -54.93 6.47 56.31
CA ASP A 145 -56.38 6.51 56.22
C ASP A 145 -56.96 6.71 57.61
N GLU A 146 -57.76 7.77 57.78
CA GLU A 146 -58.32 8.08 59.10
C GLU A 146 -59.37 7.05 59.51
N GLY A 147 -60.09 6.48 58.56
CA GLY A 147 -61.14 5.54 58.88
C GLY A 147 -60.63 4.22 59.42
N THR A 148 -59.96 3.44 58.57
CA THR A 148 -59.49 2.11 58.98
C THR A 148 -58.26 2.20 59.88
N GLY A 149 -57.37 3.15 59.61
CA GLY A 149 -56.13 3.27 60.34
C GLY A 149 -54.92 2.66 59.70
N ARG A 150 -55.02 2.21 58.45
CA ARG A 150 -53.90 1.61 57.74
C ARG A 150 -53.04 2.69 57.10
N SER A 151 -51.85 2.29 56.66
CA SER A 151 -50.93 3.17 55.95
C SER A 151 -50.56 2.52 54.62
N HIS A 152 -50.66 3.30 53.54
CA HIS A 152 -50.36 2.83 52.20
C HIS A 152 -49.13 3.57 51.68
N ILE A 153 -48.18 2.83 51.13
CA ILE A 153 -46.91 3.37 50.65
C ILE A 153 -46.92 3.39 49.13
N TYR A 154 -46.56 4.52 48.54
CA TYR A 154 -46.52 4.67 47.10
C TYR A 154 -45.11 5.04 46.65
N SER A 155 -44.64 4.39 45.59
CA SER A 155 -43.33 4.69 45.03
C SER A 155 -43.39 5.94 44.18
N VAL A 156 -42.21 6.39 43.74
CA VAL A 156 -42.10 7.63 42.97
C VAL A 156 -42.84 7.52 41.64
N ARG A 157 -43.04 6.30 41.13
CA ARG A 157 -43.75 6.12 39.87
C ARG A 157 -45.22 6.52 39.98
N GLU A 158 -45.79 6.50 41.18
CA GLU A 158 -47.20 6.75 41.37
C GLU A 158 -47.53 8.18 41.80
N TYR A 159 -46.54 8.97 42.19
CA TYR A 159 -46.80 10.33 42.65
C TYR A 159 -45.67 11.26 42.19
N THR A 160 -45.99 12.55 42.16
CA THR A 160 -45.05 13.59 41.81
C THR A 160 -45.13 14.71 42.83
N VAL A 161 -44.01 15.40 43.03
CA VAL A 161 -43.91 16.48 43.99
C VAL A 161 -43.30 17.71 43.31
N ARG A 162 -43.80 18.88 43.68
CA ARG A 162 -43.25 20.16 43.23
C ARG A 162 -42.82 20.95 44.44
N ARG A 163 -41.56 21.41 44.44
CA ARG A 163 -41.00 22.16 45.55
C ARG A 163 -40.58 23.54 45.09
N ASP A 164 -40.61 24.49 46.03
CA ASP A 164 -40.13 25.83 45.76
C ASP A 164 -38.60 25.87 45.83
N GLY A 165 -38.05 27.07 45.72
CA GLY A 165 -36.60 27.21 45.82
C GLY A 165 -36.07 26.85 47.19
N SER A 166 -36.80 27.24 48.25
CA SER A 166 -36.36 26.95 49.61
C SER A 166 -36.33 25.44 49.86
N GLY A 167 -37.34 24.72 49.39
CA GLY A 167 -37.39 23.28 49.59
C GLY A 167 -38.68 22.80 50.23
N ASN A 168 -39.65 23.70 50.37
CA ASN A 168 -40.93 23.33 50.93
C ASN A 168 -41.80 22.63 49.88
N ILE A 169 -42.88 22.04 50.34
CA ILE A 169 -43.81 21.31 49.46
C ILE A 169 -44.85 22.29 48.92
N LEU A 170 -44.99 22.33 47.61
CA LEU A 170 -45.96 23.21 46.95
C LEU A 170 -47.14 22.46 46.35
N ARG A 171 -46.90 21.35 45.65
CA ARG A 171 -47.98 20.59 45.04
C ARG A 171 -47.57 19.14 44.93
N VAL A 172 -48.43 18.24 45.41
CA VAL A 172 -48.22 16.80 45.32
C VAL A 172 -49.41 16.19 44.59
N VAL A 173 -49.13 15.42 43.55
CA VAL A 173 -50.17 14.78 42.74
C VAL A 173 -49.94 13.28 42.79
N LEU A 174 -50.98 12.53 43.13
CA LEU A 174 -50.91 11.08 43.25
C LEU A 174 -51.78 10.43 42.16
N LYS A 175 -51.24 9.42 41.51
CA LYS A 175 -51.92 8.68 40.45
C LYS A 175 -51.98 7.21 40.84
N GLU A 176 -53.19 6.68 41.00
CA GLU A 176 -53.38 5.29 41.36
C GLU A 176 -54.52 4.69 40.54
N ARG A 177 -54.34 3.45 40.12
CA ARG A 177 -55.31 2.73 39.30
C ARG A 177 -56.18 1.86 40.21
N ILE A 178 -57.49 2.11 40.21
CA ILE A 178 -58.42 1.38 41.07
C ILE A 178 -59.58 0.88 40.23
N ALA A 179 -60.27 -0.13 40.76
CA ALA A 179 -61.46 -0.66 40.12
C ALA A 179 -62.61 0.34 40.23
N ALA A 180 -63.57 0.21 39.31
CA ALA A 180 -64.71 1.11 39.27
C ALA A 180 -65.64 0.96 40.46
N MET A 181 -65.52 -0.12 41.24
CA MET A 181 -66.40 -0.31 42.39
C MET A 181 -66.20 0.78 43.44
N ASP A 182 -64.96 1.24 43.62
CA ASP A 182 -64.69 2.25 44.63
C ASP A 182 -65.35 3.59 44.29
N LEU A 183 -65.57 3.86 43.01
CA LEU A 183 -66.20 5.11 42.61
C LEU A 183 -67.65 5.15 43.05
N PRO A 184 -68.18 6.34 43.36
CA PRO A 184 -69.60 6.44 43.72
C PRO A 184 -70.49 6.02 42.56
N GLN A 185 -71.66 5.47 42.90
CA GLN A 185 -72.57 4.96 41.88
C GLN A 185 -73.04 6.06 40.94
N GLU A 186 -73.28 7.26 41.48
CA GLU A 186 -73.75 8.37 40.64
C GLU A 186 -72.71 8.73 39.59
N PHE A 187 -71.43 8.76 39.96
CA PHE A 187 -70.39 9.11 39.01
C PHE A 187 -70.27 8.06 37.90
N ARG A 188 -70.37 6.77 38.25
CA ARG A 188 -70.34 5.73 37.22
C ARG A 188 -71.55 5.83 36.31
N SER A 189 -72.72 6.10 36.88
CA SER A 189 -73.92 6.20 36.06
C SER A 189 -73.84 7.40 35.11
N ALA A 190 -73.26 8.50 35.58
CA ALA A 190 -73.21 9.71 34.76
C ALA A 190 -72.15 9.59 33.66
N HIS A 191 -70.89 9.45 34.05
CA HIS A 191 -69.77 9.53 33.10
C HIS A 191 -69.33 8.15 32.60
N LEU A 192 -68.92 7.27 33.51
CA LEU A 192 -68.35 5.98 33.13
C LEU A 192 -69.44 4.92 33.04
N GLY A 193 -70.32 5.10 32.05
CA GLY A 193 -71.39 4.16 31.83
C GLY A 193 -71.01 2.89 31.11
N GLN A 194 -69.82 2.86 30.51
CA GLN A 194 -69.34 1.69 29.77
C GLN A 194 -68.34 0.87 30.56
N LYS A 195 -68.14 1.17 31.84
CA LYS A 195 -67.19 0.48 32.69
C LYS A 195 -67.92 -0.46 33.63
N ASP A 196 -67.46 -1.71 33.70
CA ASP A 196 -68.08 -2.71 34.57
C ASP A 196 -67.57 -2.53 35.99
N ASP A 197 -67.90 -3.49 36.87
CA ASP A 197 -67.50 -3.39 38.27
C ASP A 197 -65.98 -3.54 38.42
N TYR A 198 -65.38 -4.46 37.66
CA TYR A 198 -63.96 -4.75 37.78
C TYR A 198 -63.11 -3.96 36.79
N ASP A 199 -63.71 -3.01 36.08
CA ASP A 199 -62.96 -2.16 35.17
C ASP A 199 -62.03 -1.26 35.96
N ASP A 200 -60.76 -1.20 35.55
CA ASP A 200 -59.75 -0.46 36.28
C ASP A 200 -59.61 0.94 35.70
N VAL A 201 -59.70 1.95 36.56
CA VAL A 201 -59.64 3.35 36.16
C VAL A 201 -58.67 4.11 37.06
N THR A 202 -58.26 5.28 36.59
CA THR A 202 -57.31 6.11 37.31
C THR A 202 -58.02 7.03 38.30
N LEU A 203 -57.43 7.18 39.48
CA LEU A 203 -57.91 8.08 40.52
C LEU A 203 -56.81 9.06 40.85
N TYR A 204 -56.82 10.21 40.19
CA TYR A 204 -55.83 11.25 40.47
C TYR A 204 -56.18 11.98 41.75
N THR A 205 -55.22 12.02 42.68
CA THR A 205 -55.38 12.76 43.93
C THR A 205 -54.41 13.92 43.93
N GLY A 206 -54.92 15.13 44.17
CA GLY A 206 -54.14 16.35 44.11
C GLY A 206 -54.02 16.99 45.48
N ILE A 207 -52.82 17.49 45.79
CA ILE A 207 -52.55 18.21 47.03
C ILE A 207 -51.92 19.54 46.65
N CYS A 208 -52.55 20.63 47.10
CA CYS A 208 -52.09 21.96 46.76
C CYS A 208 -52.01 22.81 48.01
N LEU A 209 -51.03 23.72 48.04
CA LEU A 209 -50.85 24.62 49.17
C LEU A 209 -51.46 25.98 48.82
N GLU A 210 -52.40 26.43 49.65
CA GLU A 210 -53.07 27.71 49.46
C GLU A 210 -53.48 28.25 50.82
N ASP A 211 -53.00 29.43 51.16
CA ASP A 211 -53.25 30.05 52.46
C ASP A 211 -52.87 29.10 53.59
N ASN A 212 -51.56 28.81 53.63
CA ASN A 212 -50.86 27.94 54.58
C ASN A 212 -51.70 26.74 55.00
N LYS A 213 -52.39 26.13 54.02
CA LYS A 213 -53.13 24.90 54.24
C LYS A 213 -53.01 24.05 52.98
N PHE A 214 -53.22 22.74 53.15
CA PHE A 214 -53.15 21.80 52.05
C PHE A 214 -54.57 21.41 51.64
N LYS A 215 -54.92 21.68 50.39
CA LYS A 215 -56.23 21.35 49.85
C LYS A 215 -56.14 20.05 49.07
N ILE A 216 -56.98 19.08 49.42
CA ILE A 216 -56.95 17.75 48.83
C ILE A 216 -58.25 17.52 48.08
N TYR A 217 -58.15 17.17 46.80
CA TYR A 217 -59.30 16.85 45.98
C TYR A 217 -58.90 15.85 44.92
N GLN A 218 -59.88 15.05 44.48
CA GLN A 218 -59.64 13.98 43.53
C GLN A 218 -60.52 14.17 42.30
N GLU A 219 -59.99 13.79 41.14
CA GLU A 219 -60.73 13.83 39.89
C GLU A 219 -60.56 12.53 39.13
N VAL A 220 -61.64 12.12 38.46
CA VAL A 220 -61.63 10.98 37.55
C VAL A 220 -62.07 11.49 36.18
N GLN A 221 -61.25 11.22 35.17
CA GLN A 221 -61.50 11.70 33.81
C GLN A 221 -61.69 13.22 33.76
N GLN A 222 -60.92 13.93 34.58
CA GLN A 222 -60.95 15.39 34.66
C GLN A 222 -62.28 15.92 35.17
N GLN A 223 -62.97 15.14 36.02
CA GLN A 223 -64.14 15.61 36.74
C GLN A 223 -63.92 15.35 38.22
N GLN A 224 -64.08 16.40 39.04
CA GLN A 224 -63.86 16.27 40.47
C GLN A 224 -64.96 15.44 41.12
N ILE A 225 -64.59 14.64 42.11
CA ILE A 225 -65.52 13.83 42.87
C ILE A 225 -65.48 14.28 44.33
N GLY A 226 -66.66 14.35 44.95
CA GLY A 226 -66.74 14.75 46.33
C GLY A 226 -66.45 16.23 46.52
N ASP A 227 -66.16 16.57 47.78
CA ASP A 227 -65.86 17.93 48.17
C ASP A 227 -64.37 18.06 48.49
N ALA A 228 -63.77 19.14 48.00
CA ALA A 228 -62.34 19.39 48.20
C ALA A 228 -62.09 19.74 49.65
N SER A 229 -61.57 18.78 50.42
CA SER A 229 -61.25 19.02 51.82
C SER A 229 -59.90 19.71 51.94
N THR A 230 -59.70 20.38 53.07
CA THR A 230 -58.47 21.11 53.33
C THR A 230 -57.85 20.65 54.65
N TYR A 231 -56.52 20.58 54.67
CA TYR A 231 -55.78 20.20 55.86
C TYR A 231 -54.61 21.17 56.06
N PRO A 232 -54.24 21.44 57.30
CA PRO A 232 -53.00 22.19 57.54
C PRO A 232 -51.78 21.31 57.29
N ILE A 233 -50.61 21.95 57.29
CA ILE A 233 -49.38 21.24 56.95
C ILE A 233 -49.09 20.14 57.97
N ASP A 234 -49.26 20.44 59.26
CA ASP A 234 -48.94 19.45 60.28
C ASP A 234 -49.95 18.31 60.31
N GLU A 235 -51.18 18.55 59.84
CA GLU A 235 -52.25 17.57 59.91
C GLU A 235 -52.56 16.96 58.54
N CYS A 236 -51.68 17.12 57.58
CA CYS A 236 -51.90 16.53 56.26
C CYS A 236 -51.75 15.03 56.33
N PRO A 237 -52.76 14.25 55.94
CA PRO A 237 -52.62 12.78 56.00
C PRO A 237 -51.51 12.25 55.12
N TYR A 238 -51.23 12.90 54.00
CA TYR A 238 -50.18 12.44 53.09
C TYR A 238 -48.83 12.97 53.56
N THR A 239 -47.85 12.06 53.67
CA THR A 239 -46.52 12.40 54.12
C THR A 239 -45.52 12.09 53.02
N VAL A 240 -44.79 13.09 52.57
CA VAL A 240 -43.74 12.92 51.57
C VAL A 240 -42.42 12.69 52.30
N LEU A 241 -41.67 11.67 51.88
CA LEU A 241 -40.43 11.28 52.53
C LEU A 241 -39.30 11.29 51.52
N VAL A 242 -38.17 11.86 51.92
CA VAL A 242 -36.96 11.89 51.10
C VAL A 242 -35.80 11.39 51.93
N TRP A 243 -34.89 10.65 51.28
CA TRP A 243 -33.72 10.13 51.98
C TRP A 243 -32.62 11.18 52.05
N ASN A 244 -32.14 11.63 50.90
CA ASN A 244 -31.13 12.68 50.81
C ASN A 244 -31.59 13.67 49.76
N LEU A 245 -31.98 14.86 50.19
CA LEU A 245 -32.56 15.87 49.31
C LEU A 245 -31.51 16.94 49.01
N VAL A 246 -31.09 17.01 47.75
CA VAL A 246 -30.22 18.10 47.32
C VAL A 246 -31.01 19.40 47.30
N ASN A 247 -30.42 20.46 47.83
CA ASN A 247 -31.11 21.74 47.90
C ASN A 247 -31.50 22.22 46.52
N GLY A 248 -32.75 22.61 46.36
CA GLY A 248 -33.27 23.03 45.08
C GLY A 248 -33.86 21.93 44.21
N GLU A 249 -33.77 20.68 44.64
CA GLU A 249 -34.28 19.56 43.87
C GLU A 249 -35.58 19.05 44.47
N HIS A 250 -36.55 18.76 43.60
CA HIS A 250 -37.85 18.29 44.07
C HIS A 250 -37.77 16.88 44.65
N TYR A 251 -36.91 16.04 44.09
CA TYR A 251 -36.84 14.63 44.46
C TYR A 251 -35.52 14.35 45.17
N GLY A 252 -35.58 13.50 46.19
CA GLY A 252 -34.41 13.13 46.95
C GLY A 252 -33.57 12.07 46.28
N ARG A 253 -32.44 11.75 46.93
CA ARG A 253 -31.50 10.77 46.43
C ARG A 253 -31.44 9.58 47.37
N GLY A 254 -31.33 8.38 46.81
CA GLY A 254 -31.31 7.18 47.60
C GLY A 254 -29.94 6.85 48.17
N LEU A 255 -29.91 5.78 48.97
CA LEU A 255 -28.66 5.33 49.58
C LEU A 255 -27.70 4.73 48.57
N VAL A 256 -28.20 3.84 47.69
CA VAL A 256 -27.33 3.10 46.80
C VAL A 256 -26.72 4.01 45.74
N GLU A 257 -27.30 5.19 45.53
CA GLU A 257 -26.70 6.14 44.59
C GLU A 257 -25.32 6.57 45.03
N ASP A 258 -25.06 6.58 46.34
CA ASP A 258 -23.74 6.94 46.84
C ASP A 258 -22.67 5.95 46.38
N TYR A 259 -23.03 4.67 46.29
CA TYR A 259 -22.11 3.62 45.93
C TYR A 259 -22.50 2.97 44.60
N ALA A 260 -22.92 3.81 43.64
CA ALA A 260 -23.32 3.29 42.34
C ALA A 260 -22.14 2.67 41.60
N GLY A 261 -20.98 3.33 41.62
CA GLY A 261 -19.83 2.82 40.92
C GLY A 261 -19.34 1.48 41.46
N ASP A 262 -19.34 1.34 42.78
CA ASP A 262 -18.95 0.06 43.38
C ASP A 262 -19.91 -1.05 42.98
N PHE A 263 -21.21 -0.76 42.96
CA PHE A 263 -22.18 -1.76 42.53
C PHE A 263 -21.97 -2.15 41.08
N ALA A 264 -21.68 -1.16 40.22
CA ALA A 264 -21.44 -1.46 38.80
C ALA A 264 -20.19 -2.33 38.64
N ARG A 265 -19.12 -2.00 39.36
CA ARG A 265 -17.91 -2.81 39.30
C ARG A 265 -18.18 -4.23 39.79
N LEU A 266 -18.96 -4.36 40.86
CA LEU A 266 -19.30 -5.68 41.37
C LEU A 266 -20.11 -6.47 40.35
N SER A 267 -21.05 -5.81 39.67
CA SER A 267 -21.84 -6.48 38.66
C SER A 267 -20.98 -6.96 37.50
N VAL A 268 -20.06 -6.11 37.03
CA VAL A 268 -19.18 -6.50 35.93
C VAL A 268 -18.30 -7.67 36.34
N LEU A 269 -17.73 -7.60 37.54
CA LEU A 269 -16.88 -8.69 38.03
C LEU A 269 -17.66 -9.97 38.18
N SER A 270 -18.92 -9.89 38.65
CA SER A 270 -19.73 -11.08 38.81
C SER A 270 -20.07 -11.70 37.46
N GLN A 271 -20.37 -10.87 36.45
CA GLN A 271 -20.61 -11.40 35.11
C GLN A 271 -19.36 -12.09 34.56
N ALA A 272 -18.20 -11.48 34.75
CA ALA A 272 -16.96 -12.10 34.30
C ALA A 272 -16.71 -13.42 35.03
N LEU A 273 -17.00 -13.45 36.33
CA LEU A 273 -16.84 -14.69 37.09
C LEU A 273 -17.79 -15.77 36.59
N THR A 274 -19.03 -15.40 36.26
CA THR A 274 -19.95 -16.37 35.69
C THR A 274 -19.44 -16.92 34.37
N LEU A 275 -18.92 -16.05 33.51
CA LEU A 275 -18.35 -16.51 32.24
C LEU A 275 -17.17 -17.45 32.46
N TYR A 276 -16.31 -17.12 33.42
CA TYR A 276 -15.15 -17.96 33.69
C TYR A 276 -15.57 -19.31 34.27
N GLU A 277 -16.60 -19.32 35.12
CA GLU A 277 -17.11 -20.59 35.63
C GLU A 277 -17.71 -21.44 34.51
N VAL A 278 -18.42 -20.80 33.58
CA VAL A 278 -18.93 -21.53 32.42
C VAL A 278 -17.80 -22.12 31.61
N GLU A 279 -16.73 -21.34 31.40
CA GLU A 279 -15.58 -21.85 30.66
C GLU A 279 -14.92 -23.01 31.39
N ALA A 280 -14.80 -22.93 32.71
CA ALA A 280 -14.17 -24.00 33.48
C ALA A 280 -15.01 -25.27 33.49
N ALA A 281 -16.34 -25.13 33.51
CA ALA A 281 -17.20 -26.30 33.53
C ALA A 281 -17.15 -27.10 32.23
N ARG A 282 -16.58 -26.52 31.16
CA ARG A 282 -16.48 -27.24 29.90
C ARG A 282 -15.53 -28.41 30.03
N LEU A 283 -15.96 -29.58 29.56
CA LEU A 283 -15.16 -30.79 29.62
C LEU A 283 -15.15 -31.47 28.27
N TYR A 284 -13.95 -31.75 27.75
CA TYR A 284 -13.81 -32.52 26.52
C TYR A 284 -12.39 -33.10 26.48
N ASN A 285 -12.26 -34.24 25.83
CA ASN A 285 -10.99 -34.95 25.74
C ASN A 285 -10.39 -34.76 24.36
N ALA A 286 -9.14 -34.30 24.31
CA ALA A 286 -8.44 -34.12 23.06
C ALA A 286 -7.67 -35.39 22.70
N VAL A 287 -7.76 -35.78 21.43
CA VAL A 287 -7.14 -37.01 20.95
C VAL A 287 -6.06 -36.62 19.95
N SER A 288 -4.84 -37.11 20.18
CA SER A 288 -3.72 -36.88 19.28
C SER A 288 -3.55 -38.10 18.39
N ALA A 289 -3.62 -37.89 17.08
CA ALA A 289 -3.49 -39.01 16.14
C ALA A 289 -2.09 -39.59 16.13
N GLY A 290 -1.07 -38.74 16.34
CA GLY A 290 0.30 -39.21 16.31
C GLY A 290 0.69 -40.05 17.51
N ALA A 291 -0.06 -39.93 18.61
CA ALA A 291 0.25 -40.72 19.81
C ALA A 291 0.05 -42.21 19.54
N GLY A 292 -0.98 -42.57 18.79
CA GLY A 292 -1.26 -43.96 18.50
C GLY A 292 -2.20 -44.64 19.46
N ILE A 293 -2.85 -43.88 20.33
CA ILE A 293 -3.78 -44.48 21.29
C ILE A 293 -4.97 -45.09 20.55
N ASP A 294 -5.36 -46.29 20.97
CA ASP A 294 -6.53 -46.95 20.39
C ASP A 294 -7.80 -46.30 20.91
N VAL A 295 -8.27 -45.26 20.21
CA VAL A 295 -9.42 -44.50 20.69
C VAL A 295 -10.67 -45.35 20.71
N ASP A 296 -10.82 -46.26 19.75
CA ASP A 296 -12.02 -47.08 19.67
C ASP A 296 -12.16 -47.99 20.89
N ALA A 297 -11.04 -48.39 21.49
CA ALA A 297 -11.07 -49.19 22.71
C ALA A 297 -10.88 -48.37 23.97
N ALA A 298 -10.22 -47.22 23.86
CA ALA A 298 -10.03 -46.36 25.03
C ALA A 298 -11.33 -45.64 25.40
N GLN A 299 -12.22 -45.42 24.43
CA GLN A 299 -13.46 -44.72 24.73
C GLN A 299 -14.34 -45.52 25.69
N ALA A 300 -14.37 -46.84 25.54
CA ALA A 300 -15.21 -47.65 26.42
C ALA A 300 -14.60 -47.74 27.81
N ALA A 301 -13.41 -48.35 27.92
CA ALA A 301 -12.66 -48.47 29.17
C ALA A 301 -13.53 -48.78 30.38
N GLU A 302 -13.73 -47.77 31.23
CA GLU A 302 -14.60 -47.85 32.40
C GLU A 302 -14.09 -48.87 33.42
N THR A 303 -14.19 -50.16 33.09
CA THR A 303 -13.84 -51.22 34.02
C THR A 303 -12.35 -51.54 34.03
N GLY A 304 -11.52 -50.72 33.41
CA GLY A 304 -10.08 -50.92 33.43
C GLY A 304 -9.60 -52.00 32.48
N ASP A 305 -9.81 -51.78 31.19
CA ASP A 305 -9.35 -52.71 30.16
C ASP A 305 -7.91 -52.41 29.78
N TYR A 306 -7.35 -53.28 28.95
CA TYR A 306 -5.98 -53.13 28.44
C TYR A 306 -6.07 -52.56 27.04
N VAL A 307 -5.78 -51.27 26.90
CA VAL A 307 -5.86 -50.56 25.64
C VAL A 307 -4.46 -50.32 25.10
N GLN A 308 -4.22 -50.71 23.86
CA GLN A 308 -2.91 -50.55 23.26
C GLN A 308 -2.65 -49.09 22.91
N THR A 309 -1.47 -48.60 23.25
CA THR A 309 -1.04 -47.25 22.87
C THR A 309 0.40 -47.31 22.39
N SER A 310 0.77 -46.38 21.51
CA SER A 310 2.12 -46.32 20.97
C SER A 310 2.97 -45.28 21.68
N ALA A 311 2.46 -44.65 22.73
CA ALA A 311 3.21 -43.65 23.46
C ALA A 311 4.27 -44.31 24.34
N ALA A 312 5.22 -43.51 24.82
CA ALA A 312 6.25 -44.02 25.70
C ALA A 312 5.63 -44.45 27.03
N PRO A 313 6.12 -45.54 27.63
CA PRO A 313 5.54 -46.00 28.90
C PRO A 313 5.66 -44.96 29.99
N GLY A 314 4.62 -44.87 30.83
CA GLY A 314 4.60 -43.95 31.93
C GLY A 314 4.10 -42.56 31.60
N THR A 315 3.87 -42.25 30.33
CA THR A 315 3.40 -40.95 29.91
C THR A 315 1.91 -41.02 29.57
N ASN A 316 1.37 -39.93 29.04
CA ASN A 316 -0.02 -39.89 28.65
C ASN A 316 -0.25 -40.81 27.44
N PRO A 317 -1.29 -41.64 27.45
CA PRO A 317 -1.54 -42.52 26.31
C PRO A 317 -1.80 -41.77 25.01
N GLY A 318 -2.42 -40.60 25.07
CA GLY A 318 -2.76 -39.86 23.88
C GLY A 318 -4.11 -39.18 23.99
N ILE A 319 -4.90 -39.61 24.96
CA ILE A 319 -6.19 -39.00 25.26
C ILE A 319 -6.11 -38.41 26.67
N TRP A 320 -6.40 -37.13 26.80
CA TRP A 320 -6.28 -36.46 28.09
C TRP A 320 -7.35 -35.37 28.19
N ALA A 321 -7.89 -35.21 29.39
CA ALA A 321 -8.82 -34.12 29.64
C ALA A 321 -8.13 -32.79 29.45
N VAL A 322 -8.78 -31.88 28.72
CA VAL A 322 -8.17 -30.60 28.38
C VAL A 322 -8.07 -29.74 29.63
N GLU A 323 -6.86 -29.36 30.00
CA GLU A 323 -6.62 -28.49 31.15
C GLU A 323 -6.88 -27.06 30.72
N ASN A 324 -8.12 -26.61 30.88
CA ASN A 324 -8.51 -25.28 30.47
C ASN A 324 -7.78 -24.23 31.31
N GLY A 325 -7.44 -23.11 30.68
CA GLY A 325 -6.72 -22.05 31.34
C GLY A 325 -7.56 -21.14 32.21
N SER A 326 -8.85 -21.39 32.31
CA SER A 326 -9.74 -20.57 33.13
C SER A 326 -9.77 -21.00 34.59
N ASP A 327 -9.02 -22.04 34.97
CA ASP A 327 -8.97 -22.44 36.37
C ASP A 327 -8.38 -21.32 37.22
N ARG A 328 -7.32 -20.68 36.75
CA ARG A 328 -6.79 -19.49 37.39
C ARG A 328 -7.64 -18.30 36.94
N LYS A 329 -7.45 -17.16 37.61
CA LYS A 329 -8.20 -15.91 37.44
C LYS A 329 -9.62 -16.03 38.00
N ILE A 330 -10.04 -17.20 38.45
CA ILE A 330 -11.26 -17.32 39.24
C ILE A 330 -11.00 -16.92 40.68
N MET A 331 -9.85 -17.34 41.23
CA MET A 331 -9.50 -16.96 42.60
C MET A 331 -9.30 -15.45 42.73
N SER A 332 -8.62 -14.84 41.75
CA SER A 332 -8.42 -13.39 41.79
C SER A 332 -9.74 -12.65 41.66
N LEU A 333 -10.61 -13.08 40.76
CA LEU A 333 -11.91 -12.46 40.61
C LEU A 333 -12.73 -12.59 41.89
N GLN A 334 -12.71 -13.78 42.51
CA GLN A 334 -13.44 -13.98 43.75
C GLN A 334 -12.87 -13.11 44.87
N SER A 335 -11.54 -12.96 44.93
CA SER A 335 -10.94 -12.11 45.96
C SER A 335 -11.33 -10.65 45.77
N GLU A 336 -11.30 -10.16 44.53
CA GLU A 336 -11.70 -8.77 44.28
C GLU A 336 -13.18 -8.57 44.59
N ILE A 337 -14.03 -9.53 44.23
CA ILE A 337 -15.45 -9.44 44.55
C ILE A 337 -15.64 -9.44 46.06
N SER A 338 -14.86 -10.24 46.77
CA SER A 338 -14.95 -10.27 48.23
C SER A 338 -14.54 -8.93 48.83
N MET A 339 -13.49 -8.31 48.30
CA MET A 339 -13.10 -6.99 48.79
C MET A 339 -14.19 -5.96 48.56
N ILE A 340 -14.79 -5.96 47.38
CA ILE A 340 -15.87 -5.03 47.07
C ILE A 340 -17.05 -5.26 47.99
N GLU A 341 -17.41 -6.54 48.20
CA GLU A 341 -18.53 -6.87 49.07
C GLU A 341 -18.25 -6.47 50.51
N GLN A 342 -17.01 -6.62 50.97
CA GLN A 342 -16.66 -6.20 52.32
C GLN A 342 -16.80 -4.69 52.47
N LYS A 343 -16.34 -3.94 51.47
CA LYS A 343 -16.49 -2.48 51.53
C LYS A 343 -17.97 -2.09 51.54
N LEU A 344 -18.78 -2.74 50.71
CA LEU A 344 -20.21 -2.43 50.67
C LEU A 344 -20.88 -2.79 51.99
N ALA A 345 -20.52 -3.94 52.58
CA ALA A 345 -21.09 -4.35 53.85
C ALA A 345 -20.71 -3.36 54.95
N ARG A 346 -19.48 -2.86 54.93
CA ARG A 346 -19.09 -1.80 55.84
C ARG A 346 -19.94 -0.56 55.62
N ALA A 347 -20.26 -0.26 54.36
CA ALA A 347 -21.12 0.88 54.06
C ALA A 347 -22.59 0.62 54.37
N PHE A 348 -23.01 -0.65 54.44
CA PHE A 348 -24.40 -1.00 54.70
C PHE A 348 -24.60 -1.62 56.07
N MET A 349 -23.71 -1.31 57.02
CA MET A 349 -23.74 -1.78 58.40
C MET A 349 -24.07 -3.27 58.52
N TYR A 350 -23.62 -4.06 57.55
CA TYR A 350 -23.84 -5.51 57.57
C TYR A 350 -22.94 -6.18 58.60
N ALA A 372 -23.90 1.63 63.32
CA ALA A 372 -25.01 2.07 64.15
C ALA A 372 -25.27 3.56 63.97
N GLN A 373 -26.19 3.88 63.05
CA GLN A 373 -26.64 5.24 62.73
C GLN A 373 -25.48 6.21 62.52
N ASN A 374 -24.29 5.69 62.22
CA ASN A 374 -23.13 6.51 61.88
C ASN A 374 -22.71 6.38 60.43
N SER A 375 -22.86 5.20 59.83
CA SER A 375 -22.67 5.08 58.39
C SER A 375 -23.74 5.85 57.63
N LEU A 376 -24.86 6.14 58.27
CA LEU A 376 -25.92 6.95 57.69
C LEU A 376 -25.74 8.39 58.17
N GLY A 377 -25.79 9.33 57.23
CA GLY A 377 -25.57 10.73 57.57
C GLY A 377 -26.85 11.42 58.00
N ASP A 378 -27.16 12.55 57.35
CA ASP A 378 -28.36 13.30 57.70
C ASP A 378 -29.64 12.55 57.35
N ALA A 379 -29.54 11.50 56.54
CA ALA A 379 -30.74 10.80 56.09
C ALA A 379 -31.50 10.19 57.27
N TYR A 380 -30.78 9.56 58.20
CA TYR A 380 -31.45 9.01 59.38
C TYR A 380 -32.05 10.11 60.24
N SER A 381 -31.35 11.23 60.37
CA SER A 381 -31.87 12.35 61.17
C SER A 381 -33.13 12.92 60.54
N ILE A 382 -33.16 13.02 59.21
CA ILE A 382 -34.37 13.48 58.54
C ILE A 382 -35.52 12.50 58.79
N LEU A 383 -35.23 11.20 58.72
CA LEU A 383 -36.27 10.20 58.94
C LEU A 383 -36.82 10.29 60.35
N SER A 384 -35.95 10.35 61.36
CA SER A 384 -36.42 10.50 62.73
C SER A 384 -36.51 11.95 63.16
N ASP A 385 -37.09 12.79 62.31
CA ASP A 385 -37.53 14.13 62.71
C ASP A 385 -38.87 14.54 62.12
N HIS A 386 -39.28 13.97 60.99
CA HIS A 386 -40.51 14.35 60.31
C HIS A 386 -41.46 13.16 60.18
N TRP A 387 -40.95 11.99 59.78
CA TRP A 387 -41.80 10.82 59.62
C TRP A 387 -42.44 10.41 60.94
N LEU A 388 -41.62 10.24 61.97
CA LEU A 388 -42.14 9.82 63.27
C LEU A 388 -42.94 10.93 63.93
N ARG A 389 -42.58 12.19 63.66
CA ARG A 389 -43.29 13.31 64.28
C ARG A 389 -44.75 13.34 63.87
N LYS A 390 -45.02 13.28 62.56
CA LYS A 390 -46.41 13.31 62.11
C LYS A 390 -47.09 11.97 62.30
N ARG A 391 -46.31 10.87 62.28
CA ARG A 391 -46.87 9.58 62.63
C ARG A 391 -47.38 9.57 64.07
N ALA A 392 -46.65 10.22 64.97
CA ALA A 392 -47.09 10.29 66.36
C ALA A 392 -48.40 11.05 66.49
N TYR A 393 -48.55 12.15 65.74
CA TYR A 393 -49.79 12.92 65.80
C TYR A 393 -50.96 12.11 65.24
N LEU A 394 -50.79 11.54 64.04
CA LEU A 394 -51.87 10.79 63.42
C LEU A 394 -52.28 9.59 64.26
N TYR A 395 -51.30 8.89 64.84
CA TYR A 395 -51.61 7.75 65.68
C TYR A 395 -52.32 8.19 66.95
N THR A 396 -51.91 9.30 67.54
CA THR A 396 -52.52 9.77 68.78
C THR A 396 -53.97 10.20 68.56
N VAL A 397 -54.23 10.96 67.50
CA VAL A 397 -55.59 11.45 67.27
C VAL A 397 -56.51 10.31 66.86
N TYR A 398 -55.98 9.30 66.15
CA TYR A 398 -56.80 8.16 65.79
C TYR A 398 -57.24 7.38 67.02
N GLN A 399 -56.34 7.19 67.98
CA GLN A 399 -56.70 6.48 69.21
C GLN A 399 -57.57 7.34 70.11
N TYR A 400 -57.24 8.62 70.23
CA TYR A 400 -57.97 9.56 71.09
C TYR A 400 -58.37 10.77 70.25
N PRO A 401 -59.57 10.76 69.68
CA PRO A 401 -60.04 11.90 68.87
C PRO A 401 -60.03 13.22 69.63
N PRO A 402 -60.38 13.25 70.93
CA PRO A 402 -60.32 14.55 71.64
C PRO A 402 -58.94 15.17 71.69
N MET A 403 -57.88 14.38 71.54
CA MET A 403 -56.53 14.94 71.60
C MET A 403 -56.26 15.87 70.41
N ARG A 404 -56.98 15.68 69.31
CA ARG A 404 -56.75 16.47 68.10
C ARG A 404 -57.02 17.96 68.34
N ALA A 405 -58.14 18.26 69.01
CA ALA A 405 -58.50 19.65 69.27
C ALA A 405 -57.50 20.30 70.22
N MET A 406 -57.13 19.58 71.29
CA MET A 406 -56.26 20.16 72.30
C MET A 406 -54.82 20.27 71.82
N PHE A 407 -54.46 19.54 70.76
CA PHE A 407 -53.07 19.55 70.32
C PHE A 407 -52.71 20.84 69.60
N THR A 408 -53.40 21.15 68.51
CA THR A 408 -53.08 22.32 67.71
C THR A 408 -54.28 23.26 67.59
N LEU A 409 -55.47 22.69 67.47
CA LEU A 409 -56.67 23.52 67.34
C LEU A 409 -56.90 24.38 68.57
N GLY A 410 -56.70 23.80 69.75
CA GLY A 410 -56.82 24.55 70.99
C GLY A 410 -55.63 25.46 71.23
N ALA A 411 -54.46 24.88 71.39
CA ALA A 411 -53.23 25.64 71.62
C ALA A 411 -52.06 24.80 71.13
N THR A 412 -51.45 25.23 70.02
CA THR A 412 -50.32 24.51 69.42
C THR A 412 -49.08 24.75 70.27
N THR A 413 -49.00 24.04 71.39
CA THR A 413 -47.88 24.17 72.32
C THR A 413 -47.29 22.83 72.74
N ILE A 414 -48.07 21.74 72.73
CA ILE A 414 -47.56 20.44 73.16
C ILE A 414 -46.48 19.98 72.20
N GLN A 415 -45.34 19.56 72.74
CA GLN A 415 -44.20 19.12 71.96
C GLN A 415 -43.90 17.65 72.25
N ILE A 416 -43.28 16.99 71.28
CA ILE A 416 -42.93 15.58 71.40
C ILE A 416 -41.46 15.41 71.02
N LEU A 417 -40.88 14.30 71.46
CA LEU A 417 -39.48 13.98 71.20
C LEU A 417 -39.44 12.62 70.51
N VAL A 418 -39.35 12.63 69.19
CA VAL A 418 -39.39 11.41 68.40
C VAL A 418 -37.97 10.88 68.20
N GLY A 419 -37.89 9.61 67.80
CA GLY A 419 -36.60 9.01 67.48
C GLY A 419 -35.79 8.69 68.72
N THR A 420 -34.47 8.76 68.57
CA THR A 420 -33.57 8.48 69.69
C THR A 420 -33.73 9.49 70.80
N ALA A 421 -34.24 10.69 70.48
CA ALA A 421 -34.51 11.70 71.49
C ALA A 421 -35.57 11.27 72.49
N SER A 422 -36.35 10.23 72.18
CA SER A 422 -37.33 9.74 73.13
C SER A 422 -36.67 9.19 74.38
N LEU A 423 -35.54 8.50 74.23
CA LEU A 423 -34.84 7.95 75.39
C LEU A 423 -34.11 9.07 76.13
N ASN A 424 -34.87 10.05 76.61
CA ASN A 424 -34.28 11.19 77.31
C ASN A 424 -34.43 11.07 78.82
N LYS A 425 -35.66 10.91 79.31
CA LYS A 425 -35.87 10.85 80.75
C LYS A 425 -35.19 9.65 81.38
N ALA A 426 -34.91 8.61 80.60
CA ALA A 426 -34.11 7.49 81.11
C ALA A 426 -32.70 7.95 81.45
N ALA A 427 -32.13 8.87 80.66
CA ALA A 427 -30.83 9.41 80.98
C ALA A 427 -30.85 10.16 82.30
N GLN A 428 -31.91 10.93 82.55
CA GLN A 428 -32.03 11.62 83.83
C GLN A 428 -32.25 10.65 84.98
N ALA A 429 -32.95 9.54 84.75
CA ALA A 429 -33.08 8.52 85.79
C ALA A 429 -31.73 7.92 86.12
N ASP A 430 -30.92 7.62 85.11
CA ASP A 430 -29.58 7.10 85.34
C ASP A 430 -28.71 8.12 86.06
N ARG A 431 -28.84 9.40 85.69
CA ARG A 431 -28.08 10.45 86.37
C ARG A 431 -28.49 10.57 87.83
N LEU A 432 -29.79 10.44 88.11
CA LEU A 432 -30.25 10.45 89.49
C LEU A 432 -29.69 9.26 90.26
N LEU A 433 -29.63 8.09 89.61
CA LEU A 433 -29.04 6.93 90.27
C LEU A 433 -27.57 7.15 90.59
N GLU A 434 -26.83 7.73 89.65
CA GLU A 434 -25.42 8.03 89.90
C GLU A 434 -25.25 9.05 91.03
N ALA A 435 -26.11 10.07 91.05
CA ALA A 435 -26.07 11.05 92.12
C ALA A 435 -26.38 10.41 93.47
N SER A 436 -27.34 9.49 93.50
CA SER A 436 -27.67 8.78 94.73
C SER A 436 -26.49 7.93 95.20
N GLN A 437 -25.80 7.27 94.27
CA GLN A 437 -24.62 6.50 94.64
C GLN A 437 -23.54 7.41 95.23
N SER A 438 -23.31 8.57 94.60
CA SER A 438 -22.33 9.51 95.13
C SER A 438 -22.74 10.03 96.50
N ILE A 439 -24.04 10.28 96.70
CA ILE A 439 -24.51 10.73 98.01
C ILE A 439 -24.26 9.66 99.06
N GLN A 440 -24.59 8.41 98.74
CA GLN A 440 -24.36 7.31 99.68
C GLN A 440 -22.88 7.16 100.00
N LEU A 441 -22.01 7.43 99.03
CA LEU A 441 -20.57 7.34 99.27
C LEU A 441 -20.02 8.51 100.08
N VAL A 442 -20.60 9.71 99.93
CA VAL A 442 -19.98 10.92 100.48
C VAL A 442 -20.63 11.33 101.80
N LEU A 443 -21.95 11.47 101.81
CA LEU A 443 -22.64 12.12 102.93
C LEU A 443 -22.36 11.47 104.29
N PRO A 444 -22.40 10.14 104.45
CA PRO A 444 -22.14 9.59 105.79
C PRO A 444 -20.77 9.95 106.34
N VAL A 445 -19.75 10.02 105.47
CA VAL A 445 -18.40 10.33 105.93
C VAL A 445 -18.34 11.76 106.48
N LEU A 446 -18.88 12.71 105.72
CA LEU A 446 -18.89 14.10 106.18
C LEU A 446 -19.79 14.29 107.38
N GLN A 447 -20.84 13.47 107.51
CA GLN A 447 -21.73 13.55 108.66
C GLN A 447 -21.01 13.08 109.92
N GLY A 448 -20.31 11.94 109.83
CA GLY A 448 -19.62 11.42 111.00
C GLY A 448 -18.35 12.17 111.33
N ALA A 449 -17.77 12.86 110.35
CA ALA A 449 -16.53 13.59 110.60
C ALA A 449 -16.75 14.72 111.58
N THR A 450 -17.80 15.51 111.37
CA THR A 450 -18.09 16.65 112.24
C THR A 450 -19.55 17.05 112.06
N LYS A 451 -20.04 17.83 113.01
CA LYS A 451 -21.38 18.40 112.94
C LYS A 451 -21.43 19.72 112.19
N ARG A 452 -20.27 20.22 111.75
CA ARG A 452 -20.23 21.48 111.01
C ARG A 452 -20.83 21.33 109.62
N THR A 453 -20.82 20.11 109.08
CA THR A 453 -21.34 19.88 107.73
C THR A 453 -22.86 19.97 107.72
N ASN A 454 -23.40 20.52 106.63
CA ASN A 454 -24.84 20.61 106.44
C ASN A 454 -25.29 19.53 105.47
N PRO A 455 -26.04 18.51 105.90
CA PRO A 455 -26.46 17.46 104.96
C PRO A 455 -27.26 17.98 103.79
N ASP A 456 -28.14 18.97 104.04
CA ASP A 456 -28.93 19.55 102.96
C ASP A 456 -28.03 20.22 101.93
N ALA A 457 -27.02 20.97 102.39
CA ALA A 457 -26.09 21.59 101.48
C ALA A 457 -25.32 20.54 100.67
N VAL A 458 -24.91 19.45 101.32
CA VAL A 458 -24.16 18.41 100.62
C VAL A 458 -25.00 17.78 99.53
N VAL A 459 -26.25 17.40 99.86
CA VAL A 459 -27.09 16.74 98.85
C VAL A 459 -27.44 17.71 97.74
N ASP A 460 -27.69 18.98 98.08
CA ASP A 460 -27.96 19.97 97.04
C ASP A 460 -26.77 20.15 96.12
N PHE A 461 -25.57 20.18 96.70
CA PHE A 461 -24.36 20.31 95.89
C PHE A 461 -24.17 19.12 94.96
N ILE A 462 -24.41 17.91 95.46
CA ILE A 462 -24.27 16.72 94.63
C ILE A 462 -25.28 16.75 93.48
N LEU A 463 -26.53 17.08 93.80
CA LEU A 463 -27.55 17.11 92.75
C LEU A 463 -27.26 18.19 91.72
N ASP A 464 -26.79 19.37 92.16
CA ASP A 464 -26.43 20.42 91.22
C ASP A 464 -25.26 20.00 90.35
N ALA A 465 -24.27 19.32 90.95
CA ALA A 465 -23.13 18.84 90.17
C ALA A 465 -23.56 17.84 89.12
N PHE A 466 -24.48 16.94 89.46
CA PHE A 466 -25.00 15.96 88.52
C PHE A 466 -26.17 16.50 87.71
N GLY A 467 -26.60 17.73 87.96
CA GLY A 467 -27.66 18.34 87.17
C GLY A 467 -28.98 17.64 87.29
N VAL A 468 -29.38 17.31 88.51
CA VAL A 468 -30.65 16.63 88.79
C VAL A 468 -31.63 17.66 89.32
N VAL A 469 -32.82 17.69 88.75
CA VAL A 469 -33.86 18.62 89.19
C VAL A 469 -34.44 18.12 90.51
N SER A 470 -34.01 18.73 91.62
CA SER A 470 -34.44 18.28 92.93
C SER A 470 -35.89 18.64 93.22
N SER A 471 -36.44 19.65 92.56
CA SER A 471 -37.83 20.05 92.83
C SER A 471 -38.83 19.00 92.40
N LYS A 472 -38.46 18.12 91.47
CA LYS A 472 -39.37 17.07 91.01
C LYS A 472 -39.38 15.84 91.90
N LEU A 473 -38.52 15.79 92.92
CA LEU A 473 -38.45 14.62 93.78
C LEU A 473 -38.29 14.98 95.25
N MET A 474 -38.44 16.25 95.64
CA MET A 474 -38.30 16.66 97.03
C MET A 474 -39.48 17.52 97.43
N TYR A 475 -39.82 17.45 98.71
CA TYR A 475 -40.91 18.26 99.23
C TYR A 475 -40.54 19.74 99.20
N THR A 476 -41.51 20.57 98.82
CA THR A 476 -41.28 22.01 98.84
C THR A 476 -41.49 22.56 100.25
N GLU A 477 -41.19 23.85 100.40
CA GLU A 477 -41.30 24.47 101.71
C GLU A 477 -42.74 24.54 102.18
N GLU A 478 -43.69 24.69 101.25
CA GLU A 478 -45.08 24.86 101.62
C GLU A 478 -45.62 23.61 102.33
N GLN A 479 -45.47 22.44 101.70
CA GLN A 479 -45.98 21.22 102.32
C GLN A 479 -45.09 20.73 103.45
N LEU A 480 -43.80 21.06 103.43
CA LEU A 480 -42.94 20.71 104.55
C LEU A 480 -43.38 21.45 105.83
N LYS A 481 -43.78 22.71 105.69
CA LYS A 481 -44.35 23.43 106.82
C LYS A 481 -45.71 22.86 107.19
N GLN A 482 -46.49 22.41 106.21
CA GLN A 482 -47.77 21.78 106.50
C GLN A 482 -47.60 20.50 107.30
N ILE A 483 -46.60 19.69 106.95
CA ILE A 483 -46.30 18.49 107.72
C ILE A 483 -45.54 18.79 109.00
N GLN A 484 -45.00 20.01 109.13
CA GLN A 484 -44.35 20.42 110.35
C GLN A 484 -45.34 20.79 111.46
N ASP A 485 -46.56 21.17 111.09
CA ASP A 485 -47.59 21.52 112.08
C ASP A 485 -48.55 20.36 112.30
N GLN A 486 -49.17 19.87 111.23
CA GLN A 486 -50.10 18.75 111.35
C GLN A 486 -49.40 17.48 111.83
N GLN A 487 -48.20 17.21 111.32
CA GLN A 487 -47.36 16.07 111.68
C GLN A 487 -48.15 14.78 111.93
N ARG B 2 -7.95 -15.82 -12.06
CA ARG B 2 -7.21 -16.05 -10.82
C ARG B 2 -6.45 -17.37 -10.88
N LEU B 3 -7.01 -18.34 -11.61
CA LEU B 3 -6.34 -19.63 -11.76
C LEU B 3 -5.00 -19.48 -12.46
N THR B 4 -4.96 -18.68 -13.52
CA THR B 4 -3.69 -18.42 -14.19
C THR B 4 -2.71 -17.72 -13.26
N ASP B 5 -3.21 -16.88 -12.34
CA ASP B 5 -2.32 -16.25 -11.38
C ASP B 5 -1.65 -17.28 -10.48
N ALA B 6 -2.41 -18.27 -10.01
CA ALA B 6 -1.82 -19.30 -9.16
C ALA B 6 -0.88 -20.20 -9.95
N VAL B 7 -1.22 -20.50 -11.20
CA VAL B 7 -0.30 -21.26 -12.04
C VAL B 7 1.00 -20.50 -12.21
N ASN B 8 0.92 -19.19 -12.38
CA ASN B 8 2.12 -18.36 -12.45
C ASN B 8 2.88 -18.34 -11.14
N VAL B 9 2.16 -18.39 -10.01
CA VAL B 9 2.83 -18.50 -8.71
C VAL B 9 3.67 -19.77 -8.67
N THR B 10 3.08 -20.89 -9.08
CA THR B 10 3.81 -22.15 -9.08
C THR B 10 4.99 -22.10 -10.04
N LEU B 11 4.81 -21.47 -11.21
CA LEU B 11 5.90 -21.35 -12.15
C LEU B 11 7.04 -20.49 -11.59
N GLU B 12 6.70 -19.40 -10.90
CA GLU B 12 7.71 -18.57 -10.28
C GLU B 12 8.47 -19.33 -9.20
N ALA B 13 7.75 -20.16 -8.43
CA ALA B 13 8.41 -20.98 -7.41
C ALA B 13 9.47 -21.88 -8.03
N LEU B 14 9.25 -22.34 -9.26
CA LEU B 14 10.23 -23.16 -9.97
C LEU B 14 11.28 -22.34 -10.68
N GLY B 15 11.16 -21.01 -10.69
CA GLY B 15 12.11 -20.16 -11.37
C GLY B 15 11.90 -20.00 -12.85
N GLU B 16 10.83 -20.57 -13.40
CA GLU B 16 10.55 -20.47 -14.82
C GLU B 16 9.76 -19.20 -15.12
N SER B 17 9.72 -18.84 -16.40
CA SER B 17 9.01 -17.65 -16.83
C SER B 17 7.51 -17.89 -16.77
N ARG B 18 6.78 -16.95 -16.18
CA ARG B 18 5.34 -17.08 -16.03
C ARG B 18 4.62 -16.88 -17.36
N ILE B 19 3.43 -17.46 -17.47
CA ILE B 19 2.67 -17.43 -18.72
C ILE B 19 1.52 -16.45 -18.60
N VAL B 20 0.90 -16.12 -19.73
CA VAL B 20 -0.25 -15.23 -19.76
C VAL B 20 -1.44 -15.96 -20.38
N ASP B 21 -1.20 -16.71 -21.45
CA ASP B 21 -2.29 -17.40 -22.14
C ASP B 21 -2.75 -18.56 -21.27
N ILE B 22 -4.05 -18.85 -21.35
CA ILE B 22 -4.67 -19.84 -20.45
C ILE B 22 -4.51 -21.24 -21.02
N ASN B 23 -3.70 -22.06 -20.34
CA ASN B 23 -3.60 -23.50 -20.61
C ASN B 23 -3.23 -23.78 -22.06
N THR B 24 -2.34 -22.96 -22.61
CA THR B 24 -1.83 -23.16 -23.97
C THR B 24 -0.31 -22.93 -23.94
N SER B 25 0.35 -23.57 -22.98
CA SER B 25 1.78 -23.41 -22.78
C SER B 25 2.48 -24.76 -22.92
N ASN B 26 3.62 -24.75 -23.62
CA ASN B 26 4.47 -25.92 -23.77
C ASN B 26 5.05 -26.45 -22.47
N PRO B 27 5.58 -25.61 -21.56
CA PRO B 27 6.23 -26.17 -20.37
C PRO B 27 5.23 -26.91 -19.47
N SER B 28 5.76 -27.82 -18.66
CA SER B 28 4.93 -28.68 -17.82
C SER B 28 4.36 -27.86 -16.66
N ALA B 29 3.39 -27.01 -16.99
CA ALA B 29 2.58 -26.31 -16.01
C ALA B 29 1.31 -27.07 -15.67
N GLY B 30 1.03 -28.18 -16.36
CA GLY B 30 -0.12 -28.99 -16.03
C GLY B 30 -0.01 -29.64 -14.67
N LEU B 31 1.21 -29.99 -14.26
CA LEU B 31 1.42 -30.50 -12.91
C LEU B 31 0.98 -29.48 -11.88
N ALA B 32 1.21 -28.19 -12.15
CA ALA B 32 0.75 -27.15 -11.24
C ALA B 32 -0.76 -27.17 -11.10
N ARG B 33 -1.49 -27.30 -12.21
CA ARG B 33 -2.95 -27.35 -12.15
C ARG B 33 -3.43 -28.58 -11.42
N ALA B 34 -2.84 -29.74 -11.70
CA ALA B 34 -3.26 -30.97 -11.03
C ALA B 34 -3.02 -30.89 -9.53
N ALA B 35 -1.84 -30.42 -9.13
CA ALA B 35 -1.54 -30.28 -7.71
C ALA B 35 -2.45 -29.26 -7.06
N LEU B 36 -2.77 -28.17 -7.77
CA LEU B 36 -3.68 -27.17 -7.22
C LEU B 36 -5.06 -27.76 -6.98
N ASP B 37 -5.57 -28.53 -7.94
CA ASP B 37 -6.88 -29.14 -7.75
C ASP B 37 -6.88 -30.13 -6.60
N ARG B 38 -5.84 -30.98 -6.53
CA ARG B 38 -5.76 -31.96 -5.46
C ARG B 38 -5.67 -31.29 -4.10
N THR B 39 -4.83 -30.26 -3.98
CA THR B 39 -4.66 -29.55 -2.72
C THR B 39 -5.95 -28.83 -2.34
N ARG B 40 -6.63 -28.22 -3.30
CA ARG B 40 -7.88 -27.53 -3.00
C ARG B 40 -8.93 -28.51 -2.48
N ARG B 41 -9.06 -29.67 -3.13
CA ARG B 41 -10.02 -30.66 -2.65
C ARG B 41 -9.66 -31.14 -1.25
N GLY B 42 -8.37 -31.43 -1.03
CA GLY B 42 -7.95 -31.92 0.29
C GLY B 42 -8.19 -30.90 1.39
N VAL B 43 -7.90 -29.63 1.10
CA VAL B 43 -8.07 -28.58 2.11
C VAL B 43 -9.55 -28.33 2.38
N LEU B 44 -10.35 -28.25 1.32
CA LEU B 44 -11.78 -28.01 1.48
C LEU B 44 -12.53 -29.23 2.00
N SER B 45 -11.88 -30.40 2.07
CA SER B 45 -12.56 -31.59 2.58
C SER B 45 -13.09 -31.36 3.99
N THR B 46 -12.29 -30.76 4.86
CA THR B 46 -12.76 -30.43 6.19
C THR B 46 -13.76 -29.28 6.12
N GLY B 47 -14.65 -29.23 7.10
CA GLY B 47 -15.71 -28.23 7.10
C GLY B 47 -15.14 -26.83 7.33
N TRP B 48 -15.51 -25.90 6.46
CA TRP B 48 -15.17 -24.50 6.60
C TRP B 48 -16.47 -23.69 6.70
N TRP B 49 -16.32 -22.36 6.77
CA TRP B 49 -17.49 -21.51 6.98
C TRP B 49 -18.40 -21.40 5.77
N PHE B 50 -17.95 -21.84 4.60
CA PHE B 50 -18.80 -21.89 3.41
C PHE B 50 -19.04 -23.36 3.08
N ASN B 51 -20.06 -23.93 3.72
CA ASN B 51 -20.52 -25.29 3.45
C ASN B 51 -22.02 -25.34 3.68
N THR B 52 -22.72 -26.10 2.86
CA THR B 52 -24.18 -26.09 2.86
C THR B 52 -24.73 -27.08 3.88
N ILE B 53 -26.06 -27.06 4.03
CA ILE B 53 -26.76 -27.98 4.92
C ILE B 53 -28.05 -28.42 4.25
N ILE B 54 -28.36 -29.71 4.38
CA ILE B 54 -29.63 -30.27 3.91
C ILE B 54 -30.50 -30.46 5.15
N ARG B 55 -31.31 -29.45 5.47
CA ARG B 55 -32.05 -29.45 6.71
C ARG B 55 -33.03 -30.62 6.79
N GLU B 56 -33.73 -30.89 5.70
CA GLU B 56 -34.71 -31.98 5.68
C GLU B 56 -34.95 -32.40 4.24
N VAL B 57 -34.72 -33.68 3.96
CA VAL B 57 -35.00 -34.26 2.64
C VAL B 57 -35.85 -35.50 2.89
N THR B 58 -37.15 -35.38 2.72
CA THR B 58 -38.06 -36.50 2.92
C THR B 58 -38.09 -37.35 1.65
N PRO B 59 -37.71 -38.62 1.71
CA PRO B 59 -37.66 -39.44 0.49
C PRO B 59 -39.02 -39.94 0.07
N THR B 60 -39.17 -40.08 -1.24
CA THR B 60 -40.38 -40.69 -1.80
C THR B 60 -40.35 -42.19 -1.58
N PRO B 61 -41.41 -42.79 -1.05
CA PRO B 61 -41.36 -44.23 -0.72
C PRO B 61 -41.12 -45.15 -1.92
N ASN B 62 -41.45 -44.71 -3.15
CA ASN B 62 -41.33 -45.63 -4.28
C ASN B 62 -39.86 -45.89 -4.64
N PRO B 63 -39.04 -44.88 -4.97
CA PRO B 63 -37.62 -45.19 -5.20
C PRO B 63 -36.85 -45.46 -3.92
N GLY B 64 -37.07 -44.64 -2.88
CA GLY B 64 -36.42 -44.80 -1.61
C GLY B 64 -35.07 -44.16 -1.48
N GLN B 65 -34.50 -43.63 -2.55
CA GLN B 65 -33.17 -43.06 -2.53
C GLN B 65 -33.22 -41.55 -2.44
N ILE B 66 -32.16 -40.96 -1.88
CA ILE B 66 -32.09 -39.53 -1.62
C ILE B 66 -30.89 -38.97 -2.38
N LYS B 67 -31.13 -37.96 -3.21
CA LYS B 67 -30.06 -37.34 -3.98
C LYS B 67 -29.23 -36.41 -3.09
N VAL B 68 -27.94 -36.34 -3.41
CA VAL B 68 -27.01 -35.49 -2.68
C VAL B 68 -26.37 -34.55 -3.70
N PRO B 69 -25.85 -33.41 -3.26
CA PRO B 69 -25.19 -32.49 -4.19
C PRO B 69 -24.01 -33.16 -4.88
N TRP B 70 -23.85 -32.84 -6.17
CA TRP B 70 -22.80 -33.47 -6.97
C TRP B 70 -21.42 -33.06 -6.49
N ASN B 71 -21.24 -31.78 -6.13
CA ASN B 71 -19.94 -31.25 -5.76
C ASN B 71 -19.63 -31.45 -4.28
N GLN B 72 -20.30 -32.40 -3.63
CA GLN B 72 -20.05 -32.64 -2.22
C GLN B 72 -18.66 -33.24 -2.00
N LEU B 73 -18.10 -32.98 -0.82
CA LEU B 73 -16.81 -33.54 -0.42
C LEU B 73 -16.92 -34.41 0.81
N SER B 74 -17.57 -33.93 1.86
CA SER B 74 -17.77 -34.70 3.08
C SER B 74 -19.18 -34.44 3.61
N MET B 75 -19.75 -35.45 4.26
CA MET B 75 -21.09 -35.36 4.81
C MET B 75 -21.09 -35.85 6.25
N TYR B 76 -21.77 -35.09 7.10
CA TYR B 76 -21.93 -35.44 8.51
C TYR B 76 -23.41 -35.38 8.85
N GLY B 77 -23.95 -36.48 9.38
CA GLY B 77 -25.33 -36.48 9.82
C GLY B 77 -25.48 -35.64 11.09
N LEU B 78 -26.51 -34.79 11.11
CA LEU B 78 -26.77 -33.98 12.30
C LEU B 78 -27.13 -34.89 13.49
N ASP B 79 -27.90 -35.94 13.24
CA ASP B 79 -28.20 -36.93 14.26
C ASP B 79 -27.06 -37.94 14.31
N GLY B 80 -27.26 -39.04 15.04
CA GLY B 80 -26.23 -40.04 15.19
C GLY B 80 -26.25 -41.10 14.11
N THR B 81 -26.01 -40.71 12.87
CA THR B 81 -25.96 -41.66 11.76
C THR B 81 -24.77 -41.33 10.87
N LYS B 82 -24.08 -42.37 10.41
CA LYS B 82 -22.98 -42.21 9.47
C LYS B 82 -23.51 -42.22 8.05
N TYR B 83 -23.09 -41.24 7.26
CA TYR B 83 -23.58 -41.07 5.90
C TYR B 83 -22.42 -40.95 4.93
N GLY B 84 -22.68 -41.31 3.68
CA GLY B 84 -21.68 -41.24 2.63
C GLY B 84 -22.37 -41.29 1.28
N GLU B 85 -21.56 -41.22 0.23
CA GLU B 85 -22.06 -41.20 -1.14
C GLU B 85 -21.78 -42.54 -1.82
N ARG B 86 -22.78 -43.04 -2.54
CA ARG B 86 -22.62 -44.21 -3.40
C ARG B 86 -23.51 -44.00 -4.62
N ASP B 87 -22.89 -43.94 -5.80
CA ASP B 87 -23.62 -43.71 -7.05
C ASP B 87 -24.42 -42.41 -7.00
N GLY B 88 -23.85 -41.40 -6.35
CA GLY B 88 -24.45 -40.08 -6.34
C GLY B 88 -25.63 -39.89 -5.41
N VAL B 89 -25.95 -40.88 -4.57
CA VAL B 89 -27.08 -40.79 -3.65
C VAL B 89 -26.58 -41.05 -2.24
N LEU B 90 -27.44 -40.75 -1.27
CA LEU B 90 -27.11 -40.94 0.13
C LEU B 90 -26.96 -42.42 0.45
N TYR B 91 -26.02 -42.74 1.34
CA TYR B 91 -25.68 -44.11 1.68
C TYR B 91 -25.49 -44.24 3.18
N ASN B 92 -25.99 -45.35 3.74
CA ASN B 92 -25.87 -45.63 5.17
C ASN B 92 -24.67 -46.55 5.37
N LEU B 93 -23.61 -46.02 5.99
CA LEU B 93 -22.40 -46.80 6.18
C LEU B 93 -22.62 -47.95 7.15
N VAL B 94 -23.26 -47.68 8.28
CA VAL B 94 -23.41 -48.72 9.31
C VAL B 94 -24.46 -49.75 8.91
N ASP B 95 -25.43 -49.37 8.05
CA ASP B 95 -26.47 -50.29 7.63
C ASP B 95 -26.22 -50.88 6.24
N GLN B 96 -25.29 -50.32 5.47
CA GLN B 96 -24.97 -50.81 4.14
C GLN B 96 -26.20 -50.86 3.24
N THR B 97 -27.02 -49.81 3.31
CA THR B 97 -28.23 -49.72 2.52
C THR B 97 -28.31 -48.34 1.89
N LYS B 98 -29.05 -48.27 0.77
CA LYS B 98 -29.20 -47.03 0.01
C LYS B 98 -30.60 -46.44 0.12
N VAL B 99 -31.52 -47.12 0.79
CA VAL B 99 -32.90 -46.67 0.88
C VAL B 99 -33.14 -46.02 2.24
N PHE B 100 -34.07 -45.08 2.27
CA PHE B 100 -34.43 -44.37 3.49
C PHE B 100 -35.93 -44.20 3.55
N SER B 101 -36.49 -44.30 4.76
CA SER B 101 -37.92 -44.18 4.97
C SER B 101 -38.33 -42.92 5.71
N ASP B 102 -37.41 -42.25 6.38
CA ASP B 102 -37.70 -41.05 7.15
C ASP B 102 -36.80 -39.91 6.68
N THR B 103 -37.05 -38.72 7.23
CA THR B 103 -36.26 -37.55 6.89
C THR B 103 -34.84 -37.69 7.42
N VAL B 104 -33.91 -37.00 6.77
CA VAL B 104 -32.51 -36.99 7.16
C VAL B 104 -32.05 -35.55 7.30
N HIS B 105 -31.41 -35.24 8.42
CA HIS B 105 -30.78 -33.94 8.64
C HIS B 105 -29.27 -34.17 8.62
N LEU B 106 -28.62 -33.68 7.57
CA LEU B 106 -27.19 -33.92 7.37
C LEU B 106 -26.49 -32.61 7.02
N LYS B 107 -25.24 -32.51 7.45
CA LYS B 107 -24.36 -31.40 7.10
C LYS B 107 -23.38 -31.88 6.04
N VAL B 108 -23.34 -31.18 4.92
CA VAL B 108 -22.56 -31.60 3.76
C VAL B 108 -21.57 -30.50 3.39
N VAL B 109 -20.34 -30.90 3.07
CA VAL B 109 -19.30 -29.98 2.66
C VAL B 109 -19.14 -30.10 1.15
N ILE B 110 -19.23 -28.97 0.47
CA ILE B 110 -19.21 -28.94 -0.98
C ILE B 110 -17.85 -28.45 -1.46
N ASP B 111 -17.60 -28.60 -2.76
CA ASP B 111 -16.35 -28.16 -3.38
C ASP B 111 -16.60 -26.83 -4.09
N ILE B 112 -15.57 -25.99 -4.11
CA ILE B 112 -15.66 -24.64 -4.65
C ILE B 112 -14.61 -24.47 -5.75
N ASP B 113 -15.01 -23.85 -6.85
CA ASP B 113 -14.08 -23.58 -7.93
C ASP B 113 -13.00 -22.61 -7.47
N PHE B 114 -11.82 -22.69 -8.11
CA PHE B 114 -10.69 -21.89 -7.67
C PHE B 114 -10.84 -20.41 -8.00
N GLU B 115 -11.85 -20.01 -8.76
CA GLU B 115 -12.13 -18.60 -8.99
C GLU B 115 -13.30 -18.10 -8.15
N ASP B 116 -13.75 -18.89 -7.17
CA ASP B 116 -14.96 -18.57 -6.42
C ASP B 116 -14.79 -18.76 -4.92
N LEU B 117 -13.57 -18.66 -4.39
CA LEU B 117 -13.29 -18.90 -3.00
C LEU B 117 -12.54 -17.71 -2.43
N PRO B 118 -12.55 -17.53 -1.10
CA PRO B 118 -11.93 -16.34 -0.51
C PRO B 118 -10.45 -16.23 -0.83
N GLU B 119 -9.96 -14.99 -0.76
CA GLU B 119 -8.59 -14.70 -1.20
C GLU B 119 -7.56 -15.44 -0.35
N HIS B 120 -7.75 -15.48 0.96
CA HIS B 120 -6.77 -16.13 1.83
C HIS B 120 -6.69 -17.62 1.55
N MET B 121 -7.83 -18.29 1.41
CA MET B 121 -7.81 -19.72 1.13
C MET B 121 -7.22 -20.00 -0.24
N ALA B 122 -7.52 -19.16 -1.23
CA ALA B 122 -6.95 -19.32 -2.56
C ALA B 122 -5.43 -19.18 -2.52
N MET B 123 -4.93 -18.18 -1.80
CA MET B 123 -3.49 -18.00 -1.70
C MET B 123 -2.83 -19.16 -0.98
N TRP B 124 -3.47 -19.66 0.08
CA TRP B 124 -2.95 -20.83 0.78
C TRP B 124 -2.87 -22.03 -0.16
N VAL B 125 -3.93 -22.27 -0.93
CA VAL B 125 -3.93 -23.40 -1.86
C VAL B 125 -2.84 -23.24 -2.91
N ALA B 126 -2.69 -22.03 -3.46
CA ALA B 126 -1.68 -21.80 -4.49
C ALA B 126 -0.27 -22.01 -3.93
N ASN B 127 -0.01 -21.51 -2.72
CA ASN B 127 1.33 -21.65 -2.15
C ASN B 127 1.62 -23.10 -1.77
N ALA B 128 0.61 -23.82 -1.27
CA ALA B 128 0.80 -25.24 -0.98
C ALA B 128 1.09 -26.03 -2.26
N THR B 129 0.36 -25.72 -3.33
CA THR B 129 0.62 -26.38 -4.61
C THR B 129 2.03 -26.07 -5.12
N ALA B 130 2.46 -24.81 -4.99
CA ALA B 130 3.81 -24.45 -5.40
C ALA B 130 4.86 -25.18 -4.57
N ALA B 131 4.65 -25.28 -3.26
CA ALA B 131 5.60 -25.99 -2.41
C ALA B 131 5.66 -27.47 -2.78
N GLN B 132 4.52 -28.09 -3.03
CA GLN B 132 4.49 -29.50 -3.39
C GLN B 132 5.20 -29.73 -4.73
N VAL B 133 4.94 -28.86 -5.71
CA VAL B 133 5.58 -29.00 -7.02
C VAL B 133 7.09 -28.80 -6.91
N TYR B 134 7.51 -27.82 -6.10
CA TYR B 134 8.94 -27.60 -5.90
C TYR B 134 9.59 -28.80 -5.23
N LEU B 135 8.92 -29.37 -4.22
CA LEU B 135 9.46 -30.57 -3.58
C LEU B 135 9.59 -31.72 -4.57
N ASN B 136 8.60 -31.87 -5.44
CA ASN B 136 8.65 -32.95 -6.43
C ASN B 136 9.77 -32.74 -7.44
N ASP B 137 9.99 -31.50 -7.88
CA ASP B 137 10.88 -31.25 -9.00
C ASP B 137 12.30 -30.84 -8.58
N LEU B 138 12.44 -29.76 -7.83
CA LEU B 138 13.74 -29.18 -7.52
C LEU B 138 14.32 -29.63 -6.19
N GLY B 139 13.66 -30.54 -5.49
CA GLY B 139 14.18 -31.05 -4.24
C GLY B 139 13.72 -30.24 -3.03
N ALA B 140 14.24 -30.64 -1.88
CA ALA B 140 13.89 -30.04 -0.59
C ALA B 140 15.09 -29.22 -0.09
N ASP B 141 15.07 -27.93 -0.40
CA ASP B 141 16.08 -26.98 0.03
C ASP B 141 15.42 -25.85 0.82
N GLY B 142 16.20 -24.81 1.10
CA GLY B 142 15.66 -23.68 1.85
C GLY B 142 14.47 -23.01 1.18
N ASN B 143 14.42 -23.07 -0.15
CA ASN B 143 13.27 -22.51 -0.87
C ASN B 143 11.99 -23.25 -0.49
N TYR B 144 12.06 -24.57 -0.37
CA TYR B 144 10.89 -25.35 0.03
C TYR B 144 10.44 -24.97 1.43
N LYS B 145 11.38 -24.78 2.35
CA LYS B 145 11.03 -24.37 3.71
C LYS B 145 10.39 -22.99 3.72
N SER B 146 10.92 -22.05 2.93
CA SER B 146 10.34 -20.72 2.87
C SER B 146 8.93 -20.76 2.29
N LEU B 147 8.72 -21.56 1.24
CA LEU B 147 7.39 -21.70 0.67
C LEU B 147 6.42 -22.32 1.67
N LEU B 148 6.90 -23.30 2.43
CA LEU B 148 6.06 -23.90 3.48
C LEU B 148 5.69 -22.88 4.54
N GLY B 149 6.64 -22.03 4.93
CA GLY B 149 6.34 -20.98 5.90
C GLY B 149 5.32 -19.99 5.37
N ILE B 150 5.45 -19.61 4.10
CA ILE B 150 4.49 -18.69 3.49
C ILE B 150 3.10 -19.32 3.46
N ALA B 151 3.03 -20.60 3.09
CA ALA B 151 1.76 -21.31 3.09
C ALA B 151 1.16 -21.39 4.48
N ALA B 152 2.00 -21.61 5.49
CA ALA B 152 1.52 -21.64 6.87
C ALA B 152 0.97 -20.29 7.30
N GLU B 153 1.65 -19.21 6.91
CA GLU B 153 1.14 -17.87 7.22
C GLU B 153 -0.22 -17.63 6.57
N TYR B 154 -0.36 -18.01 5.31
CA TYR B 154 -1.64 -17.84 4.62
C TYR B 154 -2.73 -18.72 5.24
N GLU B 155 -2.36 -19.92 5.70
CA GLU B 155 -3.32 -20.77 6.41
C GLU B 155 -3.75 -20.13 7.72
N ALA B 156 -2.82 -19.48 8.42
CA ALA B 156 -3.18 -18.77 9.64
C ALA B 156 -4.15 -17.63 9.35
N MET B 157 -3.90 -16.89 8.26
CA MET B 157 -4.83 -15.82 7.88
C MET B 157 -6.20 -16.39 7.53
N ASN B 158 -6.23 -17.53 6.84
CA ASN B 158 -7.49 -18.18 6.52
C ASN B 158 -8.22 -18.59 7.79
N MET B 159 -7.50 -19.12 8.78
CA MET B 159 -8.13 -19.48 10.04
C MET B 159 -8.68 -18.25 10.75
N ARG B 160 -7.95 -17.13 10.68
CA ARG B 160 -8.45 -15.89 11.25
C ARG B 160 -9.76 -15.47 10.60
N GLU B 161 -9.82 -15.55 9.26
CA GLU B 161 -11.05 -15.20 8.56
C GLU B 161 -12.19 -16.13 8.94
N HIS B 162 -11.91 -17.43 9.03
CA HIS B 162 -12.94 -18.41 9.38
C HIS B 162 -13.48 -18.15 10.79
N LEU B 163 -12.59 -17.81 11.73
CA LEU B 163 -13.03 -17.50 13.08
C LEU B 163 -13.79 -16.19 13.13
N ARG B 164 -13.44 -15.24 12.26
CA ARG B 164 -14.19 -13.99 12.22
C ARG B 164 -15.61 -14.20 11.70
N ASN B 165 -15.77 -15.03 10.67
CA ASN B 165 -17.10 -15.22 10.09
C ASN B 165 -18.01 -16.03 11.01
N GLN B 166 -17.47 -17.01 11.70
CA GLN B 166 -18.23 -17.83 12.66
C GLN B 166 -17.85 -17.38 14.07
N ARG B 167 -18.73 -16.64 14.72
CA ARG B 167 -18.45 -16.12 16.05
C ARG B 167 -18.53 -17.26 17.05
N TYR B 168 -17.37 -17.82 17.39
CA TYR B 168 -17.30 -18.97 18.29
C TYR B 168 -17.05 -18.53 19.73
N SER B 169 -18.00 -17.76 20.25
CA SER B 169 -17.95 -17.31 21.64
C SER B 169 -18.50 -18.42 22.54
N THR B 170 -18.67 -18.12 23.82
CA THR B 170 -19.23 -19.06 24.78
C THR B 170 -20.73 -18.80 24.88
N SER B 171 -21.51 -19.53 24.10
CA SER B 171 -22.96 -19.39 24.07
C SER B 171 -23.63 -20.74 24.01
N ARG B 172 -23.09 -21.72 24.74
CA ARG B 172 -23.63 -23.08 24.74
C ARG B 172 -24.17 -23.49 26.10
N THR B 173 -23.37 -23.38 27.16
CA THR B 173 -23.84 -23.66 28.51
C THR B 173 -24.15 -22.39 29.29
N HIS B 174 -23.57 -21.25 28.92
CA HIS B 174 -23.91 -19.99 29.56
C HIS B 174 -25.32 -19.53 29.22
N ALA B 175 -25.96 -20.11 28.21
CA ALA B 175 -27.34 -19.79 27.92
C ALA B 175 -28.25 -20.18 29.08
N ALA B 176 -27.96 -21.31 29.73
CA ALA B 176 -28.74 -21.73 30.89
C ALA B 176 -28.61 -20.72 32.04
N ARG B 177 -27.39 -20.25 32.29
CA ARG B 177 -27.19 -19.26 33.34
C ARG B 177 -27.88 -17.94 33.00
N LYS B 178 -27.80 -17.51 31.74
CA LYS B 178 -28.46 -16.28 31.34
C LYS B 178 -29.98 -16.40 31.48
N ILE B 179 -30.54 -17.55 31.11
CA ILE B 179 -31.97 -17.77 31.28
C ILE B 179 -32.35 -17.80 32.75
N ARG B 180 -31.50 -18.37 33.60
CA ARG B 180 -31.76 -18.38 35.04
C ARG B 180 -31.76 -16.96 35.60
N SER B 181 -30.85 -16.11 35.12
CA SER B 181 -30.79 -14.74 35.58
C SER B 181 -32.00 -13.91 35.17
N GLY B 182 -32.80 -14.41 34.22
CA GLY B 182 -33.98 -13.67 33.77
C GLY B 182 -35.22 -14.56 33.80
N PHE C 5 24.68 -21.43 -8.98
CA PHE C 5 25.74 -21.59 -9.98
C PHE C 5 25.98 -20.32 -10.78
N GLU C 6 27.21 -19.82 -10.73
CA GLU C 6 27.64 -18.67 -11.51
C GLU C 6 28.74 -19.11 -12.47
N GLY C 7 28.81 -18.46 -13.62
CA GLY C 7 29.79 -18.84 -14.61
C GLY C 7 30.01 -17.75 -15.64
N THR C 8 30.90 -18.04 -16.58
CA THR C 8 31.25 -17.11 -17.65
C THR C 8 31.65 -17.91 -18.88
N LEU C 9 31.14 -17.50 -20.04
CA LEU C 9 31.47 -18.18 -21.28
C LEU C 9 32.97 -18.07 -21.56
N GLN C 10 33.57 -19.17 -22.00
CA GLN C 10 35.02 -19.22 -22.18
C GLN C 10 35.47 -18.26 -23.28
N SER C 11 34.76 -18.29 -24.42
CA SER C 11 35.16 -17.46 -25.56
C SER C 11 33.96 -17.24 -26.47
N LEU C 12 34.07 -16.20 -27.30
CA LEU C 12 33.04 -15.88 -28.29
C LEU C 12 33.60 -15.71 -29.69
N LEU C 13 34.90 -15.89 -29.89
CA LEU C 13 35.54 -15.56 -31.16
C LEU C 13 35.43 -16.66 -32.20
N GLN C 14 34.98 -17.85 -31.84
CA GLN C 14 34.79 -18.89 -32.83
C GLN C 14 33.57 -18.58 -33.69
N GLY C 15 33.49 -19.26 -34.83
CA GLY C 15 32.46 -18.97 -35.82
C GLY C 15 31.13 -19.59 -35.50
N VAL C 16 30.26 -19.58 -36.50
CA VAL C 16 28.91 -20.11 -36.36
C VAL C 16 28.97 -21.64 -36.39
N SER C 17 28.10 -22.28 -35.62
CA SER C 17 27.95 -23.72 -35.64
C SER C 17 26.48 -24.07 -35.70
N GLN C 18 26.12 -25.00 -36.60
CA GLN C 18 24.75 -25.47 -36.74
C GLN C 18 24.46 -26.69 -35.90
N GLN C 19 25.42 -27.16 -35.11
CA GLN C 19 25.21 -28.29 -34.23
C GLN C 19 24.24 -27.92 -33.11
N ILE C 20 23.75 -28.94 -32.42
CA ILE C 20 22.89 -28.73 -31.26
C ILE C 20 23.73 -28.08 -30.16
N PRO C 21 23.14 -27.28 -29.28
CA PRO C 21 23.95 -26.59 -28.26
C PRO C 21 24.69 -27.52 -27.33
N ARG C 22 24.27 -28.78 -27.21
CA ARG C 22 24.95 -29.72 -26.33
C ARG C 22 26.39 -29.95 -26.78
N GLU C 23 26.56 -30.48 -27.99
CA GLU C 23 27.88 -30.88 -28.49
C GLU C 23 28.47 -29.80 -29.41
N ARG C 24 28.66 -28.62 -28.82
CA ARG C 24 29.31 -27.51 -29.49
C ARG C 24 30.66 -27.22 -28.84
N GLN C 25 31.68 -27.02 -29.67
CA GLN C 25 33.00 -26.67 -29.16
C GLN C 25 32.94 -25.28 -28.52
N PRO C 26 33.80 -25.03 -27.53
CA PRO C 26 33.77 -23.73 -26.85
C PRO C 26 34.02 -22.58 -27.82
N GLY C 27 33.26 -21.50 -27.63
CA GLY C 27 33.39 -20.32 -28.44
C GLY C 27 32.47 -20.25 -29.64
N GLN C 28 31.93 -21.39 -30.09
CA GLN C 28 31.08 -21.39 -31.27
C GLN C 28 29.74 -20.72 -30.98
N LEU C 29 29.21 -20.05 -31.99
CA LEU C 29 28.00 -19.25 -31.85
C LEU C 29 26.86 -19.87 -32.64
N GLY C 30 25.63 -19.63 -32.17
CA GLY C 30 24.46 -20.15 -32.87
C GLY C 30 24.26 -19.51 -34.23
N ALA C 31 24.43 -18.19 -34.31
CA ALA C 31 24.25 -17.46 -35.56
C ALA C 31 24.92 -16.11 -35.45
N GLN C 32 25.73 -15.76 -36.45
CA GLN C 32 26.46 -14.50 -36.47
C GLN C 32 26.30 -13.84 -37.83
N GLN C 33 26.03 -12.54 -37.82
CA GLN C 33 25.83 -11.78 -39.04
C GLN C 33 26.47 -10.41 -38.93
N ASN C 34 27.21 -10.02 -39.96
CA ASN C 34 27.79 -8.68 -40.07
C ASN C 34 28.64 -8.32 -38.85
N MET C 35 29.41 -9.30 -38.37
CA MET C 35 30.24 -9.11 -37.20
C MET C 35 31.64 -9.66 -37.48
N LEU C 36 32.62 -9.09 -36.78
CA LEU C 36 34.02 -9.50 -36.91
C LEU C 36 34.52 -10.03 -35.58
N SER C 37 35.15 -11.20 -35.60
CA SER C 37 35.66 -11.83 -34.39
C SER C 37 37.15 -11.49 -34.27
N ASP C 38 37.43 -10.29 -33.80
CA ASP C 38 38.80 -9.83 -33.63
C ASP C 38 39.31 -10.24 -32.26
N PRO C 39 40.36 -11.06 -32.17
CA PRO C 39 40.88 -11.45 -30.85
C PRO C 39 41.37 -10.27 -30.02
N VAL C 40 41.94 -9.24 -30.66
CA VAL C 40 42.50 -8.12 -29.92
C VAL C 40 41.45 -7.20 -29.33
N THR C 41 40.19 -7.31 -29.76
CA THR C 41 39.15 -6.44 -29.24
C THR C 41 37.84 -7.17 -28.96
N GLY C 42 37.84 -8.50 -28.98
CA GLY C 42 36.61 -9.24 -28.79
C GLY C 42 35.72 -9.18 -30.01
N LEU C 43 34.47 -9.60 -29.82
CA LEU C 43 33.50 -9.59 -30.90
C LEU C 43 33.15 -8.15 -31.25
N ARG C 44 33.23 -7.82 -32.55
CA ARG C 44 33.03 -6.47 -33.03
C ARG C 44 32.13 -6.47 -34.25
N ARG C 45 31.46 -5.35 -34.46
CA ARG C 45 30.71 -5.15 -35.70
C ARG C 45 31.66 -5.00 -36.88
N ARG C 46 31.23 -5.51 -38.02
CA ARG C 46 32.07 -5.46 -39.22
C ARG C 46 32.29 -4.01 -39.66
N PRO C 47 33.45 -3.70 -40.22
CA PRO C 47 33.70 -2.34 -40.68
C PRO C 47 32.84 -2.01 -41.88
N PRO C 48 32.54 -0.73 -42.11
CA PRO C 48 31.74 -0.36 -43.28
C PRO C 48 32.53 -0.50 -44.57
N LEU C 49 31.79 -0.54 -45.68
CA LEU C 49 32.39 -0.68 -47.01
C LEU C 49 32.50 0.71 -47.63
N HIS C 50 33.71 1.26 -47.61
CA HIS C 50 33.95 2.53 -48.28
C HIS C 50 33.86 2.34 -49.80
N LEU C 51 33.34 3.35 -50.47
CA LEU C 51 33.02 3.26 -51.90
C LEU C 51 34.13 3.91 -52.71
N ALA C 52 34.68 3.16 -53.66
CA ALA C 52 35.60 3.70 -54.66
C ALA C 52 34.80 4.19 -55.86
N ALA C 53 35.44 5.00 -56.70
CA ALA C 53 34.75 5.60 -57.83
C ALA C 53 34.09 4.55 -58.70
N GLN C 54 32.84 4.81 -59.08
CA GLN C 54 32.07 3.85 -59.87
C GLN C 54 32.72 3.61 -61.22
N THR C 55 32.97 2.34 -61.52
CA THR C 55 33.63 1.99 -62.78
C THR C 55 32.68 2.22 -63.95
N LEU C 56 33.27 2.38 -65.13
CA LEU C 56 32.47 2.61 -66.34
C LEU C 56 32.07 1.30 -66.99
N MET C 57 32.16 0.20 -66.23
CA MET C 57 31.76 -1.12 -66.73
C MET C 57 30.28 -1.33 -66.50
N GLU C 58 29.58 -1.72 -67.56
CA GLU C 58 28.13 -1.90 -67.47
C GLU C 58 27.78 -3.13 -66.63
N ASN C 59 26.57 -3.13 -66.09
CA ASN C 59 26.11 -4.24 -65.26
C ASN C 59 25.95 -5.49 -66.10
N PRO C 60 26.37 -6.63 -65.54
CA PRO C 60 26.19 -7.92 -66.19
C PRO C 60 24.80 -8.46 -65.85
N VAL C 61 24.07 -8.87 -66.90
CA VAL C 61 22.71 -9.35 -66.69
C VAL C 61 22.72 -10.64 -65.87
N SER C 62 23.60 -11.55 -66.20
CA SER C 62 23.70 -12.80 -65.45
C SER C 62 24.23 -12.53 -64.05
N PRO C 63 23.71 -13.19 -63.02
CA PRO C 63 24.23 -12.97 -61.66
C PRO C 63 25.69 -13.32 -61.50
N ASP C 64 26.20 -14.33 -62.21
CA ASP C 64 27.61 -14.72 -62.15
C ASP C 64 28.19 -14.59 -63.56
N ALA C 65 28.63 -13.38 -63.89
CA ALA C 65 29.24 -13.15 -65.19
C ALA C 65 30.43 -12.20 -65.14
N LEU C 66 30.86 -11.75 -63.96
CA LEU C 66 31.95 -10.80 -63.83
C LEU C 66 33.17 -11.49 -63.23
N PHE C 67 34.33 -11.27 -63.83
CA PHE C 67 35.58 -11.85 -63.36
C PHE C 67 36.57 -10.72 -63.06
N SER C 68 37.15 -10.76 -61.86
CA SER C 68 38.10 -9.75 -61.42
C SER C 68 39.32 -10.41 -60.82
N THR C 69 40.48 -9.76 -60.99
CA THR C 69 41.74 -10.29 -60.48
C THR C 69 42.76 -9.17 -60.46
N TYR C 70 43.44 -9.00 -59.32
CA TYR C 70 44.47 -7.99 -59.19
C TYR C 70 45.80 -8.52 -59.71
N ILE C 71 46.52 -7.68 -60.46
CA ILE C 71 47.84 -7.99 -60.97
C ILE C 71 48.81 -6.93 -60.49
N GLU C 72 49.89 -7.35 -59.82
CA GLU C 72 50.90 -6.42 -59.35
C GLU C 72 51.95 -6.22 -60.44
N ARG C 73 52.17 -4.97 -60.83
CA ARG C 73 53.14 -4.62 -61.86
C ARG C 73 54.17 -3.68 -61.23
N GLY C 74 55.19 -4.26 -60.61
CA GLY C 74 56.14 -3.45 -59.88
C GLY C 74 55.52 -2.91 -58.61
N THR C 75 55.83 -1.64 -58.30
CA THR C 75 55.23 -1.00 -57.14
C THR C 75 53.77 -0.62 -57.38
N ASP C 76 53.35 -0.53 -58.63
CA ASP C 76 51.97 -0.22 -58.98
C ASP C 76 51.24 -1.50 -59.36
N GLY C 77 49.91 -1.41 -59.45
CA GLY C 77 49.10 -2.56 -59.78
C GLY C 77 48.00 -2.28 -60.78
N ARG C 78 47.16 -3.26 -61.03
CA ARG C 78 46.04 -3.11 -61.95
C ARG C 78 44.92 -4.03 -61.50
N HIS C 79 43.70 -3.70 -61.94
CA HIS C 79 42.50 -4.45 -61.59
C HIS C 79 41.86 -4.94 -62.88
N LEU C 80 42.18 -6.17 -63.27
CA LEU C 80 41.56 -6.78 -64.43
C LEU C 80 40.08 -7.02 -64.15
N LEU C 81 39.24 -6.70 -65.14
CA LEU C 81 37.79 -6.81 -65.00
C LEU C 81 37.21 -7.25 -66.34
N ILE C 82 36.53 -8.39 -66.34
CA ILE C 82 36.04 -9.01 -67.57
C ILE C 82 34.55 -9.30 -67.42
N ASN C 83 33.77 -8.88 -68.41
CA ASN C 83 32.34 -9.19 -68.47
C ASN C 83 32.17 -10.39 -69.41
N THR C 84 31.87 -11.55 -68.84
CA THR C 84 31.82 -12.78 -69.63
C THR C 84 30.68 -12.76 -70.64
N GLU C 85 29.59 -12.05 -70.33
CA GLU C 85 28.44 -12.04 -71.23
C GLU C 85 28.79 -11.44 -72.59
N ALA C 86 29.55 -10.35 -72.60
CA ALA C 86 29.91 -9.67 -73.84
C ALA C 86 31.39 -9.73 -74.17
N GLY C 87 32.23 -10.19 -73.24
CA GLY C 87 33.65 -10.23 -73.49
C GLY C 87 34.36 -8.91 -73.32
N ILE C 88 33.67 -7.88 -72.81
CA ILE C 88 34.25 -6.54 -72.68
C ILE C 88 35.19 -6.53 -71.49
N TRP C 89 36.49 -6.65 -71.75
CA TRP C 89 37.49 -6.57 -70.69
C TRP C 89 37.65 -5.12 -70.24
N GLN C 90 38.27 -4.93 -69.08
CA GLN C 90 38.48 -3.61 -68.54
C GLN C 90 39.65 -3.65 -67.56
N ILE C 91 40.49 -2.61 -67.59
CA ILE C 91 41.66 -2.50 -66.74
C ILE C 91 41.52 -1.23 -65.90
N LEU C 92 41.69 -1.36 -64.59
CA LEU C 92 41.58 -0.25 -63.66
C LEU C 92 42.90 -0.05 -62.93
N SER C 93 43.08 1.15 -62.40
CA SER C 93 44.27 1.45 -61.60
C SER C 93 44.13 0.79 -60.23
N LYS C 94 45.05 1.10 -59.32
CA LYS C 94 44.97 0.53 -57.98
C LYS C 94 43.72 0.97 -57.24
N ASP C 95 43.11 2.09 -57.62
CA ASP C 95 41.86 2.51 -56.97
C ASP C 95 41.02 3.26 -58.01
N ALA C 96 40.14 2.52 -58.70
CA ALA C 96 39.02 3.07 -59.46
C ALA C 96 39.45 4.18 -60.42
N THR C 97 40.25 3.78 -61.41
CA THR C 97 40.64 4.69 -62.49
C THR C 97 41.04 3.84 -63.69
N THR C 98 40.25 3.90 -64.75
CA THR C 98 40.52 3.08 -65.93
C THR C 98 41.73 3.62 -66.68
N LEU C 99 42.64 2.72 -67.06
CA LEU C 99 43.82 3.08 -67.83
C LEU C 99 43.61 2.84 -69.33
N ILE C 100 43.33 1.60 -69.71
CA ILE C 100 43.01 1.26 -71.09
C ILE C 100 41.77 0.37 -71.05
N ARG C 101 40.67 0.87 -71.60
CA ARG C 101 39.42 0.10 -71.68
C ARG C 101 39.60 -0.92 -72.79
N SER C 102 40.03 -2.12 -72.42
CA SER C 102 40.27 -3.17 -73.40
C SER C 102 39.00 -3.49 -74.18
N GLY C 103 39.13 -3.57 -75.50
CA GLY C 103 37.97 -3.89 -76.31
C GLY C 103 37.48 -5.30 -76.08
N GLN C 104 36.21 -5.51 -76.42
CA GLN C 104 35.61 -6.82 -76.23
C GLN C 104 36.27 -7.84 -77.14
N ALA C 105 36.42 -9.06 -76.64
CA ALA C 105 37.00 -10.16 -77.40
C ALA C 105 36.03 -11.34 -77.37
N ASP C 106 35.75 -11.91 -78.54
CA ASP C 106 34.86 -13.05 -78.61
C ASP C 106 35.41 -14.27 -77.89
N TYR C 107 36.72 -14.30 -77.61
CA TYR C 107 37.30 -15.40 -76.87
C TYR C 107 36.80 -15.44 -75.43
N LEU C 108 36.48 -14.28 -74.86
CA LEU C 108 36.09 -14.18 -73.47
C LEU C 108 34.60 -14.37 -73.24
N LYS C 109 33.84 -14.66 -74.30
CA LYS C 109 32.41 -14.92 -74.16
C LYS C 109 32.20 -16.39 -73.80
N ALA C 110 31.43 -16.63 -72.74
CA ALA C 110 31.15 -17.99 -72.30
C ALA C 110 29.73 -18.04 -71.73
N SER C 111 29.12 -19.22 -71.85
CA SER C 111 27.76 -19.39 -71.33
C SER C 111 27.73 -19.22 -69.81
N ILE C 112 28.71 -19.78 -69.11
CA ILE C 112 28.81 -19.66 -67.67
C ILE C 112 30.01 -18.76 -67.37
N GLY C 113 29.78 -17.68 -66.63
CA GLY C 113 30.79 -16.69 -66.35
C GLY C 113 31.31 -16.76 -64.92
N ALA C 114 32.37 -16.00 -64.68
CA ALA C 114 33.05 -15.82 -63.40
C ALA C 114 33.73 -17.10 -62.92
N THR C 115 33.59 -18.21 -63.64
CA THR C 115 34.22 -19.47 -63.24
C THR C 115 34.90 -20.19 -64.39
N SER C 116 34.64 -19.83 -65.64
CA SER C 116 35.33 -20.40 -66.79
C SER C 116 36.54 -19.57 -67.20
N ILE C 117 36.80 -18.46 -66.52
CA ILE C 117 37.94 -17.60 -66.82
C ILE C 117 39.00 -17.85 -65.76
N GLN C 118 40.19 -18.25 -66.19
CA GLN C 118 41.31 -18.50 -65.30
C GLN C 118 42.52 -17.73 -65.77
N THR C 119 43.33 -17.30 -64.81
CA THR C 119 44.50 -16.47 -65.10
C THR C 119 45.73 -17.09 -64.45
N ALA C 120 46.87 -16.92 -65.12
CA ALA C 120 48.15 -17.42 -64.61
C ALA C 120 49.23 -16.46 -65.07
N SER C 121 49.98 -15.91 -64.12
CA SER C 121 51.02 -14.92 -64.41
C SER C 121 52.39 -15.59 -64.23
N ILE C 122 53.18 -15.58 -65.29
CA ILE C 122 54.54 -16.11 -65.26
C ILE C 122 55.48 -15.05 -65.84
N ALA C 123 56.60 -14.83 -65.16
CA ALA C 123 57.55 -13.76 -65.48
C ALA C 123 56.76 -12.45 -65.47
N GLY C 124 56.89 -11.61 -66.49
CA GLY C 124 56.12 -10.38 -66.55
C GLY C 124 54.89 -10.50 -67.43
N LEU C 125 54.48 -11.73 -67.71
CA LEU C 125 53.37 -12.01 -68.62
C LEU C 125 52.23 -12.65 -67.86
N THR C 126 51.01 -12.28 -68.23
CA THR C 126 49.79 -12.83 -67.63
C THR C 126 48.91 -13.39 -68.74
N TYR C 127 48.44 -14.62 -68.57
CA TYR C 127 47.63 -15.29 -69.57
C TYR C 127 46.21 -15.49 -69.03
N ILE C 128 45.22 -15.10 -69.83
CA ILE C 128 43.82 -15.26 -69.49
C ILE C 128 43.27 -16.42 -70.30
N LEU C 129 42.70 -17.41 -69.62
CA LEU C 129 42.22 -18.63 -70.23
C LEU C 129 40.71 -18.73 -70.15
N ASN C 130 40.08 -19.11 -71.25
CA ASN C 130 38.66 -19.44 -71.30
C ASN C 130 38.53 -20.94 -71.57
N THR C 131 37.84 -21.64 -70.67
CA THR C 131 37.72 -23.09 -70.78
C THR C 131 36.62 -23.52 -71.74
N GLU C 132 35.79 -22.61 -72.21
CA GLU C 132 34.73 -22.93 -73.16
C GLU C 132 35.16 -22.75 -74.61
N GLN C 133 36.42 -22.38 -74.85
CA GLN C 133 36.95 -22.17 -76.19
C GLN C 133 37.89 -23.32 -76.54
N THR C 134 37.66 -23.92 -77.70
CA THR C 134 38.47 -25.05 -78.15
C THR C 134 39.58 -24.55 -79.07
N PRO C 135 40.85 -24.78 -78.74
CA PRO C 135 41.92 -24.38 -79.65
C PRO C 135 41.84 -25.17 -80.96
N VAL C 136 42.28 -24.52 -82.03
CA VAL C 136 42.29 -25.10 -83.37
C VAL C 136 43.73 -25.14 -83.86
N ALA C 137 44.11 -26.26 -84.46
CA ALA C 137 45.46 -26.48 -84.94
C ALA C 137 45.54 -26.24 -86.44
N HIS C 138 46.61 -25.58 -86.88
CA HIS C 138 46.84 -25.28 -88.27
C HIS C 138 48.06 -26.04 -88.77
N VAL C 139 47.94 -26.64 -89.94
CA VAL C 139 49.05 -27.33 -90.60
C VAL C 139 49.36 -26.55 -91.87
N ASP C 140 50.48 -25.83 -91.86
CA ASP C 140 50.90 -24.98 -92.96
C ASP C 140 52.30 -25.41 -93.40
N ASN C 141 52.36 -26.25 -94.43
CA ASN C 141 53.63 -26.68 -95.01
C ASN C 141 54.10 -25.61 -95.99
N THR C 142 54.55 -24.49 -95.44
CA THR C 142 54.95 -23.36 -96.26
C THR C 142 56.36 -23.52 -96.81
N GLY C 143 57.34 -23.63 -95.93
CA GLY C 143 58.73 -23.72 -96.35
C GLY C 143 59.28 -25.12 -96.36
N LYS C 144 58.40 -26.12 -96.32
CA LYS C 144 58.80 -27.51 -96.30
C LYS C 144 58.33 -28.20 -97.57
N LEU C 145 59.25 -28.88 -98.25
CA LEU C 145 58.93 -29.66 -99.43
C LEU C 145 58.54 -31.08 -99.03
N ASN C 146 57.80 -31.74 -99.92
CA ASN C 146 57.34 -33.09 -99.64
C ASN C 146 58.50 -34.07 -99.74
N PRO C 147 58.81 -34.83 -98.68
CA PRO C 147 59.91 -35.79 -98.77
C PRO C 147 59.70 -36.87 -99.82
N ALA C 148 58.45 -37.24 -100.10
CA ALA C 148 58.16 -38.28 -101.07
C ALA C 148 58.40 -37.83 -102.50
N ASN C 149 58.55 -36.53 -102.74
CA ASN C 149 58.78 -36.00 -104.08
C ASN C 149 60.17 -35.39 -104.25
N THR C 150 61.10 -35.68 -103.34
CA THR C 150 62.42 -35.09 -103.38
C THR C 150 63.49 -36.17 -103.16
N GLY C 151 64.67 -35.91 -103.72
CA GLY C 151 65.80 -36.80 -103.55
C GLY C 151 67.05 -36.11 -104.05
N PHE C 152 68.19 -36.64 -103.64
CA PHE C 152 69.47 -36.04 -104.01
C PHE C 152 70.54 -37.11 -104.13
N PHE C 153 71.55 -36.81 -104.96
CA PHE C 153 72.73 -37.64 -105.11
C PHE C 153 73.96 -36.76 -105.08
N TYR C 154 74.91 -37.09 -104.20
CA TYR C 154 76.12 -36.32 -104.02
C TYR C 154 77.34 -37.20 -104.28
N ILE C 155 78.39 -36.61 -104.84
CA ILE C 155 79.62 -37.32 -105.14
C ILE C 155 80.66 -36.91 -104.12
N VAL C 156 81.22 -37.90 -103.42
CA VAL C 156 82.19 -37.64 -102.37
C VAL C 156 83.62 -37.72 -102.91
N ALA C 157 83.92 -38.75 -103.69
CA ALA C 157 85.24 -38.95 -104.24
C ALA C 157 85.13 -39.26 -105.73
N SER C 158 86.21 -38.98 -106.45
CA SER C 158 86.27 -39.18 -107.90
C SER C 158 87.32 -40.22 -108.23
N SER C 159 86.93 -41.19 -109.07
CA SER C 159 87.83 -42.23 -109.55
C SER C 159 88.04 -42.06 -111.04
N PHE C 160 89.04 -42.77 -111.57
CA PHE C 160 89.42 -42.65 -112.97
C PHE C 160 88.85 -43.76 -113.83
N SER C 161 89.15 -45.02 -113.51
CA SER C 161 88.65 -46.15 -114.29
C SER C 161 87.35 -46.67 -113.66
N LYS C 162 86.33 -45.83 -113.71
CA LYS C 162 85.05 -46.12 -113.08
C LYS C 162 83.91 -45.81 -114.06
N ARG C 163 82.85 -46.61 -113.96
CA ARG C 163 81.61 -46.34 -114.66
C ARG C 163 80.64 -45.72 -113.67
N TRP C 164 80.28 -44.46 -113.90
CA TRP C 164 79.34 -43.77 -113.03
C TRP C 164 77.92 -44.06 -113.48
N THR C 165 77.05 -44.37 -112.52
CA THR C 165 75.69 -44.74 -112.84
C THR C 165 74.74 -44.22 -111.75
N ILE C 166 73.48 -44.04 -112.15
CA ILE C 166 72.45 -43.59 -111.23
C ILE C 166 71.10 -44.04 -111.78
N THR C 167 70.20 -44.43 -110.88
CA THR C 167 68.85 -44.83 -111.24
C THR C 167 67.86 -44.01 -110.43
N VAL C 168 66.83 -43.52 -111.11
CA VAL C 168 65.76 -42.74 -110.49
C VAL C 168 64.45 -43.42 -110.82
N GLN C 169 63.72 -43.86 -109.79
CA GLN C 169 62.47 -44.58 -109.96
C GLN C 169 61.37 -43.89 -109.16
N SER C 170 60.20 -43.78 -109.77
CA SER C 170 59.04 -43.15 -109.14
C SER C 170 57.79 -43.65 -109.84
N ASN C 171 56.65 -43.03 -109.52
CA ASN C 171 55.39 -43.42 -110.16
C ASN C 171 55.40 -43.08 -111.64
N GLU C 172 56.00 -41.94 -112.01
CA GLU C 172 56.04 -41.54 -113.42
C GLU C 172 56.83 -42.53 -114.27
N GLY C 173 57.97 -42.98 -113.77
CA GLY C 173 58.79 -43.91 -114.53
C GLY C 173 60.12 -44.13 -113.85
N THR C 174 60.90 -45.02 -114.46
CA THR C 174 62.22 -45.37 -113.99
C THR C 174 63.26 -44.92 -115.02
N TRP C 175 64.23 -44.13 -114.57
CA TRP C 175 65.28 -43.60 -115.43
C TRP C 175 66.64 -44.02 -114.90
N THR C 176 67.51 -44.44 -115.81
CA THR C 176 68.87 -44.85 -115.47
C THR C 176 69.85 -44.09 -116.34
N ALA C 177 70.86 -43.49 -115.71
CA ALA C 177 71.89 -42.73 -116.40
C ALA C 177 73.24 -43.37 -116.12
N VAL C 178 74.01 -43.63 -117.18
CA VAL C 178 75.32 -44.27 -117.07
C VAL C 178 76.34 -43.37 -117.76
N HIS C 179 77.41 -43.05 -117.04
CA HIS C 179 78.52 -42.26 -117.59
C HIS C 179 79.81 -43.01 -117.34
N ASP C 180 80.64 -43.09 -118.39
CA ASP C 180 81.91 -43.79 -118.32
C ASP C 180 83.06 -42.79 -118.43
N VAL C 181 84.02 -42.90 -117.53
CA VAL C 181 85.22 -42.08 -117.53
C VAL C 181 86.44 -42.99 -117.64
N GLY C 182 87.37 -42.62 -118.52
CA GLY C 182 88.52 -43.46 -118.81
C GLY C 182 89.67 -43.24 -117.85
N ALA C 183 90.76 -43.97 -118.10
CA ALA C 183 91.94 -43.90 -117.26
C ALA C 183 92.65 -42.56 -117.45
N SER C 184 93.59 -42.27 -116.54
CA SER C 184 94.28 -40.99 -116.56
C SER C 184 95.11 -40.79 -117.83
N SER C 185 95.49 -41.88 -118.50
CA SER C 185 96.28 -41.76 -119.72
C SER C 185 95.44 -41.28 -120.90
N ASP C 186 94.12 -41.40 -120.84
CA ASP C 186 93.27 -41.00 -121.94
C ASP C 186 93.28 -39.48 -122.10
N ASP C 187 93.12 -39.03 -123.34
CA ASP C 187 93.09 -37.61 -123.63
C ASP C 187 91.84 -36.97 -123.05
N GLY C 188 92.00 -35.85 -122.36
CA GLY C 188 90.88 -35.17 -121.75
C GLY C 188 90.19 -35.98 -120.67
N ALA C 189 90.97 -36.74 -119.89
CA ALA C 189 90.39 -37.57 -118.84
C ALA C 189 90.43 -36.89 -117.48
N VAL C 190 91.49 -36.15 -117.19
CA VAL C 190 91.60 -35.42 -115.92
C VAL C 190 90.50 -34.37 -115.82
N PRO C 191 90.26 -33.53 -116.83
CA PRO C 191 89.11 -32.60 -116.73
C PRO C 191 87.77 -33.30 -116.61
N ALA C 192 87.59 -34.45 -117.26
CA ALA C 192 86.31 -35.14 -117.24
C ALA C 192 86.11 -35.98 -115.98
N ALA C 193 87.16 -36.22 -115.20
CA ALA C 193 87.03 -37.02 -113.99
C ALA C 193 86.56 -36.21 -112.79
N THR C 194 86.49 -34.89 -112.91
CA THR C 194 86.04 -34.07 -111.80
C THR C 194 84.58 -34.36 -111.48
N ALA C 195 84.21 -34.14 -110.21
CA ALA C 195 82.86 -34.45 -109.77
C ALA C 195 81.82 -33.60 -110.49
N SER C 196 82.14 -32.33 -110.76
CA SER C 196 81.19 -31.46 -111.45
C SER C 196 80.90 -31.97 -112.86
N ALA C 197 81.95 -32.36 -113.60
CA ALA C 197 81.75 -32.87 -114.94
C ALA C 197 80.95 -34.17 -114.93
N VAL C 198 81.23 -35.05 -113.96
CA VAL C 198 80.48 -36.31 -113.86
C VAL C 198 79.01 -36.03 -113.56
N ILE C 199 78.74 -35.07 -112.66
CA ILE C 199 77.36 -34.73 -112.33
C ILE C 199 76.65 -34.15 -113.55
N ASN C 200 77.32 -33.28 -114.29
CA ASN C 200 76.71 -32.71 -115.49
C ASN C 200 76.41 -33.77 -116.53
N SER C 201 77.35 -34.70 -116.74
CA SER C 201 77.13 -35.77 -117.69
C SER C 201 75.99 -36.69 -117.25
N LEU C 202 75.91 -36.98 -115.95
CA LEU C 202 74.81 -37.79 -115.44
C LEU C 202 73.47 -37.11 -115.63
N LYS C 203 73.41 -35.80 -115.40
CA LYS C 203 72.18 -35.05 -115.63
C LYS C 203 71.80 -35.08 -117.10
N THR C 204 72.79 -34.91 -117.98
CA THR C 204 72.51 -34.96 -119.42
C THR C 204 71.98 -36.33 -119.83
N ASN C 205 72.57 -37.40 -119.29
CA ASN C 205 72.10 -38.74 -119.60
C ASN C 205 70.69 -38.98 -119.06
N LEU C 206 70.40 -38.46 -117.86
CA LEU C 206 69.05 -38.57 -117.32
C LEU C 206 68.04 -37.85 -118.20
N LEU C 207 68.39 -36.65 -118.67
CA LEU C 207 67.50 -35.92 -119.56
C LEU C 207 67.31 -36.67 -120.87
N ALA C 208 68.38 -37.26 -121.42
CA ALA C 208 68.26 -38.01 -122.66
C ALA C 208 67.45 -39.29 -122.47
N ALA C 209 67.44 -39.84 -121.26
CA ALA C 209 66.69 -41.08 -121.02
C ALA C 209 65.19 -40.87 -121.19
N GLY C 210 64.69 -39.66 -120.93
CA GLY C 210 63.28 -39.37 -121.11
C GLY C 210 62.68 -38.57 -119.98
N MET C 211 63.43 -38.40 -118.90
CA MET C 211 62.94 -37.63 -117.76
C MET C 211 62.86 -36.15 -118.12
N PRO C 212 61.80 -35.45 -117.74
CA PRO C 212 61.67 -34.03 -118.10
C PRO C 212 62.80 -33.20 -117.51
N SER C 213 63.17 -32.14 -118.25
CA SER C 213 64.26 -31.27 -117.82
C SER C 213 63.90 -30.45 -116.58
N ASP C 214 62.61 -30.28 -116.29
CA ASP C 214 62.17 -29.49 -115.15
C ASP C 214 62.13 -30.30 -113.85
N LYS C 215 62.82 -31.43 -113.80
CA LYS C 215 62.79 -32.29 -112.62
C LYS C 215 64.15 -32.48 -111.95
N VAL C 216 65.23 -32.01 -112.58
CA VAL C 216 66.57 -32.19 -112.04
C VAL C 216 67.30 -30.86 -112.06
N ASP C 217 67.89 -30.48 -110.94
CA ASP C 217 68.72 -29.28 -110.85
C ASP C 217 70.00 -29.62 -110.10
N THR C 218 71.07 -28.89 -110.44
CA THR C 218 72.37 -29.15 -109.83
C THR C 218 73.17 -27.86 -109.80
N PHE C 219 74.03 -27.73 -108.79
CA PHE C 219 74.90 -26.57 -108.66
C PHE C 219 76.37 -26.94 -108.80
N GLY C 220 76.89 -27.85 -107.98
CA GLY C 220 78.27 -28.28 -108.09
C GLY C 220 78.37 -29.77 -108.34
N SER C 221 78.79 -30.52 -107.32
CA SER C 221 78.82 -31.97 -107.36
C SER C 221 77.57 -32.58 -106.73
N TYR C 222 76.53 -31.77 -106.50
CA TYR C 222 75.31 -32.20 -105.85
C TYR C 222 74.16 -32.11 -106.85
N MET C 223 73.40 -33.20 -106.95
CA MET C 223 72.25 -33.28 -107.84
C MET C 223 70.97 -33.37 -107.04
N PHE C 224 69.96 -32.61 -107.45
CA PHE C 224 68.66 -32.59 -106.77
C PHE C 224 67.58 -33.01 -107.75
N ILE C 225 66.72 -33.94 -107.31
CA ILE C 225 65.61 -34.44 -108.12
C ILE C 225 64.31 -34.03 -107.43
N LYS C 226 63.44 -33.37 -108.19
CA LYS C 226 62.18 -32.86 -107.65
C LYS C 226 61.07 -33.08 -108.66
N GLY C 227 59.83 -32.90 -108.21
CA GLY C 227 58.68 -32.97 -109.08
C GLY C 227 58.14 -34.35 -109.34
N LEU C 228 58.69 -35.39 -108.71
CA LEU C 228 58.22 -36.75 -108.91
C LEU C 228 57.10 -37.05 -107.91
N THR C 229 56.72 -38.32 -107.81
CA THR C 229 55.66 -38.75 -106.90
C THR C 229 56.18 -39.60 -105.76
N ASN C 230 56.95 -40.64 -106.05
CA ASN C 230 57.53 -41.52 -105.04
C ASN C 230 59.00 -41.76 -105.36
N VAL C 231 59.73 -40.66 -105.60
CA VAL C 231 61.10 -40.76 -106.09
C VAL C 231 61.98 -41.50 -105.09
N VAL C 232 62.80 -42.42 -105.60
CA VAL C 232 63.74 -43.20 -104.81
C VAL C 232 65.06 -43.16 -105.56
N VAL C 233 65.99 -42.33 -105.10
CA VAL C 233 67.27 -42.16 -105.76
C VAL C 233 68.22 -43.25 -105.26
N SER C 234 68.79 -44.02 -106.19
CA SER C 234 69.74 -45.06 -105.86
C SER C 234 70.93 -44.98 -106.82
N SER C 235 71.93 -45.82 -106.56
CA SER C 235 73.13 -45.83 -107.39
C SER C 235 73.86 -47.14 -107.20
N ASP C 236 74.37 -47.71 -108.30
CA ASP C 236 75.15 -48.92 -108.23
C ASP C 236 76.62 -48.66 -107.90
N ALA C 237 77.03 -47.40 -107.82
CA ALA C 237 78.39 -47.07 -107.44
C ALA C 237 78.62 -47.37 -105.96
N GLY C 238 79.89 -47.40 -105.58
CA GLY C 238 80.23 -47.71 -104.21
C GLY C 238 79.83 -46.60 -103.25
N THR C 239 79.73 -46.97 -101.97
CA THR C 239 79.38 -46.01 -100.94
C THR C 239 80.53 -45.09 -100.56
N THR C 240 81.75 -45.41 -100.97
CA THR C 240 82.91 -44.57 -100.68
C THR C 240 83.09 -43.46 -101.69
N TYR C 241 82.32 -43.44 -102.76
CA TYR C 241 82.43 -42.43 -103.82
C TYR C 241 81.23 -41.52 -103.92
N ALA C 242 80.01 -42.05 -103.76
CA ALA C 242 78.81 -41.27 -103.94
C ALA C 242 77.83 -41.55 -102.80
N ARG C 243 76.94 -40.59 -102.57
CA ARG C 243 75.89 -40.70 -101.58
C ARG C 243 74.55 -40.40 -102.21
N TRP C 244 73.54 -41.18 -101.85
CA TRP C 244 72.18 -41.00 -102.35
C TRP C 244 71.21 -40.98 -101.19
N SER C 245 69.97 -40.57 -101.48
CA SER C 245 68.99 -40.31 -100.43
C SER C 245 67.98 -41.44 -100.24
N ASN C 246 67.87 -42.36 -101.20
CA ASN C 246 66.82 -43.37 -101.19
C ASN C 246 65.46 -42.71 -101.04
N GLN C 247 64.73 -43.06 -99.99
CA GLN C 247 63.47 -42.38 -99.66
C GLN C 247 63.73 -41.28 -98.63
N SER C 248 64.60 -40.35 -99.00
CA SER C 248 64.98 -39.22 -98.15
C SER C 248 65.48 -39.70 -96.80
N ARG C 249 66.26 -40.78 -96.81
CA ARG C 249 66.83 -41.35 -95.59
C ARG C 249 68.34 -41.48 -95.78
N VAL C 250 69.10 -40.95 -94.83
CA VAL C 250 70.55 -41.07 -94.84
C VAL C 250 70.99 -41.75 -93.56
N ASP C 251 72.24 -42.21 -93.55
CA ASP C 251 72.76 -42.96 -92.41
C ASP C 251 72.91 -42.06 -91.19
N GLU C 252 73.69 -41.00 -91.30
CA GLU C 252 73.96 -40.09 -90.20
C GLU C 252 73.86 -38.64 -90.70
N GLU C 253 74.08 -37.70 -89.78
CA GLU C 253 73.95 -36.29 -90.11
C GLU C 253 75.05 -35.83 -91.05
N SER C 254 76.21 -36.49 -91.03
CA SER C 254 77.31 -36.08 -91.89
C SER C 254 77.00 -36.32 -93.36
N ASP C 255 76.09 -37.24 -93.66
CA ASP C 255 75.75 -37.55 -95.04
C ASP C 255 74.87 -36.49 -95.70
N LEU C 256 74.36 -35.53 -94.94
CA LEU C 256 73.52 -34.49 -95.52
C LEU C 256 74.34 -33.62 -96.46
N PRO C 257 73.79 -33.24 -97.61
CA PRO C 257 74.58 -32.51 -98.62
C PRO C 257 75.06 -31.15 -98.17
N ALA C 258 74.13 -30.32 -97.69
CA ALA C 258 74.37 -28.95 -97.25
C ALA C 258 74.86 -28.04 -98.36
N GLN C 259 74.79 -28.49 -99.62
CA GLN C 259 75.21 -27.65 -100.75
C GLN C 259 74.27 -27.86 -101.95
N LEU C 260 73.00 -28.14 -101.68
CA LEU C 260 72.04 -28.35 -102.75
C LEU C 260 71.77 -27.04 -103.48
N PRO C 261 71.35 -27.11 -104.75
CA PRO C 261 71.08 -25.87 -105.51
C PRO C 261 69.91 -25.10 -104.92
N ALA C 262 69.69 -23.90 -105.48
CA ALA C 262 68.65 -23.02 -104.97
C ALA C 262 67.25 -23.59 -105.12
N SER C 263 67.06 -24.55 -106.02
CA SER C 263 65.75 -25.16 -106.21
C SER C 263 65.29 -25.99 -105.02
N ALA C 264 66.19 -26.30 -104.09
CA ALA C 264 65.87 -27.09 -102.91
C ALA C 264 66.02 -26.18 -101.69
N ASN C 265 64.94 -25.50 -101.32
CA ASN C 265 64.91 -24.66 -100.14
C ASN C 265 64.06 -25.25 -99.02
N GLY C 266 63.48 -26.43 -99.22
CA GLY C 266 62.68 -27.06 -98.20
C GLY C 266 62.85 -28.56 -98.18
N CYS C 267 63.96 -29.04 -98.73
CA CYS C 267 64.20 -30.48 -98.81
C CYS C 267 64.24 -31.10 -97.42
N MET C 268 63.59 -32.25 -97.28
CA MET C 268 63.47 -32.95 -96.01
C MET C 268 64.16 -34.30 -96.10
N CYS C 269 64.96 -34.63 -95.09
CA CYS C 269 65.63 -35.91 -95.02
C CYS C 269 65.53 -36.45 -93.60
N ARG C 270 65.54 -37.77 -93.49
CA ARG C 270 65.45 -38.45 -92.20
C ARG C 270 66.80 -39.08 -91.87
N VAL C 271 67.33 -38.76 -90.71
CA VAL C 271 68.61 -39.29 -90.25
C VAL C 271 68.35 -40.43 -89.30
N GLY C 272 68.87 -41.61 -89.62
CA GLY C 272 68.68 -42.76 -88.77
C GLY C 272 69.42 -43.96 -89.34
N ALA C 273 69.64 -44.94 -88.47
CA ALA C 273 70.31 -46.18 -88.83
C ALA C 273 69.35 -47.36 -88.83
N ALA C 274 68.10 -47.13 -89.27
CA ALA C 274 67.03 -48.11 -89.36
C ALA C 274 66.62 -48.68 -88.00
N SER C 275 67.12 -48.11 -86.90
CA SER C 275 66.76 -48.57 -85.57
C SER C 275 66.53 -47.41 -84.61
N THR C 276 66.20 -46.23 -85.13
CA THR C 276 65.99 -45.04 -84.32
C THR C 276 64.66 -44.41 -84.69
N SER C 277 64.14 -43.58 -83.79
CA SER C 277 62.90 -42.86 -84.04
C SER C 277 63.11 -41.86 -85.17
N ALA C 278 62.00 -41.53 -85.85
CA ALA C 278 62.04 -40.64 -87.01
C ALA C 278 62.56 -39.26 -86.64
N THR C 279 63.76 -38.93 -87.12
CA THR C 279 64.38 -37.62 -86.89
C THR C 279 64.48 -36.93 -88.25
N TRP C 280 63.74 -35.84 -88.41
CA TRP C 280 63.65 -35.14 -89.69
C TRP C 280 64.51 -33.88 -89.67
N TYR C 281 65.07 -33.55 -90.84
CA TYR C 281 65.91 -32.38 -91.01
C TYR C 281 65.45 -31.62 -92.25
N ARG C 282 65.55 -30.29 -92.18
CA ARG C 282 65.15 -29.42 -93.27
C ARG C 282 66.35 -28.60 -93.73
N PHE C 283 66.38 -28.30 -95.02
CA PHE C 283 67.51 -27.60 -95.63
C PHE C 283 67.16 -26.13 -95.87
N ASP C 284 68.03 -25.25 -95.42
CA ASP C 284 67.88 -23.81 -95.61
C ASP C 284 68.96 -23.35 -96.58
N TYR C 285 68.54 -22.97 -97.80
CA TYR C 285 69.50 -22.58 -98.82
C TYR C 285 70.23 -21.30 -98.47
N ALA C 286 69.61 -20.43 -97.67
CA ALA C 286 70.22 -19.15 -97.33
C ALA C 286 71.51 -19.34 -96.55
N THR C 287 71.52 -20.29 -95.60
CA THR C 287 72.69 -20.54 -94.76
C THR C 287 73.44 -21.80 -95.15
N ARG C 288 72.94 -22.56 -96.13
CA ARG C 288 73.58 -23.79 -96.58
C ARG C 288 73.79 -24.76 -95.41
N GLN C 289 72.80 -24.82 -94.53
CA GLN C 289 72.87 -25.68 -93.36
C GLN C 289 71.54 -26.42 -93.20
N TRP C 290 71.59 -27.57 -92.54
CA TRP C 290 70.42 -28.39 -92.28
C TRP C 290 69.97 -28.21 -90.84
N ASN C 291 68.70 -27.84 -90.66
CA ASN C 291 68.13 -27.60 -89.35
C ASN C 291 67.06 -28.62 -89.05
N GLU C 292 66.98 -29.06 -87.80
CA GLU C 292 65.94 -30.00 -87.39
C GLU C 292 64.57 -29.36 -87.55
N ASP C 293 63.62 -30.14 -88.04
CA ASP C 293 62.27 -29.64 -88.24
C ASP C 293 61.29 -30.81 -88.19
N SER C 294 60.03 -30.50 -87.93
CA SER C 294 59.00 -31.52 -87.87
C SER C 294 58.73 -32.08 -89.27
N ALA C 295 58.15 -33.28 -89.30
CA ALA C 295 57.88 -33.95 -90.55
C ALA C 295 56.80 -33.21 -91.35
N TYR C 296 56.65 -33.62 -92.60
CA TYR C 296 55.66 -33.00 -93.47
C TYR C 296 54.26 -33.25 -92.95
N SER C 297 53.39 -32.25 -93.15
CA SER C 297 52.00 -32.29 -92.69
C SER C 297 51.92 -32.53 -91.17
N SER C 298 52.47 -31.57 -90.44
CA SER C 298 52.47 -31.59 -88.99
C SER C 298 51.94 -30.26 -88.46
N ILE C 299 51.48 -30.29 -87.22
CA ILE C 299 50.94 -29.08 -86.60
C ILE C 299 52.07 -28.07 -86.42
N THR C 300 51.92 -26.92 -87.07
CA THR C 300 52.94 -25.86 -87.02
C THR C 300 52.55 -24.69 -86.14
N LYS C 301 51.27 -24.37 -86.02
CA LYS C 301 50.84 -23.26 -85.21
C LYS C 301 49.40 -23.50 -84.77
N ILE C 302 49.11 -23.22 -83.50
CA ILE C 302 47.78 -23.41 -82.94
C ILE C 302 47.27 -22.06 -82.45
N THR C 303 46.08 -21.69 -82.90
CA THR C 303 45.45 -20.44 -82.53
C THR C 303 44.37 -20.70 -81.48
N ASN C 304 43.59 -19.66 -81.17
CA ASN C 304 42.55 -19.70 -80.15
C ASN C 304 43.10 -20.04 -78.77
N MET C 305 44.39 -19.77 -78.57
CA MET C 305 45.05 -20.03 -77.30
C MET C 305 44.69 -18.94 -76.30
N PRO C 306 44.95 -19.16 -75.01
CA PRO C 306 44.72 -18.10 -74.02
C PRO C 306 45.46 -16.82 -74.40
N LEU C 307 44.79 -15.69 -74.22
CA LEU C 307 45.35 -14.40 -74.62
C LEU C 307 46.46 -13.97 -73.66
N GLU C 308 47.11 -12.87 -74.01
CA GLU C 308 48.31 -12.41 -73.34
C GLU C 308 48.08 -11.02 -72.76
N PHE C 309 48.53 -10.81 -71.52
CA PHE C 309 48.44 -9.52 -70.84
C PHE C 309 49.88 -9.05 -70.62
N ALA C 310 50.41 -8.31 -71.60
CA ALA C 310 51.80 -7.93 -71.59
C ALA C 310 52.05 -6.79 -70.62
N ALA C 311 53.28 -6.25 -70.65
CA ALA C 311 53.62 -5.16 -69.76
C ALA C 311 52.76 -3.93 -70.03
N ASP C 312 52.56 -3.60 -71.30
CA ASP C 312 51.58 -2.58 -71.66
C ASP C 312 50.18 -3.10 -71.34
N ASP C 313 49.32 -2.20 -70.86
CA ASP C 313 48.01 -2.62 -70.40
C ASP C 313 47.08 -2.92 -71.57
N GLN C 314 47.41 -3.93 -72.35
CA GLN C 314 46.60 -4.36 -73.48
C GLN C 314 46.57 -5.88 -73.52
N ILE C 315 45.39 -6.44 -73.77
CA ILE C 315 45.22 -7.88 -73.88
C ILE C 315 45.13 -8.23 -75.36
N ILE C 316 46.08 -9.04 -75.82
CA ILE C 316 46.17 -9.39 -77.24
C ILE C 316 46.36 -10.90 -77.39
N PRO C 317 45.82 -11.52 -78.43
CA PRO C 317 46.05 -12.95 -78.64
C PRO C 317 47.51 -13.23 -78.98
N ARG C 318 47.96 -14.43 -78.60
CA ARG C 318 49.31 -14.87 -78.87
C ARG C 318 49.26 -16.30 -79.39
N ASP C 319 49.77 -16.51 -80.60
CA ASP C 319 49.81 -17.84 -81.17
C ASP C 319 50.87 -18.69 -80.47
N PHE C 320 50.57 -19.99 -80.36
CA PHE C 320 51.48 -20.94 -79.72
C PHE C 320 52.18 -21.79 -80.77
N GLU C 321 53.42 -22.15 -80.46
CA GLU C 321 54.23 -22.91 -81.41
C GLU C 321 53.70 -24.32 -81.58
N GLY C 322 53.93 -24.89 -82.77
CA GLY C 322 53.56 -26.25 -83.08
C GLY C 322 54.72 -27.20 -82.94
N ARG C 323 54.62 -28.33 -83.64
CA ARG C 323 55.68 -29.32 -83.62
C ARG C 323 56.95 -28.75 -84.26
N LEU C 324 58.09 -29.01 -83.63
CA LEU C 324 59.36 -28.47 -84.09
C LEU C 324 60.41 -29.54 -84.39
N ALA C 325 60.14 -30.80 -84.08
CA ALA C 325 61.10 -31.86 -84.34
C ALA C 325 60.39 -33.20 -84.33
N GLY C 326 60.80 -34.08 -85.25
CA GLY C 326 60.26 -35.43 -85.29
C GLY C 326 58.83 -35.48 -85.82
N ASP C 327 58.17 -36.58 -85.49
CA ASP C 327 56.78 -36.80 -85.90
C ASP C 327 55.91 -37.11 -84.70
N ASP C 328 54.66 -37.52 -84.94
CA ASP C 328 53.74 -37.81 -83.87
C ASP C 328 54.08 -39.06 -83.09
N GLU C 329 55.01 -39.88 -83.59
CA GLU C 329 55.40 -41.10 -82.88
C GLU C 329 56.36 -40.82 -81.73
N ASN C 330 57.39 -40.00 -81.96
CA ASN C 330 58.34 -39.65 -80.92
C ASN C 330 58.03 -38.33 -80.25
N ASN C 331 57.40 -37.39 -80.96
CA ASN C 331 56.98 -36.10 -80.41
C ASN C 331 55.46 -36.08 -80.46
N GLU C 332 54.84 -36.63 -79.42
CA GLU C 332 53.39 -36.78 -79.39
C GLU C 332 52.72 -35.45 -79.08
N ASP C 333 51.46 -35.33 -79.52
CA ASP C 333 50.69 -34.13 -79.23
C ASP C 333 50.42 -34.05 -77.73
N PRO C 334 50.47 -32.86 -77.14
CA PRO C 334 50.20 -32.74 -75.70
C PRO C 334 48.74 -32.96 -75.36
N GLY C 335 48.39 -32.81 -74.08
CA GLY C 335 47.04 -33.11 -73.65
C GLY C 335 45.98 -32.23 -74.28
N PHE C 336 46.31 -30.95 -74.52
CA PHE C 336 45.33 -30.00 -75.01
C PHE C 336 45.24 -29.95 -76.53
N VAL C 337 46.00 -30.79 -77.24
CA VAL C 337 45.91 -30.91 -78.68
C VAL C 337 45.23 -32.21 -79.08
N GLU C 338 45.61 -33.33 -78.45
CA GLU C 338 44.90 -34.58 -78.67
C GLU C 338 43.45 -34.46 -78.22
N ASN C 339 43.23 -33.84 -77.07
CA ASN C 339 41.89 -33.50 -76.60
C ASN C 339 41.66 -32.02 -76.83
N GLY C 340 40.55 -31.69 -77.51
CA GLY C 340 40.29 -30.30 -77.90
C GLY C 340 39.97 -29.39 -76.72
N TYR C 341 39.75 -29.95 -75.52
CA TYR C 341 39.36 -29.15 -74.37
C TYR C 341 40.58 -28.74 -73.55
N ILE C 342 40.50 -27.56 -72.96
CA ILE C 342 41.49 -27.08 -71.99
C ILE C 342 40.74 -26.74 -70.71
N THR C 343 41.16 -27.34 -69.60
CA THR C 343 40.48 -27.20 -68.32
C THR C 343 41.50 -26.75 -67.26
N GLY C 344 41.68 -25.45 -67.15
CA GLY C 344 42.52 -24.89 -66.11
C GLY C 344 43.91 -24.55 -66.60
N ILE C 345 44.51 -23.53 -65.96
CA ILE C 345 45.84 -23.07 -66.29
C ILE C 345 46.60 -22.83 -64.99
N ALA C 346 47.92 -22.90 -65.07
CA ALA C 346 48.78 -22.68 -63.91
C ALA C 346 50.16 -22.30 -64.39
N ALA C 347 50.97 -21.80 -63.46
CA ALA C 347 52.35 -21.39 -63.74
C ALA C 347 53.26 -22.01 -62.68
N PHE C 348 53.85 -23.16 -63.00
CA PHE C 348 54.81 -23.81 -62.13
C PHE C 348 56.19 -23.19 -62.37
N GLN C 349 57.25 -23.84 -61.88
CA GLN C 349 58.57 -23.23 -61.85
C GLN C 349 59.08 -23.06 -63.29
N GLY C 350 58.92 -21.85 -63.83
CA GLY C 350 59.44 -21.53 -65.13
C GLY C 350 58.61 -21.98 -66.30
N ARG C 351 57.61 -22.85 -66.09
CA ARG C 351 56.84 -23.43 -67.17
C ARG C 351 55.37 -23.08 -67.01
N LEU C 352 54.69 -22.87 -68.14
CA LEU C 352 53.25 -22.68 -68.14
C LEU C 352 52.56 -24.04 -68.13
N VAL C 353 51.51 -24.16 -67.32
CA VAL C 353 50.80 -25.42 -67.12
C VAL C 353 49.42 -25.28 -67.73
N LEU C 354 49.06 -26.23 -68.61
CA LEU C 354 47.77 -26.23 -69.30
C LEU C 354 47.11 -27.58 -69.07
N LEU C 355 46.33 -27.70 -68.00
CA LEU C 355 45.61 -28.93 -67.72
C LEU C 355 44.54 -29.16 -68.76
N SER C 356 44.41 -30.41 -69.22
CA SER C 356 43.43 -30.73 -70.25
C SER C 356 43.00 -32.19 -70.04
N GLY C 357 41.86 -32.37 -69.37
CA GLY C 357 41.28 -33.69 -69.21
C GLY C 357 42.20 -34.73 -68.59
N SER C 358 42.55 -34.54 -67.32
CA SER C 358 43.41 -35.46 -66.58
C SER C 358 44.79 -35.61 -67.20
N ARG C 359 45.21 -34.61 -67.98
CA ARG C 359 46.54 -34.59 -68.59
C ARG C 359 47.18 -33.24 -68.29
N VAL C 360 48.40 -33.28 -67.77
CA VAL C 360 49.13 -32.07 -67.37
C VAL C 360 50.24 -31.84 -68.39
N SER C 361 50.26 -30.65 -68.99
CA SER C 361 51.26 -30.28 -69.98
C SER C 361 52.02 -29.06 -69.49
N MET C 362 53.34 -29.16 -69.46
CA MET C 362 54.21 -28.05 -69.05
C MET C 362 55.09 -27.66 -70.21
N SER C 363 55.15 -26.36 -70.49
CA SER C 363 55.93 -25.85 -71.61
C SER C 363 57.42 -25.88 -71.27
N ALA C 364 58.23 -25.38 -72.20
CA ALA C 364 59.66 -25.29 -71.96
C ALA C 364 59.95 -24.24 -70.89
N SER C 365 61.16 -24.33 -70.31
CA SER C 365 61.53 -23.43 -69.24
C SER C 365 61.59 -21.99 -69.73
N GLY C 366 62.44 -21.71 -70.72
CA GLY C 366 62.60 -20.35 -71.20
C GLY C 366 61.49 -19.88 -72.12
N LEU C 367 60.74 -20.80 -72.72
CA LEU C 367 59.71 -20.47 -73.69
C LEU C 367 58.38 -21.03 -73.22
N TYR C 368 57.43 -20.13 -72.95
CA TYR C 368 56.12 -20.52 -72.42
C TYR C 368 55.12 -20.92 -73.51
N GLN C 369 55.42 -20.63 -74.77
CA GLN C 369 54.53 -20.99 -75.87
C GLN C 369 54.96 -22.27 -76.58
N ARG C 370 56.02 -22.93 -76.11
CA ARG C 370 56.52 -24.15 -76.73
C ARG C 370 56.03 -25.33 -75.92
N PHE C 371 55.00 -26.02 -76.41
CA PHE C 371 54.47 -27.23 -75.78
C PHE C 371 54.82 -28.47 -76.57
N TYR C 372 55.85 -28.40 -77.41
CA TYR C 372 56.31 -29.54 -78.20
C TYR C 372 57.82 -29.67 -78.03
N ARG C 373 58.30 -30.91 -78.17
CA ARG C 373 59.73 -31.15 -78.03
C ARG C 373 60.51 -30.44 -79.12
N SER C 374 61.54 -29.71 -78.72
CA SER C 374 62.35 -28.95 -79.67
C SER C 374 63.40 -29.83 -80.36
N THR C 375 63.66 -31.03 -79.86
CA THR C 375 64.62 -31.92 -80.48
C THR C 375 64.22 -33.35 -80.18
N VAL C 376 64.74 -34.27 -81.01
CA VAL C 376 64.41 -35.68 -80.88
C VAL C 376 65.65 -36.54 -80.60
N VAL C 377 66.85 -36.06 -80.91
CA VAL C 377 68.06 -36.86 -80.72
C VAL C 377 68.22 -37.26 -79.26
N ASN C 378 68.02 -36.31 -78.35
CA ASN C 378 68.11 -36.58 -76.92
C ASN C 378 66.94 -35.91 -76.21
N LEU C 379 66.47 -36.56 -75.15
CA LEU C 379 65.39 -36.02 -74.33
C LEU C 379 65.97 -34.94 -73.44
N LEU C 380 65.99 -33.71 -73.96
CA LEU C 380 66.63 -32.61 -73.27
C LEU C 380 65.84 -32.19 -72.04
N ASP C 381 66.55 -31.73 -71.01
CA ASP C 381 65.92 -31.11 -69.87
C ASP C 381 65.46 -29.70 -70.25
N THR C 382 64.67 -29.10 -69.35
CA THR C 382 64.04 -27.81 -69.61
C THR C 382 63.27 -27.83 -70.92
N ASP C 383 62.53 -28.92 -71.14
CA ASP C 383 61.79 -29.12 -72.38
C ASP C 383 60.32 -29.41 -72.07
N ARG C 384 59.57 -29.84 -73.09
CA ARG C 384 58.16 -30.13 -72.90
C ARG C 384 57.97 -31.24 -71.87
N ILE C 385 56.94 -31.10 -71.05
CA ILE C 385 56.55 -32.11 -70.07
C ILE C 385 55.10 -32.48 -70.33
N ASP C 386 54.85 -33.77 -70.53
CA ASP C 386 53.50 -34.26 -70.80
C ASP C 386 53.27 -35.53 -69.97
N ILE C 387 52.43 -35.42 -68.95
CA ILE C 387 52.17 -36.51 -68.03
C ILE C 387 50.67 -36.65 -67.83
N GLY C 388 50.26 -37.83 -67.35
CA GLY C 388 48.87 -38.10 -67.11
C GLY C 388 48.68 -38.97 -65.88
N ALA C 389 47.43 -39.00 -65.41
CA ALA C 389 47.07 -39.78 -64.23
C ALA C 389 45.70 -40.41 -64.43
N ALA C 390 45.58 -41.66 -64.01
CA ALA C 390 44.32 -42.39 -64.09
C ALA C 390 43.54 -42.26 -62.79
N SER C 391 42.24 -42.53 -62.87
CA SER C 391 41.35 -42.40 -61.73
C SER C 391 40.27 -43.47 -61.79
N ALA C 392 39.66 -43.74 -60.64
CA ALA C 392 38.56 -44.70 -60.57
C ALA C 392 37.38 -44.22 -61.40
N GLN C 393 37.07 -42.93 -61.35
CA GLN C 393 36.04 -42.31 -62.16
C GLN C 393 36.70 -41.36 -63.15
N ASP C 394 36.13 -41.28 -64.35
CA ASP C 394 36.74 -40.50 -65.42
C ASP C 394 36.58 -39.00 -65.18
N SER C 395 37.26 -38.48 -64.15
CA SER C 395 37.22 -37.05 -63.86
C SER C 395 38.36 -36.34 -64.58
N VAL C 396 38.26 -35.01 -64.61
CA VAL C 396 39.26 -34.18 -65.29
C VAL C 396 39.81 -33.16 -64.30
N PHE C 397 41.03 -32.71 -64.57
CA PHE C 397 41.66 -31.68 -63.76
C PHE C 397 41.14 -30.31 -64.17
N ARG C 398 40.75 -29.51 -63.20
CA ARG C 398 40.19 -28.18 -63.47
C ARG C 398 40.98 -27.05 -62.84
N ALA C 399 41.52 -27.24 -61.64
CA ALA C 399 42.22 -26.19 -60.93
C ALA C 399 43.56 -26.71 -60.42
N ALA C 400 44.61 -25.91 -60.60
CA ALA C 400 45.93 -26.21 -60.10
C ALA C 400 46.41 -25.07 -59.21
N LEU C 401 47.05 -25.43 -58.10
CA LEU C 401 47.48 -24.45 -57.12
C LEU C 401 48.94 -24.69 -56.75
N GLN C 402 49.67 -23.61 -56.50
CA GLN C 402 51.07 -23.68 -56.13
C GLN C 402 51.16 -23.54 -54.62
N PHE C 403 51.32 -24.67 -53.93
CA PHE C 403 51.42 -24.68 -52.48
C PHE C 403 52.87 -24.42 -52.09
N ASN C 404 53.21 -24.65 -50.81
CA ASN C 404 54.50 -24.27 -50.25
C ASN C 404 55.67 -24.56 -51.19
N ARG C 405 55.83 -25.82 -51.57
CA ARG C 405 56.89 -26.20 -52.51
C ARG C 405 56.42 -27.22 -53.53
N ASP C 406 55.13 -27.50 -53.61
CA ASP C 406 54.60 -28.49 -54.54
C ASP C 406 53.40 -27.91 -55.27
N LEU C 407 53.18 -28.40 -56.49
CA LEU C 407 52.03 -28.00 -57.29
C LEU C 407 50.90 -28.99 -57.05
N VAL C 408 49.81 -28.52 -56.46
CA VAL C 408 48.64 -29.35 -56.16
C VAL C 408 47.64 -29.15 -57.28
N VAL C 409 47.25 -30.25 -57.92
CA VAL C 409 46.31 -30.22 -59.04
C VAL C 409 45.01 -30.87 -58.59
N PHE C 410 43.91 -30.13 -58.69
CA PHE C 410 42.62 -30.57 -58.19
C PHE C 410 41.71 -31.00 -59.34
N GLY C 411 40.79 -31.91 -59.03
CA GLY C 411 39.83 -32.38 -60.00
C GLY C 411 38.48 -32.60 -59.35
N ASP C 412 37.48 -32.88 -60.20
CA ASP C 412 36.12 -33.05 -59.69
C ASP C 412 36.02 -34.24 -58.75
N SER C 413 36.79 -35.30 -59.00
CA SER C 413 36.75 -36.48 -58.14
C SER C 413 38.14 -37.02 -57.84
N MET C 414 39.17 -36.19 -57.90
CA MET C 414 40.54 -36.64 -57.71
C MET C 414 41.43 -35.46 -57.38
N GLN C 415 42.35 -35.66 -56.44
CA GLN C 415 43.33 -34.66 -56.05
C GLN C 415 44.72 -35.24 -56.18
N ALA C 416 45.63 -34.48 -56.80
CA ALA C 416 46.99 -34.95 -57.05
C ALA C 416 47.96 -33.85 -56.69
N VAL C 417 49.19 -34.27 -56.36
CA VAL C 417 50.26 -33.36 -55.98
C VAL C 417 51.48 -33.66 -56.85
N ILE C 418 52.14 -32.61 -57.33
CA ILE C 418 53.36 -32.73 -58.12
C ILE C 418 54.51 -32.22 -57.27
N ALA C 419 55.49 -33.09 -57.02
CA ALA C 419 56.61 -32.72 -56.16
C ALA C 419 57.47 -31.65 -56.82
N GLY C 420 57.88 -30.66 -56.03
CA GLY C 420 58.69 -29.58 -56.54
C GLY C 420 59.94 -29.33 -55.71
N ASN C 421 60.30 -30.31 -54.88
CA ASN C 421 61.51 -30.16 -54.08
C ASN C 421 62.75 -30.07 -54.95
N ALA C 422 62.80 -30.87 -56.03
CA ALA C 422 63.89 -30.83 -56.99
C ALA C 422 63.34 -30.40 -58.35
N VAL C 423 64.23 -29.85 -59.17
CA VAL C 423 63.84 -29.42 -60.51
C VAL C 423 63.32 -30.63 -61.29
N LEU C 424 62.19 -30.43 -61.98
CA LEU C 424 61.52 -31.52 -62.68
C LEU C 424 61.84 -31.46 -64.16
N THR C 425 62.22 -32.59 -64.71
CA THR C 425 62.52 -32.79 -66.11
C THR C 425 61.53 -33.79 -66.71
N PRO C 426 61.39 -33.82 -68.04
CA PRO C 426 60.49 -34.81 -68.65
C PRO C 426 60.86 -36.25 -68.31
N THR C 427 62.12 -36.52 -67.98
CA THR C 427 62.50 -37.87 -67.60
C THR C 427 61.91 -38.26 -66.25
N ASN C 428 61.96 -37.36 -65.27
CA ASN C 428 61.55 -37.65 -63.90
C ASN C 428 60.21 -37.04 -63.53
N ALA C 429 59.44 -36.55 -64.49
CA ALA C 429 58.15 -35.94 -64.21
C ALA C 429 57.07 -37.01 -64.13
N SER C 430 56.34 -37.04 -63.02
CA SER C 430 55.26 -37.99 -62.83
C SER C 430 54.27 -37.40 -61.85
N ILE C 431 53.01 -37.83 -61.97
CA ILE C 431 51.92 -37.35 -61.13
C ILE C 431 51.21 -38.55 -60.51
N ALA C 432 50.97 -38.48 -59.21
CA ALA C 432 50.30 -39.55 -58.49
C ALA C 432 49.17 -38.96 -57.64
N LEU C 433 48.03 -39.63 -57.66
CA LEU C 433 46.88 -39.16 -56.91
C LEU C 433 47.11 -39.30 -55.41
N THR C 434 46.58 -38.34 -54.65
CA THR C 434 46.63 -38.39 -53.19
C THR C 434 45.34 -38.94 -52.59
N SER C 435 44.19 -38.45 -53.06
CA SER C 435 42.90 -38.94 -52.58
C SER C 435 41.85 -38.63 -53.62
N GLU C 436 41.01 -39.61 -53.92
CA GLU C 436 39.94 -39.45 -54.90
C GLU C 436 38.62 -39.10 -54.19
N PHE C 437 38.59 -37.90 -53.64
CA PHE C 437 37.41 -37.40 -52.95
C PHE C 437 36.65 -36.44 -53.86
N SER C 438 35.33 -36.38 -53.65
CA SER C 438 34.50 -35.46 -54.41
C SER C 438 34.91 -34.02 -54.14
N CYS C 439 34.95 -33.22 -55.20
CA CYS C 439 35.46 -31.86 -55.10
C CYS C 439 34.75 -30.97 -56.12
N ASP C 440 34.56 -29.72 -55.74
CA ASP C 440 34.07 -28.69 -56.65
C ASP C 440 35.26 -27.90 -57.20
N SER C 441 36.05 -28.60 -58.02
CA SER C 441 37.31 -28.05 -58.53
C SER C 441 37.11 -26.91 -59.52
N ARG C 442 35.87 -26.66 -59.95
CA ARG C 442 35.63 -25.58 -60.91
C ARG C 442 36.10 -24.24 -60.37
N VAL C 443 36.04 -24.04 -59.06
CA VAL C 443 36.54 -22.83 -58.42
C VAL C 443 37.97 -23.07 -57.96
N ILE C 444 38.82 -22.05 -58.08
CA ILE C 444 40.23 -22.16 -57.74
C ILE C 444 40.40 -22.23 -56.22
N PRO C 445 41.02 -23.28 -55.69
CA PRO C 445 41.29 -23.31 -54.25
C PRO C 445 42.31 -22.25 -53.86
N VAL C 446 42.22 -21.82 -52.61
CA VAL C 446 43.07 -20.76 -52.07
C VAL C 446 43.77 -21.27 -50.82
N VAL C 447 45.04 -20.89 -50.67
CA VAL C 447 45.83 -21.27 -49.50
C VAL C 447 45.43 -20.37 -48.34
N THR C 448 44.92 -20.97 -47.27
CA THR C 448 44.57 -20.25 -46.06
C THR C 448 45.53 -20.65 -44.94
N GLY C 449 46.22 -19.67 -44.39
CA GLY C 449 47.20 -19.94 -43.35
C GLY C 449 48.27 -20.91 -43.81
N GLN C 450 48.22 -22.14 -43.30
CA GLN C 450 49.16 -23.19 -43.68
C GLN C 450 48.50 -24.30 -44.48
N THR C 451 47.23 -24.17 -44.84
CA THR C 451 46.48 -25.24 -45.50
C THR C 451 45.72 -24.69 -46.70
N VAL C 452 45.22 -25.62 -47.51
CA VAL C 452 44.43 -25.29 -48.71
C VAL C 452 42.97 -25.54 -48.40
N LEU C 453 42.13 -24.60 -48.79
CA LEU C 453 40.68 -24.69 -48.58
C LEU C 453 40.00 -24.70 -49.94
N TYR C 454 39.46 -25.86 -50.33
CA TYR C 454 38.79 -26.02 -51.61
C TYR C 454 37.34 -26.42 -51.40
N ALA C 455 36.51 -26.06 -52.38
CA ALA C 455 35.07 -26.24 -52.28
C ALA C 455 34.67 -27.69 -52.54
N SER C 456 33.44 -28.00 -52.15
CA SER C 456 32.85 -29.32 -52.40
C SER C 456 31.34 -29.18 -52.28
N ARG C 457 30.63 -30.15 -52.82
CA ARG C 457 29.17 -30.20 -52.75
C ARG C 457 28.77 -31.40 -51.91
N ARG C 458 28.23 -31.14 -50.71
CA ARG C 458 27.72 -32.19 -49.85
C ARG C 458 26.27 -32.54 -50.18
N ASN C 459 25.62 -31.76 -51.04
CA ASN C 459 24.25 -32.00 -51.44
C ASN C 459 24.01 -31.28 -52.75
N SER C 460 22.93 -31.67 -53.44
CA SER C 460 22.59 -31.02 -54.70
C SER C 460 22.18 -29.56 -54.51
N ASP C 461 21.86 -29.15 -53.29
CA ASP C 461 21.40 -27.80 -53.02
C ASP C 461 22.30 -27.03 -52.06
N TYR C 462 23.41 -27.62 -51.61
CA TYR C 462 24.30 -26.96 -50.66
C TYR C 462 25.73 -27.34 -50.97
N ALA C 463 26.66 -26.51 -50.49
CA ALA C 463 28.08 -26.68 -50.74
C ALA C 463 28.82 -26.84 -49.41
N GLY C 464 30.13 -27.01 -49.51
CA GLY C 464 30.99 -27.14 -48.35
C GLY C 464 32.43 -26.90 -48.74
N LEU C 465 33.29 -26.87 -47.73
CA LEU C 465 34.71 -26.64 -47.93
C LEU C 465 35.51 -27.76 -47.29
N LEU C 466 36.60 -28.16 -47.93
CA LEU C 466 37.51 -29.18 -47.43
C LEU C 466 38.88 -28.59 -47.22
N GLU C 467 39.57 -29.07 -46.18
CA GLU C 467 40.89 -28.56 -45.82
C GLU C 467 41.95 -29.58 -46.21
N PHE C 468 42.98 -29.11 -46.93
CA PHE C 468 44.03 -29.98 -47.46
C PHE C 468 45.23 -29.87 -46.52
N ILE C 469 45.19 -30.68 -45.46
CA ILE C 469 46.21 -30.60 -44.40
C ILE C 469 47.52 -31.20 -44.91
N PRO C 470 48.63 -30.46 -44.86
CA PRO C 470 49.93 -31.06 -45.18
C PRO C 470 50.57 -31.72 -43.96
N SER C 471 51.26 -32.82 -44.20
CA SER C 471 51.92 -33.54 -43.11
C SER C 471 53.09 -32.74 -42.59
N ALA C 472 53.26 -32.76 -41.26
CA ALA C 472 54.32 -31.99 -40.61
C ALA C 472 55.63 -32.76 -40.51
N TYR C 473 55.67 -34.02 -40.93
CA TYR C 473 56.87 -34.83 -40.85
C TYR C 473 57.45 -35.13 -42.22
N THR C 474 56.64 -35.68 -43.13
CA THR C 474 57.10 -36.02 -44.47
C THR C 474 56.95 -34.81 -45.39
N SER C 475 57.83 -34.73 -46.38
CA SER C 475 57.88 -33.55 -47.24
C SER C 475 56.61 -33.37 -48.06
N SER C 476 56.08 -34.46 -48.63
CA SER C 476 55.01 -34.35 -49.60
C SER C 476 53.86 -35.32 -49.32
N GLN C 477 53.44 -35.43 -48.06
CA GLN C 477 52.24 -36.18 -47.72
C GLN C 477 51.13 -35.21 -47.32
N TYR C 478 49.94 -35.45 -47.84
CA TYR C 478 48.79 -34.57 -47.61
C TYR C 478 47.57 -35.39 -47.24
N VAL C 479 46.81 -34.90 -46.27
CA VAL C 479 45.57 -35.52 -45.84
C VAL C 479 44.48 -34.45 -45.85
N SER C 480 43.29 -34.81 -46.32
CA SER C 480 42.19 -33.88 -46.46
C SER C 480 41.07 -34.26 -45.50
N GLN C 481 40.63 -33.29 -44.70
CA GLN C 481 39.54 -33.47 -43.77
C GLN C 481 38.54 -32.34 -43.95
N ASP C 482 37.25 -32.67 -43.83
CA ASP C 482 36.20 -31.68 -44.01
C ASP C 482 36.27 -30.62 -42.91
N ALA C 483 36.16 -29.36 -43.31
CA ALA C 483 36.25 -28.25 -42.37
C ALA C 483 34.90 -27.66 -42.00
N THR C 484 33.88 -27.83 -42.84
CA THR C 484 32.54 -27.29 -42.59
C THR C 484 31.57 -28.38 -42.17
N VAL C 485 32.02 -29.34 -41.36
CA VAL C 485 31.14 -30.39 -40.87
C VAL C 485 30.03 -29.79 -40.01
N HIS C 486 30.38 -28.84 -39.14
CA HIS C 486 29.41 -28.23 -38.24
C HIS C 486 28.44 -27.29 -38.96
N LEU C 487 28.64 -27.04 -40.26
CA LEU C 487 27.76 -26.17 -41.04
C LEU C 487 27.32 -26.89 -42.30
N PRO C 488 26.48 -27.92 -42.18
CA PRO C 488 26.00 -28.63 -43.38
C PRO C 488 25.09 -27.75 -44.24
N ARG C 489 24.03 -27.22 -43.63
CA ARG C 489 23.06 -26.38 -44.34
C ARG C 489 23.34 -24.90 -44.06
N TYR C 490 24.51 -24.44 -44.52
CA TYR C 490 24.93 -23.07 -44.28
C TYR C 490 25.41 -22.34 -45.53
N ILE C 491 25.69 -23.05 -46.61
CA ILE C 491 26.16 -22.44 -47.85
C ILE C 491 25.26 -22.90 -48.99
N PRO C 492 24.09 -22.28 -49.18
CA PRO C 492 23.20 -22.70 -50.26
C PRO C 492 23.83 -22.50 -51.62
N GLY C 493 23.45 -23.37 -52.56
CA GLY C 493 24.00 -23.31 -53.90
C GLY C 493 25.40 -23.85 -54.00
N ARG C 494 26.25 -23.19 -54.78
CA ARG C 494 27.63 -23.59 -54.95
C ARG C 494 28.56 -22.41 -54.70
N VAL C 495 29.79 -22.72 -54.32
CA VAL C 495 30.79 -21.68 -54.09
C VAL C 495 31.26 -21.16 -55.43
N MET C 496 31.27 -19.83 -55.59
CA MET C 496 31.62 -19.21 -56.86
C MET C 496 33.01 -18.59 -56.87
N ASP C 497 33.52 -18.13 -55.72
CA ASP C 497 34.82 -17.48 -55.70
C ASP C 497 35.44 -17.64 -54.32
N MET C 498 36.78 -17.65 -54.29
CA MET C 498 37.53 -17.71 -53.05
C MET C 498 38.66 -16.70 -53.10
N GLN C 499 38.85 -15.97 -52.00
CA GLN C 499 39.94 -15.01 -51.87
C GLN C 499 40.43 -15.00 -50.43
N VAL C 500 41.71 -14.70 -50.26
CA VAL C 500 42.35 -14.66 -48.95
C VAL C 500 43.11 -13.36 -48.82
N SER C 501 42.93 -12.68 -47.68
CA SER C 501 43.73 -11.52 -47.32
C SER C 501 44.83 -12.00 -46.38
N SER C 502 46.02 -12.22 -46.94
CA SER C 502 47.10 -12.85 -46.19
C SER C 502 47.61 -11.98 -45.04
N VAL C 503 47.31 -10.69 -45.05
CA VAL C 503 47.82 -9.81 -44.00
C VAL C 503 46.89 -9.75 -42.79
N THR C 504 45.59 -9.94 -42.98
CA THR C 504 44.62 -9.89 -41.89
C THR C 504 44.11 -11.25 -41.47
N ASN C 505 44.60 -12.33 -42.10
CA ASN C 505 44.20 -13.70 -41.77
C ASN C 505 42.68 -13.87 -41.89
N VAL C 506 42.12 -13.40 -42.99
CA VAL C 506 40.69 -13.51 -43.25
C VAL C 506 40.49 -14.00 -44.67
N ALA C 507 39.39 -14.72 -44.89
CA ALA C 507 39.06 -15.26 -46.20
C ALA C 507 37.58 -15.01 -46.49
N PHE C 508 37.29 -14.64 -47.74
CA PHE C 508 35.94 -14.35 -48.18
C PHE C 508 35.53 -15.32 -49.27
N PHE C 509 34.33 -15.89 -49.15
CA PHE C 509 33.80 -16.83 -50.13
C PHE C 509 32.45 -16.32 -50.63
N ARG C 510 32.26 -16.29 -51.94
CA ARG C 510 31.02 -15.89 -52.56
C ARG C 510 30.30 -17.13 -53.07
N TYR C 511 29.06 -17.32 -52.62
CA TYR C 511 28.27 -18.50 -53.00
C TYR C 511 27.01 -18.07 -53.72
N SER C 512 26.47 -18.99 -54.52
CA SER C 512 25.34 -18.71 -55.39
C SER C 512 24.01 -18.70 -54.68
N GLY C 513 23.95 -19.13 -53.42
CA GLY C 513 22.70 -19.17 -52.69
C GLY C 513 22.09 -17.80 -52.48
N GLU C 514 22.75 -16.95 -51.71
CA GLU C 514 22.32 -15.59 -51.46
C GLU C 514 23.29 -14.66 -52.21
N ARG C 515 22.77 -13.97 -53.23
CA ARG C 515 23.63 -13.13 -54.06
C ARG C 515 24.15 -11.93 -53.30
N THR C 516 23.39 -11.43 -52.31
CA THR C 516 23.77 -10.24 -51.57
C THR C 516 24.63 -10.53 -50.35
N SER C 517 24.89 -11.80 -50.04
CA SER C 517 25.66 -12.19 -48.87
C SER C 517 27.03 -12.70 -49.27
N VAL C 518 27.88 -12.91 -48.26
CA VAL C 518 29.23 -13.41 -48.47
C VAL C 518 29.73 -14.08 -47.18
N LEU C 519 30.33 -15.25 -47.32
CA LEU C 519 30.84 -15.98 -46.16
C LEU C 519 32.26 -15.51 -45.83
N VAL C 520 32.55 -15.43 -44.53
CA VAL C 520 33.81 -14.90 -44.03
C VAL C 520 34.48 -15.96 -43.17
N TYR C 521 35.77 -16.18 -43.38
CA TYR C 521 36.56 -17.14 -42.63
C TYR C 521 37.72 -16.41 -41.94
N GLU C 522 37.84 -16.60 -40.63
CA GLU C 522 38.93 -16.04 -39.85
C GLU C 522 39.74 -17.18 -39.25
N PHE C 523 41.06 -17.12 -39.42
CA PHE C 523 41.95 -18.19 -38.99
C PHE C 523 43.16 -17.61 -38.27
N LEU C 524 43.74 -18.41 -37.38
CA LEU C 524 44.93 -18.01 -36.66
C LEU C 524 45.67 -19.28 -36.25
N TRP C 525 46.85 -19.49 -36.81
CA TRP C 525 47.64 -20.69 -36.56
C TRP C 525 48.64 -20.42 -35.44
N GLY C 526 48.59 -21.25 -34.41
CA GLY C 526 49.48 -21.15 -33.27
C GLY C 526 50.68 -22.08 -33.39
N GLU C 527 51.25 -22.42 -32.24
CA GLU C 527 52.41 -23.31 -32.21
C GLU C 527 52.01 -24.73 -32.56
N ASP C 528 52.98 -25.48 -33.10
CA ASP C 528 52.81 -26.89 -33.45
C ASP C 528 51.69 -27.08 -34.48
N ALA C 529 51.51 -26.07 -35.33
CA ALA C 529 50.53 -26.11 -36.42
C ALA C 529 49.14 -26.46 -35.91
N LYS C 530 48.74 -25.78 -34.84
CA LYS C 530 47.41 -25.96 -34.24
C LYS C 530 46.58 -24.72 -34.54
N ARG C 531 45.41 -24.94 -35.13
CA ARG C 531 44.52 -23.83 -35.50
C ARG C 531 43.92 -23.22 -34.24
N ALA C 532 44.40 -22.03 -33.87
CA ALA C 532 43.92 -21.39 -32.65
C ALA C 532 42.52 -20.80 -32.81
N GLN C 533 42.21 -20.27 -33.99
CA GLN C 533 40.91 -19.64 -34.22
C GLN C 533 40.33 -20.12 -35.54
N GLY C 534 39.05 -20.50 -35.52
CA GLY C 534 38.32 -20.77 -36.74
C GLY C 534 36.95 -20.14 -36.70
N ALA C 535 36.69 -19.21 -37.61
CA ALA C 535 35.44 -18.46 -37.62
C ALA C 535 34.77 -18.58 -38.98
N TYR C 536 33.45 -18.70 -38.97
CA TYR C 536 32.68 -18.88 -40.19
C TYR C 536 31.43 -18.02 -40.16
N HIS C 537 31.58 -16.76 -39.77
CA HIS C 537 30.45 -15.85 -39.73
C HIS C 537 30.06 -15.42 -41.15
N LYS C 538 29.00 -14.63 -41.24
CA LYS C 538 28.42 -14.24 -42.51
C LYS C 538 28.25 -12.73 -42.58
N TRP C 539 28.36 -12.18 -43.78
CA TRP C 539 28.20 -10.75 -44.02
C TRP C 539 27.10 -10.54 -45.06
N VAL C 540 26.44 -9.39 -44.97
CA VAL C 540 25.33 -9.03 -45.85
C VAL C 540 25.60 -7.66 -46.44
N LEU C 541 25.47 -7.54 -47.76
CA LEU C 541 25.69 -6.28 -48.45
C LEU C 541 24.39 -5.75 -49.04
N PRO C 542 24.23 -4.43 -49.15
CA PRO C 542 23.00 -3.88 -49.72
C PRO C 542 22.73 -4.31 -51.14
N TYR C 543 23.77 -4.49 -51.95
CA TYR C 543 23.62 -4.85 -53.36
C TYR C 543 24.19 -6.23 -53.61
N ASP C 544 23.66 -6.90 -54.63
CA ASP C 544 24.16 -8.21 -55.01
C ASP C 544 25.61 -8.11 -55.48
N VAL C 545 26.44 -9.01 -55.00
CA VAL C 545 27.86 -9.01 -55.33
C VAL C 545 28.07 -9.84 -56.60
N LEU C 546 29.00 -9.39 -57.44
CA LEU C 546 29.32 -10.07 -58.69
C LEU C 546 30.68 -10.76 -58.65
N SER C 547 31.70 -10.10 -58.10
CA SER C 547 33.01 -10.71 -57.97
C SER C 547 33.77 -9.95 -56.88
N LEU C 548 34.85 -10.56 -56.40
CA LEU C 548 35.65 -9.95 -55.35
C LEU C 548 37.07 -10.50 -55.43
N HIS C 549 38.02 -9.66 -55.03
CA HIS C 549 39.42 -10.05 -54.96
C HIS C 549 40.12 -9.19 -53.94
N THR C 550 41.14 -9.76 -53.30
CA THR C 550 41.86 -9.10 -52.22
C THR C 550 43.16 -8.49 -52.72
N LEU C 551 43.67 -7.53 -51.95
CA LEU C 551 44.94 -6.88 -52.24
C LEU C 551 45.87 -6.96 -51.03
N SER C 552 46.96 -6.20 -51.07
CA SER C 552 47.93 -6.23 -49.98
C SER C 552 47.33 -5.81 -48.65
N GLU C 553 46.32 -4.95 -48.66
CA GLU C 553 45.74 -4.46 -47.41
C GLU C 553 44.23 -4.62 -47.36
N ALA C 554 43.56 -4.45 -48.49
CA ALA C 554 42.10 -4.38 -48.51
C ALA C 554 41.54 -5.34 -49.56
N ALA C 555 40.28 -5.72 -49.35
CA ALA C 555 39.55 -6.59 -50.27
C ALA C 555 38.50 -5.76 -51.00
N TYR C 556 38.47 -5.90 -52.32
CA TYR C 556 37.57 -5.12 -53.16
C TYR C 556 36.31 -5.93 -53.48
N PHE C 557 35.16 -5.31 -53.29
CA PHE C 557 33.87 -5.90 -53.62
C PHE C 557 33.27 -5.17 -54.82
N PHE C 558 32.80 -5.93 -55.80
CA PHE C 558 32.14 -5.39 -56.97
C PHE C 558 30.67 -5.79 -56.93
N VAL C 559 29.80 -4.80 -56.71
CA VAL C 559 28.39 -5.05 -56.50
C VAL C 559 27.60 -4.56 -57.71
N ARG C 560 26.32 -4.92 -57.74
CA ARG C 560 25.42 -4.54 -58.82
C ARG C 560 24.88 -3.15 -58.53
N GLY C 561 25.36 -2.15 -59.26
CA GLY C 561 24.93 -0.79 -59.07
C GLY C 561 23.46 -0.58 -59.39
N PRO C 562 22.82 0.36 -58.70
CA PRO C 562 21.40 0.64 -58.97
C PRO C 562 21.15 1.16 -60.37
N GLY C 563 22.14 1.76 -61.02
CA GLY C 563 21.97 2.26 -62.37
C GLY C 563 22.39 1.26 -63.42
N ALA C 564 23.45 1.58 -64.16
CA ALA C 564 23.95 0.69 -65.21
C ALA C 564 25.46 0.51 -65.11
N TYR C 565 26.02 0.59 -63.91
CA TYR C 565 27.45 0.44 -63.73
C TYR C 565 27.71 -0.24 -62.38
N VAL C 566 28.74 -1.08 -62.34
CA VAL C 566 29.11 -1.79 -61.12
C VAL C 566 29.96 -0.88 -60.25
N LEU C 567 29.80 -1.01 -58.94
CA LEU C 567 30.52 -0.20 -57.98
C LEU C 567 31.65 -1.01 -57.35
N ALA C 568 32.77 -0.36 -57.07
CA ALA C 568 33.93 -1.00 -56.45
C ALA C 568 33.93 -0.64 -54.98
N LEU C 569 33.60 -1.62 -54.13
CA LEU C 569 33.55 -1.43 -52.68
C LEU C 569 34.82 -2.02 -52.07
N ARG C 570 35.55 -1.20 -51.32
CA ARG C 570 36.76 -1.63 -50.64
C ARG C 570 36.55 -1.57 -49.13
N VAL C 571 37.27 -2.41 -48.41
CA VAL C 571 37.15 -2.48 -46.96
C VAL C 571 38.41 -3.12 -46.39
N ASP C 572 38.90 -2.57 -45.29
CA ASP C 572 39.92 -3.22 -44.50
C ASP C 572 39.26 -4.17 -43.52
N PRO C 573 39.53 -5.48 -43.58
CA PRO C 573 38.76 -6.43 -42.76
C PRO C 573 38.82 -6.16 -41.28
N ARG C 574 39.94 -5.66 -40.77
CA ARG C 574 40.08 -5.28 -39.36
C ARG C 574 40.39 -3.79 -39.33
N GLU C 575 39.34 -2.97 -39.33
CA GLU C 575 39.50 -1.53 -39.47
C GLU C 575 38.84 -0.73 -38.37
N GLY C 576 37.82 -1.28 -37.69
CA GLY C 576 37.11 -0.53 -36.67
C GLY C 576 37.75 -0.56 -35.29
N PHE C 577 39.09 -0.60 -35.25
CA PHE C 577 39.83 -0.62 -33.99
C PHE C 577 40.81 0.54 -33.98
N VAL C 578 40.75 1.36 -32.93
CA VAL C 578 41.69 2.45 -32.71
C VAL C 578 42.22 2.35 -31.29
N ALA C 579 43.52 2.51 -31.11
CA ALA C 579 44.14 2.31 -29.81
C ALA C 579 43.94 3.54 -28.94
N GLY C 580 43.11 3.41 -27.91
CA GLY C 580 42.95 4.48 -26.94
C GLY C 580 42.23 5.71 -27.43
N THR C 581 41.53 5.62 -28.56
CA THR C 581 40.83 6.78 -29.11
C THR C 581 39.41 6.44 -29.58
N THR C 582 39.08 5.16 -29.76
CA THR C 582 37.76 4.68 -30.18
C THR C 582 37.44 5.07 -31.62
N TYR C 583 36.66 4.24 -32.30
CA TYR C 583 36.33 4.44 -33.71
C TYR C 583 35.20 5.45 -33.81
N GLU C 584 35.50 6.64 -34.32
CA GLU C 584 34.51 7.70 -34.44
C GLU C 584 33.76 7.66 -35.77
N TYR C 585 34.23 6.90 -36.75
CA TYR C 585 33.53 6.81 -38.02
C TYR C 585 32.26 5.99 -37.86
N PRO C 586 31.14 6.43 -38.43
CA PRO C 586 29.90 5.67 -38.30
C PRO C 586 29.98 4.34 -39.03
N PHE C 587 29.27 3.35 -38.48
CA PHE C 587 29.16 2.04 -39.12
C PHE C 587 28.05 2.14 -40.16
N MET C 588 28.45 2.34 -41.42
CA MET C 588 27.53 2.79 -42.44
C MET C 588 28.08 2.52 -43.84
N ASP C 589 27.38 1.71 -44.62
CA ASP C 589 27.89 1.23 -45.90
C ASP C 589 27.73 2.28 -46.99
N MET C 590 28.75 2.39 -47.84
CA MET C 590 28.75 3.27 -49.01
C MET C 590 28.45 4.71 -48.63
N GLY C 591 29.32 5.27 -47.80
CA GLY C 591 29.18 6.65 -47.40
C GLY C 591 29.43 7.62 -48.54
N ALA C 592 28.83 8.80 -48.44
CA ALA C 592 29.00 9.83 -49.43
C ALA C 592 28.75 11.18 -48.77
N PRO C 593 29.69 12.12 -48.85
CA PRO C 593 29.47 13.44 -48.23
C PRO C 593 28.26 14.13 -48.85
N VAL C 594 27.46 14.75 -47.99
CA VAL C 594 26.22 15.39 -48.38
C VAL C 594 26.04 16.68 -47.57
N THR C 595 25.65 17.75 -48.26
CA THR C 595 25.33 19.01 -47.61
C THR C 595 23.81 19.15 -47.50
N VAL C 596 23.33 19.36 -46.28
CA VAL C 596 21.90 19.44 -46.00
C VAL C 596 21.57 20.88 -45.67
N GLN C 597 20.64 21.46 -46.44
CA GLN C 597 20.17 22.82 -46.20
C GLN C 597 18.66 22.84 -46.30
N GLY C 598 18.01 23.56 -45.38
CA GLY C 598 16.56 23.64 -45.39
C GLY C 598 15.85 22.32 -45.18
N GLY C 599 16.52 21.32 -44.61
CA GLY C 599 15.90 20.03 -44.43
C GLY C 599 15.80 19.20 -45.68
N GLN C 600 16.49 19.59 -46.76
CA GLN C 600 16.43 18.90 -48.03
C GLN C 600 17.84 18.59 -48.51
N PHE C 601 18.02 17.39 -49.05
CA PHE C 601 19.28 17.03 -49.69
C PHE C 601 19.01 15.97 -50.75
N THR C 602 19.77 16.04 -51.84
CA THR C 602 19.62 15.10 -52.93
C THR C 602 20.42 13.83 -52.64
N LEU C 603 19.76 12.68 -52.76
CA LEU C 603 20.43 11.42 -52.52
C LEU C 603 21.51 11.19 -53.57
N PRO C 604 22.68 10.69 -53.18
CA PRO C 604 23.73 10.40 -54.17
C PRO C 604 23.28 9.36 -55.19
N GLU C 605 23.85 9.46 -56.39
CA GLU C 605 23.38 8.65 -57.51
C GLU C 605 23.54 7.15 -57.23
N HIS C 606 24.66 6.76 -56.63
CA HIS C 606 24.91 5.35 -56.37
C HIS C 606 24.02 4.76 -55.28
N LEU C 607 23.28 5.59 -54.55
CA LEU C 607 22.36 5.13 -53.53
C LEU C 607 20.92 5.10 -54.00
N ARG C 608 20.66 5.42 -55.27
CA ARG C 608 19.29 5.52 -55.78
C ARG C 608 18.83 4.15 -56.30
N LYS C 609 18.56 3.26 -55.35
CA LYS C 609 18.07 1.91 -55.64
C LYS C 609 16.64 1.80 -55.12
N ALA C 610 15.72 1.42 -55.99
CA ALA C 610 14.32 1.29 -55.61
C ALA C 610 14.12 0.08 -54.70
N GLY C 611 13.28 0.27 -53.68
CA GLY C 611 12.94 -0.79 -52.76
C GLY C 611 13.77 -0.82 -51.49
N LEU C 612 14.91 -0.13 -51.47
CA LEU C 612 15.78 -0.08 -50.30
C LEU C 612 15.82 1.31 -49.67
N GLN C 613 14.80 2.14 -49.93
CA GLN C 613 14.79 3.49 -49.37
C GLN C 613 14.67 3.46 -47.85
N ASP C 614 14.06 2.42 -47.30
CA ASP C 614 13.95 2.29 -45.85
C ASP C 614 15.29 2.01 -45.18
N SER C 615 16.31 1.62 -45.94
CA SER C 615 17.62 1.30 -45.41
C SER C 615 18.62 2.44 -45.57
N ILE C 616 18.16 3.61 -46.00
CA ILE C 616 19.03 4.77 -46.17
C ILE C 616 19.22 5.45 -44.83
N ALA C 617 20.47 5.76 -44.47
CA ALA C 617 20.79 6.37 -43.19
C ALA C 617 21.48 7.71 -43.40
N LEU C 618 21.69 8.41 -42.29
CA LEU C 618 22.36 9.71 -42.28
C LEU C 618 23.03 9.87 -40.92
N ALA C 619 24.28 10.33 -40.93
CA ALA C 619 25.04 10.37 -39.68
C ALA C 619 26.11 11.44 -39.75
N TYR C 620 26.53 11.90 -38.56
CA TYR C 620 27.66 12.81 -38.46
C TYR C 620 28.96 12.07 -38.76
N TYR C 621 29.89 12.78 -39.39
CA TYR C 621 31.22 12.21 -39.63
C TYR C 621 32.34 13.23 -39.44
N THR C 622 32.07 14.42 -38.94
CA THR C 622 33.09 15.46 -38.80
C THR C 622 33.33 15.87 -37.36
N GLY C 623 32.28 16.26 -36.64
CA GLY C 623 32.45 16.86 -35.34
C GLY C 623 32.59 15.83 -34.22
N ASP C 624 32.50 16.34 -32.99
CA ASP C 624 32.57 15.47 -31.81
C ASP C 624 31.41 14.49 -31.76
N ASP C 625 30.28 14.81 -32.40
CA ASP C 625 29.12 13.94 -32.44
C ASP C 625 29.19 12.92 -33.58
N SER C 626 30.39 12.68 -34.11
CA SER C 626 30.55 11.78 -35.24
C SER C 626 30.08 10.37 -34.90
N GLY C 627 29.35 9.76 -35.84
CA GLY C 627 28.82 8.44 -35.67
C GLY C 627 27.35 8.39 -35.26
N SER C 628 26.83 9.49 -34.73
CA SER C 628 25.43 9.52 -34.33
C SER C 628 24.52 9.57 -35.56
N GLU C 629 23.48 8.76 -35.55
CA GLU C 629 22.56 8.64 -36.67
C GLU C 629 21.56 9.79 -36.69
N LEU C 630 21.07 10.12 -37.88
CA LEU C 630 20.04 11.12 -38.07
C LEU C 630 18.90 10.53 -38.88
N GLY C 631 17.68 10.96 -38.56
CA GLY C 631 16.51 10.41 -39.22
C GLY C 631 16.23 11.05 -40.57
N ILE C 632 15.46 10.32 -41.38
CA ILE C 632 15.01 10.79 -42.68
C ILE C 632 13.50 10.62 -42.74
N ALA C 633 12.78 11.71 -42.98
CA ALA C 633 11.32 11.66 -42.96
C ALA C 633 10.79 10.83 -44.11
N SER C 634 11.23 11.10 -45.34
CA SER C 634 10.75 10.39 -46.52
C SER C 634 11.68 10.67 -47.68
N ILE C 635 11.55 9.87 -48.72
CA ILE C 635 12.31 10.02 -49.95
C ILE C 635 11.33 10.16 -51.11
N SER C 636 11.49 11.22 -51.89
CA SER C 636 10.58 11.51 -52.99
C SER C 636 10.94 10.68 -54.22
N SER C 637 10.09 10.78 -55.25
CA SER C 637 10.35 10.06 -56.49
C SER C 637 11.60 10.57 -57.18
N ASN C 638 11.82 11.88 -57.17
CA ASN C 638 13.01 12.48 -57.76
C ASN C 638 14.25 12.33 -56.89
N TRP C 639 14.20 11.45 -55.88
CA TRP C 639 15.35 11.15 -55.03
C TRP C 639 15.84 12.40 -54.29
N VAL C 640 14.89 13.19 -53.79
CA VAL C 640 15.19 14.31 -52.91
C VAL C 640 14.66 13.94 -51.52
N CYS C 641 15.56 13.90 -50.55
CA CYS C 641 15.27 13.38 -49.22
C CYS C 641 14.94 14.51 -48.27
N THR C 642 13.92 14.30 -47.44
CA THR C 642 13.53 15.25 -46.41
C THR C 642 13.93 14.70 -45.04
N THR C 643 14.67 15.50 -44.28
CA THR C 643 15.15 15.08 -42.97
C THR C 643 14.13 15.39 -41.89
N VAL C 644 14.33 14.78 -40.72
CA VAL C 644 13.49 15.07 -39.57
C VAL C 644 13.73 16.52 -39.14
N ARG C 645 12.71 17.11 -38.51
CA ARG C 645 12.76 18.53 -38.16
C ARG C 645 13.92 18.87 -37.23
N GLY C 646 14.43 17.90 -36.48
CA GLY C 646 15.51 18.19 -35.55
C GLY C 646 16.88 18.29 -36.17
N VAL C 647 17.04 17.86 -37.41
CA VAL C 647 18.34 17.85 -38.06
C VAL C 647 18.71 19.26 -38.50
N PRO C 648 19.85 19.79 -38.07
CA PRO C 648 20.25 21.14 -38.50
C PRO C 648 20.87 21.12 -39.89
N ASP C 649 21.37 22.26 -40.33
CA ASP C 649 21.99 22.40 -41.64
C ASP C 649 23.51 22.21 -41.51
N GLY C 650 24.08 21.39 -42.38
CA GLY C 650 25.50 21.14 -42.33
C GLY C 650 25.86 20.03 -43.30
N ASN C 651 27.08 19.52 -43.14
CA ASN C 651 27.61 18.44 -43.97
C ASN C 651 27.50 17.13 -43.20
N TYR C 652 26.85 16.14 -43.81
CA TYR C 652 26.67 14.83 -43.22
C TYR C 652 27.09 13.76 -44.21
N LEU C 653 26.87 12.50 -43.84
CA LEU C 653 27.24 11.36 -44.67
C LEU C 653 25.98 10.57 -44.99
N ALA C 654 25.80 10.24 -46.27
CA ALA C 654 24.64 9.49 -46.73
C ALA C 654 25.09 8.13 -47.26
N GLY C 655 24.28 7.11 -46.99
CA GLY C 655 24.64 5.76 -47.36
C GLY C 655 23.68 4.77 -46.74
N TYR C 656 23.96 3.49 -47.00
CA TYR C 656 23.09 2.43 -46.56
C TYR C 656 23.40 1.99 -45.15
N ARG C 657 22.45 1.30 -44.54
CA ARG C 657 22.53 0.85 -43.15
C ARG C 657 22.45 -0.67 -43.12
N PHE C 658 23.40 -1.29 -42.43
CA PHE C 658 23.46 -2.74 -42.33
C PHE C 658 23.20 -3.18 -40.91
N LYS C 659 22.46 -4.28 -40.76
CA LYS C 659 22.10 -4.81 -39.45
C LYS C 659 23.13 -5.86 -39.03
N SER C 660 23.76 -5.64 -37.88
CA SER C 660 24.75 -6.56 -37.33
C SER C 660 24.15 -7.23 -36.10
N GLY C 661 24.12 -8.56 -36.12
CA GLY C 661 23.55 -9.31 -35.02
C GLY C 661 24.32 -10.59 -34.77
N THR C 662 24.11 -11.15 -33.58
CA THR C 662 24.75 -12.40 -33.20
C THR C 662 23.85 -13.13 -32.22
N THR C 663 23.84 -14.46 -32.34
CA THR C 663 23.08 -15.33 -31.44
C THR C 663 24.06 -16.14 -30.61
N LEU C 664 23.95 -16.04 -29.29
CA LEU C 664 24.90 -16.68 -28.40
C LEU C 664 24.54 -18.14 -28.18
N THR C 665 25.57 -18.98 -28.09
CA THR C 665 25.37 -20.38 -27.72
C THR C 665 24.90 -20.45 -26.28
N PRO C 666 23.84 -21.19 -25.96
CA PRO C 666 23.35 -21.25 -24.59
C PRO C 666 24.40 -21.80 -23.65
N PRO C 667 24.47 -21.29 -22.42
CA PRO C 667 25.47 -21.77 -21.47
C PRO C 667 25.14 -23.15 -20.94
N MET C 668 25.90 -24.16 -21.36
CA MET C 668 25.69 -25.52 -20.87
C MET C 668 26.40 -25.72 -19.54
N LEU C 669 25.85 -26.61 -18.72
CA LEU C 669 26.38 -26.87 -17.39
C LEU C 669 27.15 -28.18 -17.38
N LYS C 670 28.28 -28.17 -16.68
CA LYS C 670 29.14 -29.34 -16.55
C LYS C 670 29.30 -29.68 -15.08
N ASP C 671 29.40 -30.98 -14.79
CA ASP C 671 29.48 -31.46 -13.42
C ASP C 671 30.92 -31.40 -12.93
N GLN C 672 31.19 -32.03 -11.77
CA GLN C 672 32.54 -32.03 -11.22
C GLN C 672 33.50 -32.80 -12.10
N ASN C 673 33.04 -33.88 -12.73
CA ASN C 673 33.89 -34.74 -13.55
C ASN C 673 33.95 -34.28 -14.99
N ASP C 674 33.64 -33.02 -15.27
CA ASP C 674 33.72 -32.45 -16.62
C ASP C 674 32.84 -33.22 -17.61
N ASN C 675 31.59 -33.46 -17.20
CA ASN C 675 30.62 -34.15 -18.03
C ASN C 675 29.36 -33.30 -18.13
N LEU C 676 28.73 -33.30 -19.30
CA LEU C 676 27.55 -32.49 -19.53
C LEU C 676 26.36 -33.05 -18.75
N ILE C 677 25.45 -32.16 -18.39
CA ILE C 677 24.22 -32.53 -17.70
C ILE C 677 23.11 -32.71 -18.72
N GLY C 678 22.13 -33.54 -18.40
CA GLY C 678 21.04 -33.79 -19.32
C GLY C 678 20.20 -32.56 -19.57
N SER C 679 19.63 -32.49 -20.77
CA SER C 679 18.82 -31.36 -21.16
C SER C 679 17.46 -31.38 -20.47
N GLY C 680 16.84 -30.21 -20.38
CA GLY C 680 15.52 -30.08 -19.82
C GLY C 680 15.44 -30.02 -18.31
N HIS C 681 16.58 -29.85 -17.63
CA HIS C 681 16.57 -29.78 -16.17
C HIS C 681 17.46 -28.68 -15.61
N VAL C 682 18.10 -27.86 -16.45
CA VAL C 682 18.92 -26.75 -16.00
C VAL C 682 18.25 -25.47 -16.46
N ARG C 683 17.92 -24.60 -15.52
CA ARG C 683 17.18 -23.37 -15.79
C ARG C 683 18.15 -22.19 -15.79
N LEU C 684 18.24 -21.51 -16.91
CA LEU C 684 19.03 -20.29 -17.00
C LEU C 684 18.24 -19.12 -16.41
N LEU C 685 18.91 -18.31 -15.59
CA LEU C 685 18.25 -17.21 -14.89
C LEU C 685 18.47 -15.87 -15.59
N ARG C 686 19.72 -15.47 -15.77
CA ARG C 686 20.02 -14.18 -16.35
C ARG C 686 21.33 -14.28 -17.14
N LEU C 687 21.52 -13.32 -18.04
CA LEU C 687 22.71 -13.24 -18.87
C LEU C 687 23.32 -11.87 -18.72
N ASP C 688 24.59 -11.82 -18.30
CA ASP C 688 25.31 -10.57 -18.10
C ASP C 688 26.33 -10.40 -19.22
N VAL C 689 26.20 -9.30 -19.96
CA VAL C 689 27.05 -9.02 -21.11
C VAL C 689 27.84 -7.76 -20.82
N ALA C 690 29.17 -7.86 -20.88
CA ALA C 690 30.05 -6.71 -20.69
C ALA C 690 30.44 -6.15 -22.06
N MET C 691 30.27 -4.85 -22.23
CA MET C 691 30.46 -4.21 -23.53
C MET C 691 31.29 -2.94 -23.36
N ARG C 692 32.17 -2.71 -24.33
CA ARG C 692 33.09 -1.57 -24.29
C ARG C 692 32.83 -0.66 -25.49
N ASN C 693 32.64 0.63 -25.21
CA ASN C 693 32.46 1.65 -26.25
C ASN C 693 31.34 1.28 -27.22
N SER C 694 30.19 0.92 -26.65
CA SER C 694 29.04 0.48 -27.43
C SER C 694 27.86 1.41 -27.20
N GLY C 695 26.95 1.42 -28.17
CA GLY C 695 25.75 2.23 -28.08
C GLY C 695 24.59 1.47 -27.47
N VAL C 696 23.48 1.38 -28.20
CA VAL C 696 22.27 0.70 -27.75
C VAL C 696 22.03 -0.49 -28.65
N VAL C 697 21.78 -1.65 -28.03
CA VAL C 697 21.56 -2.89 -28.76
C VAL C 697 20.16 -3.40 -28.46
N ASP C 698 19.65 -4.23 -29.36
CA ASP C 698 18.35 -4.87 -29.22
C ASP C 698 18.56 -6.34 -28.89
N VAL C 699 17.95 -6.79 -27.79
CA VAL C 699 18.12 -8.15 -27.30
C VAL C 699 16.79 -8.86 -27.42
N LEU C 700 16.79 -10.01 -28.10
CA LEU C 700 15.61 -10.84 -28.26
C LEU C 700 15.91 -12.22 -27.69
N VAL C 701 15.03 -12.70 -26.81
CA VAL C 701 15.18 -14.01 -26.18
C VAL C 701 14.09 -14.91 -26.70
N GLU C 702 14.48 -16.04 -27.31
CA GLU C 702 13.56 -16.99 -27.90
C GLU C 702 13.71 -18.33 -27.22
N ASP C 703 12.57 -18.96 -26.91
CA ASP C 703 12.57 -20.31 -26.34
C ASP C 703 11.28 -20.98 -26.77
N ASN C 704 11.37 -21.79 -27.83
CA ASN C 704 10.18 -22.47 -28.35
C ASN C 704 9.63 -23.47 -27.33
N ALA C 705 10.51 -24.17 -26.62
CA ALA C 705 10.09 -25.20 -25.67
C ALA C 705 9.35 -24.63 -24.47
N ARG C 706 9.40 -23.32 -24.23
CA ARG C 706 8.72 -22.71 -23.10
C ARG C 706 7.86 -21.52 -23.49
N ASP C 707 7.74 -21.24 -24.80
CA ASP C 707 6.92 -20.14 -25.30
C ASP C 707 7.32 -18.81 -24.67
N VAL C 708 8.58 -18.44 -24.88
CA VAL C 708 9.15 -17.19 -24.38
C VAL C 708 9.60 -16.37 -25.57
N ASP C 709 9.09 -15.14 -25.68
CA ASP C 709 9.45 -14.25 -26.79
C ASP C 709 9.42 -12.82 -26.23
N ASN C 710 10.59 -12.35 -25.81
CA ASN C 710 10.75 -11.01 -25.25
C ASN C 710 11.73 -10.24 -26.10
N ASP C 711 11.29 -9.10 -26.65
CA ASP C 711 12.13 -8.25 -27.48
C ASP C 711 12.21 -6.87 -26.81
N SER C 712 13.42 -6.40 -26.57
CA SER C 712 13.62 -5.11 -25.92
C SER C 712 15.04 -4.63 -26.23
N GLU C 713 15.30 -3.39 -25.83
CA GLU C 713 16.61 -2.77 -26.03
C GLU C 713 17.24 -2.45 -24.69
N TYR C 714 18.56 -2.62 -24.62
CA TYR C 714 19.33 -2.35 -23.41
C TYR C 714 20.45 -1.39 -23.74
N SER C 715 20.58 -0.33 -22.95
CA SER C 715 21.62 0.67 -23.12
C SER C 715 22.39 0.84 -21.83
N GLY C 716 23.71 1.00 -21.95
CA GLY C 716 24.58 1.19 -20.82
C GLY C 716 25.02 2.60 -20.55
N VAL C 717 24.42 3.59 -21.21
CA VAL C 717 24.79 4.99 -21.00
C VAL C 717 24.13 5.47 -19.71
N LEU C 718 24.94 5.91 -18.76
CA LEU C 718 24.43 6.34 -17.47
C LEU C 718 23.83 7.73 -17.59
N MET C 719 22.99 8.09 -16.61
CA MET C 719 22.25 9.34 -16.67
C MET C 719 23.14 10.56 -16.42
N ASN C 720 23.75 10.63 -15.24
CA ASN C 720 24.57 11.78 -14.86
C ASN C 720 26.05 11.54 -15.08
N SER C 721 26.42 10.72 -16.05
CA SER C 721 27.81 10.43 -16.33
C SER C 721 28.36 11.38 -17.39
N LYS C 722 29.69 11.44 -17.48
CA LYS C 722 30.32 12.27 -18.50
C LYS C 722 30.07 11.71 -19.89
N GLU C 723 29.72 10.42 -20.00
CA GLU C 723 29.41 9.83 -21.29
C GLU C 723 28.15 10.44 -21.90
N LEU C 724 27.16 10.75 -21.08
CA LEU C 724 25.91 11.33 -21.55
C LEU C 724 26.06 12.85 -21.56
N ALA C 725 26.24 13.41 -22.75
CA ALA C 725 26.33 14.85 -22.97
C ALA C 725 25.49 15.20 -24.18
N PRO C 726 25.02 16.45 -24.27
CA PRO C 726 24.22 16.84 -25.44
C PRO C 726 24.95 16.66 -26.76
N GLU C 727 26.25 16.95 -26.81
CA GLU C 727 27.01 16.84 -28.04
C GLU C 727 27.73 15.52 -28.21
N GLN C 728 28.12 14.87 -27.11
CA GLN C 728 28.85 13.63 -27.21
C GLN C 728 27.94 12.51 -27.72
N PRO C 729 28.50 11.54 -28.45
CA PRO C 729 27.69 10.40 -28.90
C PRO C 729 27.20 9.57 -27.73
N LEU C 730 26.05 8.94 -27.91
CA LEU C 730 25.42 8.12 -26.87
C LEU C 730 26.16 6.78 -26.81
N LYS C 731 27.31 6.80 -26.14
CA LYS C 731 28.12 5.60 -25.96
C LYS C 731 28.59 5.54 -24.53
N ALA C 732 28.86 4.31 -24.06
CA ALA C 732 29.35 4.07 -22.71
C ALA C 732 30.70 3.38 -22.80
N SER C 733 31.67 3.86 -22.02
CA SER C 733 33.00 3.26 -22.03
C SER C 733 32.96 1.82 -21.57
N LEU C 734 32.22 1.54 -20.49
CA LEU C 734 32.03 0.18 -20.02
C LEU C 734 30.60 0.05 -19.52
N SER C 735 29.95 -1.07 -19.87
CA SER C 735 28.57 -1.28 -19.50
C SER C 735 28.30 -2.78 -19.40
N ASN C 736 27.67 -3.19 -18.31
CA ASN C 736 27.29 -4.59 -18.08
C ASN C 736 25.77 -4.66 -18.10
N ILE C 737 25.20 -4.83 -19.29
CA ILE C 737 23.76 -5.00 -19.42
C ILE C 737 23.38 -6.40 -18.95
N ILE C 738 22.37 -6.48 -18.10
CA ILE C 738 21.92 -7.74 -17.53
C ILE C 738 20.62 -8.12 -18.24
N ILE C 739 20.67 -9.20 -19.02
CA ILE C 739 19.51 -9.66 -19.78
C ILE C 739 18.79 -10.71 -18.94
N PRO C 740 17.56 -10.47 -18.50
CA PRO C 740 16.83 -11.49 -17.73
C PRO C 740 16.09 -12.44 -18.65
N CYS C 741 16.32 -13.75 -18.48
CA CYS C 741 15.65 -14.76 -19.29
C CYS C 741 15.50 -16.02 -18.44
N ARG C 742 14.34 -16.17 -17.81
CA ARG C 742 14.05 -17.33 -16.96
C ARG C 742 13.50 -18.46 -17.81
N THR C 743 14.40 -19.04 -18.60
CA THR C 743 14.03 -20.10 -19.54
C THR C 743 14.87 -21.34 -19.32
N ASN C 744 14.73 -22.31 -20.23
CA ASN C 744 15.54 -23.53 -20.20
C ASN C 744 16.83 -23.30 -20.97
N THR C 745 17.96 -23.56 -20.34
CA THR C 745 19.25 -23.34 -20.98
C THR C 745 19.53 -24.31 -22.12
N ASP C 746 18.72 -25.35 -22.28
CA ASP C 746 18.96 -26.30 -23.36
C ASP C 746 18.51 -25.75 -24.71
N THR C 747 17.47 -24.92 -24.74
CA THR C 747 16.89 -24.47 -25.98
C THR C 747 16.77 -22.95 -26.11
N THR C 748 17.36 -22.18 -25.20
CA THR C 748 17.27 -20.72 -25.28
C THR C 748 18.09 -20.21 -26.46
N GLU C 749 17.62 -19.10 -27.05
CA GLU C 749 18.35 -18.43 -28.13
C GLU C 749 18.29 -16.93 -27.84
N VAL C 750 19.34 -16.42 -27.21
CA VAL C 750 19.47 -15.00 -26.93
C VAL C 750 20.31 -14.36 -28.03
N THR C 751 19.77 -13.32 -28.66
CA THR C 751 20.45 -12.65 -29.75
C THR C 751 20.56 -11.16 -29.47
N LEU C 752 21.70 -10.58 -29.85
CA LEU C 752 21.96 -9.15 -29.69
C LEU C 752 22.21 -8.56 -31.06
N SER C 753 21.49 -7.49 -31.39
CA SER C 753 21.63 -6.86 -32.70
C SER C 753 21.30 -5.38 -32.58
N THR C 754 21.81 -4.61 -33.54
CA THR C 754 21.45 -3.19 -33.66
C THR C 754 21.61 -2.78 -35.11
N SER C 755 20.56 -2.19 -35.67
CA SER C 755 20.62 -1.61 -37.01
C SER C 755 20.84 -0.11 -36.89
N GLY C 756 22.04 0.26 -36.47
CA GLY C 756 22.40 1.64 -36.26
C GLY C 756 23.82 1.92 -36.71
N THR C 757 24.23 3.17 -36.53
CA THR C 757 25.57 3.62 -36.93
C THR C 757 26.57 3.54 -35.79
N LEU C 758 26.19 3.02 -34.63
CA LEU C 758 27.07 2.91 -33.48
C LEU C 758 27.59 1.49 -33.35
N GLU C 759 28.75 1.37 -32.68
CA GLU C 759 29.42 0.08 -32.60
C GLU C 759 28.75 -0.82 -31.57
N MET C 760 29.11 -2.10 -31.62
CA MET C 760 28.66 -3.09 -30.65
C MET C 760 29.83 -4.03 -30.38
N ASN C 761 30.46 -3.88 -29.21
CA ASN C 761 31.62 -4.68 -28.84
C ASN C 761 31.27 -5.48 -27.60
N ILE C 762 31.49 -6.79 -27.66
CA ILE C 762 31.20 -7.70 -26.56
C ILE C 762 32.49 -8.37 -26.13
N MET C 763 32.80 -8.28 -24.83
CA MET C 763 34.02 -8.86 -24.29
C MET C 763 33.77 -10.20 -23.61
N ASP C 764 32.91 -10.22 -22.60
CA ASP C 764 32.62 -11.44 -21.86
C ASP C 764 31.12 -11.55 -21.62
N VAL C 765 30.63 -12.78 -21.54
CA VAL C 765 29.22 -13.06 -21.26
C VAL C 765 29.17 -13.89 -19.99
N SER C 766 28.47 -13.40 -18.98
CA SER C 766 28.33 -14.07 -17.70
C SER C 766 26.91 -14.57 -17.53
N TYR C 767 26.77 -15.80 -17.04
CA TYR C 767 25.47 -16.44 -16.92
C TYR C 767 25.29 -16.95 -15.49
N ILE C 768 24.01 -17.08 -15.10
CA ILE C 768 23.63 -17.67 -13.82
C ILE C 768 22.67 -18.80 -14.11
N LEU C 769 23.01 -20.00 -13.65
CA LEU C 769 22.19 -21.18 -13.85
C LEU C 769 21.49 -21.54 -12.55
N ARG C 770 20.65 -22.58 -12.61
CA ARG C 770 19.91 -23.05 -11.44
C ARG C 770 19.58 -24.52 -11.67
N TYR C 771 20.33 -25.40 -11.01
CA TYR C 771 20.16 -26.83 -11.15
C TYR C 771 20.08 -27.48 -9.77
N ASN C 772 19.30 -28.55 -9.68
CA ASN C 772 19.08 -29.25 -8.42
C ASN C 772 20.14 -30.32 -8.23
N GLN C 773 20.86 -30.26 -7.12
CA GLN C 773 21.85 -31.28 -6.78
C GLN C 773 21.23 -32.32 -5.85
N ARG C 774 20.17 -32.95 -6.35
CA ARG C 774 19.43 -33.90 -5.53
C ARG C 774 20.21 -35.19 -5.31
N ARG C 775 21.06 -35.57 -6.26
CA ARG C 775 21.84 -36.79 -6.12
C ARG C 775 23.20 -36.60 -6.79
N ARG C 776 24.18 -37.34 -6.31
CA ARG C 776 25.55 -37.26 -6.83
C ARG C 776 25.62 -37.80 -8.25
N TYR D 3 0.73 37.10 -26.54
CA TYR D 3 1.19 35.72 -26.38
C TYR D 3 0.73 34.86 -27.55
N SER D 4 -0.47 34.29 -27.44
CA SER D 4 -1.00 33.46 -28.51
C SER D 4 -1.51 34.30 -29.67
N TRP D 5 -2.11 35.45 -29.39
CA TRP D 5 -2.77 36.25 -30.41
C TRP D 5 -2.43 37.72 -30.23
N SER D 6 -2.57 38.47 -31.32
CA SER D 6 -2.37 39.92 -31.31
C SER D 6 -3.28 40.53 -32.35
N GLU D 7 -4.00 41.58 -31.96
CA GLU D 7 -4.98 42.24 -32.82
C GLU D 7 -4.47 43.62 -33.19
N GLN D 8 -4.50 43.93 -34.48
CA GLN D 8 -4.06 45.23 -34.97
C GLN D 8 -4.94 45.72 -36.12
N THR D 14 -3.71 50.36 -48.22
CA THR D 14 -3.71 49.41 -47.12
C THR D 14 -2.35 48.72 -47.00
N THR D 15 -1.87 48.59 -45.77
CA THR D 15 -0.60 47.92 -45.52
C THR D 15 -0.76 46.41 -45.70
N LEU D 16 0.33 45.68 -45.48
CA LEU D 16 0.30 44.23 -45.65
C LEU D 16 0.00 43.51 -44.34
N ILE D 17 0.89 43.65 -43.34
CA ILE D 17 0.73 43.03 -42.03
C ILE D 17 1.91 43.44 -41.17
N SER D 18 1.84 43.05 -39.90
CA SER D 18 2.95 43.27 -38.96
C SER D 18 2.76 42.33 -37.78
N VAL D 19 3.75 41.46 -37.55
CA VAL D 19 3.67 40.46 -36.51
C VAL D 19 4.72 40.74 -35.45
N ASP D 20 4.37 40.42 -34.20
CA ASP D 20 5.29 40.52 -33.08
C ASP D 20 5.22 39.26 -32.23
N ILE D 21 4.30 38.36 -32.59
CA ILE D 21 4.09 37.11 -31.87
C ILE D 21 5.28 36.19 -32.01
N GLU D 22 5.75 35.65 -30.89
CA GLU D 22 6.82 34.66 -30.92
C GLU D 22 6.24 33.30 -31.33
N TYR D 23 6.75 32.75 -32.42
CA TYR D 23 6.28 31.48 -32.96
C TYR D 23 7.48 30.56 -33.22
N LEU D 24 7.18 29.37 -33.73
CA LEU D 24 8.22 28.42 -34.08
C LEU D 24 8.00 27.75 -35.43
N ASP D 25 6.92 28.07 -36.14
CA ASP D 25 6.71 27.59 -37.49
C ASP D 25 5.74 28.53 -38.19
N LYS D 26 5.99 28.79 -39.47
CA LYS D 26 5.17 29.74 -40.21
C LYS D 26 3.73 29.25 -40.33
N SER D 27 3.54 27.95 -40.52
CA SER D 27 2.20 27.39 -40.68
C SER D 27 1.36 27.50 -39.42
N TYR D 28 1.98 27.73 -38.27
CA TYR D 28 1.24 27.85 -37.01
C TYR D 28 0.50 29.17 -36.89
N ILE D 29 0.91 30.20 -37.63
CA ILE D 29 0.28 31.52 -37.55
C ILE D 29 -0.92 31.55 -38.47
N TYR D 30 -2.06 31.95 -37.93
CA TYR D 30 -3.30 32.09 -38.69
C TYR D 30 -3.62 33.57 -38.82
N LEU D 31 -3.98 33.99 -40.03
CA LEU D 31 -4.25 35.39 -40.33
C LEU D 31 -5.76 35.62 -40.38
N TYR D 32 -6.25 36.50 -39.52
CA TYR D 32 -7.66 36.88 -39.48
C TYR D 32 -7.77 38.38 -39.66
N ILE D 33 -8.59 38.81 -40.62
CA ILE D 33 -8.90 40.22 -40.81
C ILE D 33 -10.41 40.40 -40.72
N ASN D 34 -10.84 41.30 -39.85
CA ASN D 34 -12.28 41.54 -39.60
C ASN D 34 -13.00 40.23 -39.29
N ASN D 35 -12.34 39.38 -38.49
CA ASN D 35 -12.86 38.06 -38.11
C ASN D 35 -13.18 37.21 -39.34
N VAL D 36 -12.33 37.28 -40.36
CA VAL D 36 -12.47 36.48 -41.57
C VAL D 36 -11.18 35.72 -41.80
N LEU D 37 -11.29 34.41 -42.00
CA LEU D 37 -10.11 33.58 -42.23
C LEU D 37 -9.52 33.85 -43.60
N ILE D 38 -8.20 33.86 -43.68
CA ILE D 38 -7.47 34.05 -44.93
C ILE D 38 -6.68 32.78 -45.23
N SER D 39 -6.83 32.25 -46.42
CA SER D 39 -6.12 31.05 -46.82
C SER D 39 -4.63 31.32 -46.92
N ASN D 40 -3.83 30.25 -46.76
CA ASN D 40 -2.38 30.40 -46.78
C ASN D 40 -1.86 30.88 -48.13
N SER D 41 -2.55 30.51 -49.22
CA SER D 41 -2.11 30.93 -50.54
C SER D 41 -2.40 32.40 -50.84
N ASP D 42 -3.20 33.07 -50.02
CA ASP D 42 -3.56 34.45 -50.26
C ASP D 42 -2.56 35.45 -49.71
N TYR D 43 -1.55 34.99 -48.95
CA TYR D 43 -0.52 35.87 -48.43
C TYR D 43 0.82 35.14 -48.48
N SER D 44 1.89 35.90 -48.24
CA SER D 44 3.24 35.37 -48.30
C SER D 44 4.03 35.88 -47.10
N TRP D 45 5.07 35.13 -46.75
CA TRP D 45 5.95 35.44 -45.62
C TRP D 45 7.27 35.97 -46.18
N ASN D 46 7.34 37.28 -46.41
CA ASN D 46 8.57 37.87 -46.94
C ASN D 46 9.69 37.82 -45.92
N SER D 47 9.37 38.02 -44.64
CA SER D 47 10.36 38.02 -43.57
C SER D 47 9.76 37.32 -42.35
N ASP D 48 10.63 36.95 -41.41
CA ASP D 48 10.18 36.27 -40.20
C ASP D 48 9.33 37.17 -39.31
N THR D 49 9.42 38.49 -39.48
CA THR D 49 8.64 39.42 -38.66
C THR D 49 7.66 40.25 -39.49
N LEU D 50 7.48 39.93 -40.77
CA LEU D 50 6.56 40.65 -41.62
C LEU D 50 5.80 39.66 -42.50
N ILE D 51 4.57 40.03 -42.86
CA ILE D 51 3.73 39.24 -43.73
C ILE D 51 3.25 40.12 -44.88
N GLN D 52 3.45 39.65 -46.10
CA GLN D 52 3.02 40.36 -47.29
C GLN D 52 1.79 39.68 -47.90
N LEU D 53 0.87 40.49 -48.41
CA LEU D 53 -0.36 39.98 -49.00
C LEU D 53 -0.17 39.71 -50.49
N LEU D 64 -5.78 40.70 -37.15
CA LEU D 64 -5.74 39.74 -36.04
C LEU D 64 -4.95 38.50 -36.42
N LEU D 65 -3.83 38.28 -35.74
CA LEU D 65 -2.98 37.12 -35.96
C LEU D 65 -3.15 36.16 -34.79
N VAL D 66 -3.53 34.93 -35.08
CA VAL D 66 -3.79 33.92 -34.06
C VAL D 66 -2.84 32.75 -34.30
N ARG D 67 -2.19 32.30 -33.24
CA ARG D 67 -1.25 31.19 -33.31
C ARG D 67 -1.92 29.92 -32.79
N ARG D 68 -1.67 28.80 -33.49
CA ARG D 68 -2.19 27.50 -33.09
C ARG D 68 -1.11 26.45 -33.38
N THR D 69 -0.41 26.05 -32.34
CA THR D 69 0.69 25.09 -32.47
C THR D 69 0.13 23.70 -32.81
N ASP D 70 0.93 22.89 -33.50
CA ASP D 70 0.53 21.53 -33.82
C ASP D 70 0.34 20.72 -32.53
N LYS D 71 -0.58 19.77 -32.60
CA LYS D 71 -1.00 19.03 -31.41
C LYS D 71 -0.89 17.53 -31.57
N GLU D 72 -0.90 17.01 -32.80
CA GLU D 72 -0.96 15.57 -33.00
C GLU D 72 0.39 14.90 -32.71
N TYR D 73 1.49 15.53 -33.10
CA TYR D 73 2.81 14.93 -32.95
C TYR D 73 3.74 15.89 -32.24
N LEU D 74 4.76 15.32 -31.60
CA LEU D 74 5.79 16.11 -30.96
C LEU D 74 6.61 16.86 -32.00
N TYR D 75 7.05 18.07 -31.65
CA TYR D 75 7.81 18.88 -32.59
C TYR D 75 9.16 18.24 -32.90
N ILE D 76 9.83 17.70 -31.89
CA ILE D 76 11.14 17.08 -32.04
C ILE D 76 11.04 15.66 -31.52
N MET D 77 10.97 14.68 -32.43
CA MET D 77 10.91 13.28 -32.06
C MET D 77 12.34 12.74 -32.02
N PHE D 78 12.87 12.59 -30.81
CA PHE D 78 14.25 12.13 -30.67
C PHE D 78 14.40 10.68 -31.12
N ALA D 79 13.38 9.85 -30.89
CA ALA D 79 13.44 8.46 -31.29
C ALA D 79 13.53 8.31 -32.81
N GLU D 80 12.79 9.15 -33.54
CA GLU D 80 12.78 9.04 -34.99
C GLU D 80 14.14 9.37 -35.62
N GLY D 81 15.01 10.06 -34.90
CA GLY D 81 16.33 10.36 -35.42
C GLY D 81 16.68 11.83 -35.41
N ALA D 82 15.94 12.62 -34.64
CA ALA D 82 16.24 14.04 -34.52
C ALA D 82 17.60 14.24 -33.86
N ALA D 83 18.30 15.28 -34.30
CA ALA D 83 19.64 15.56 -33.77
C ALA D 83 19.56 15.87 -32.28
N PHE D 84 20.47 15.25 -31.51
CA PHE D 84 20.54 15.45 -30.06
C PHE D 84 21.50 16.60 -29.81
N ILE D 85 20.95 17.78 -29.54
CA ILE D 85 21.73 18.98 -29.23
C ILE D 85 20.92 19.83 -28.26
N ARG D 86 21.56 20.88 -27.75
CA ARG D 86 20.87 21.80 -26.83
C ARG D 86 19.72 22.53 -27.53
N GLU D 87 19.95 22.93 -28.79
CA GLU D 87 18.93 23.68 -29.51
C GLU D 87 17.64 22.88 -29.67
N ASN D 88 17.76 21.59 -29.98
CA ASN D 88 16.57 20.76 -30.14
C ASN D 88 15.82 20.61 -28.83
N LEU D 89 16.53 20.45 -27.72
CA LEU D 89 15.87 20.38 -26.42
C LEU D 89 15.13 21.66 -26.10
N ASP D 90 15.78 22.81 -26.34
CA ASP D 90 15.14 24.09 -26.07
C ASP D 90 13.93 24.31 -26.97
N VAL D 91 14.01 23.88 -28.23
CA VAL D 91 12.86 24.03 -29.12
C VAL D 91 11.72 23.13 -28.68
N GLN D 92 12.03 21.91 -28.25
CA GLN D 92 10.99 21.01 -27.77
C GLN D 92 10.30 21.58 -26.53
N ASN D 93 11.08 22.15 -25.60
CA ASN D 93 10.47 22.78 -24.44
C ASN D 93 9.68 24.02 -24.83
N THR D 94 10.17 24.78 -25.82
CA THR D 94 9.46 25.96 -26.29
C THR D 94 8.13 25.59 -26.91
N GLN D 95 8.03 24.40 -27.51
CA GLN D 95 6.74 23.95 -28.02
C GLN D 95 5.70 23.88 -26.91
N PHE D 96 6.05 23.24 -25.79
CA PHE D 96 5.11 23.14 -24.68
C PHE D 96 4.86 24.50 -24.04
N LEU D 97 5.89 25.35 -23.96
CA LEU D 97 5.70 26.68 -23.40
C LEU D 97 4.70 27.48 -24.23
N HIS D 98 4.87 27.46 -25.56
CA HIS D 98 3.95 28.16 -26.44
C HIS D 98 2.55 27.57 -26.36
N LEU D 99 2.46 26.24 -26.26
CA LEU D 99 1.15 25.60 -26.18
C LEU D 99 0.42 25.98 -24.90
N ALA D 100 1.14 26.00 -23.78
CA ALA D 100 0.54 26.41 -22.51
C ALA D 100 0.13 27.87 -22.53
N GLN D 101 0.94 28.72 -23.17
CA GLN D 101 0.54 30.11 -23.36
C GLN D 101 -0.72 30.18 -24.20
N GLU D 102 -0.84 29.33 -25.21
CA GLU D 102 -2.00 29.31 -26.08
C GLU D 102 -3.25 28.91 -25.32
N LEU D 103 -3.12 27.96 -24.41
CA LEU D 103 -4.27 27.37 -23.72
C LEU D 103 -4.84 28.26 -22.61
N VAL D 104 -4.46 29.53 -22.53
CA VAL D 104 -4.98 30.40 -21.48
C VAL D 104 -5.86 31.52 -22.01
N GLU D 105 -5.71 31.94 -23.27
CA GLU D 105 -6.51 33.03 -23.81
C GLU D 105 -7.83 32.57 -24.42
N GLY D 106 -8.10 31.27 -24.43
CA GLY D 106 -9.37 30.78 -24.92
C GLY D 106 -9.49 30.66 -26.43
N ARG D 107 -8.40 30.88 -27.16
CA ARG D 107 -8.42 30.74 -28.61
C ARG D 107 -8.33 29.28 -29.07
N SER D 108 -8.13 28.33 -28.15
CA SER D 108 -7.99 26.93 -28.49
C SER D 108 -9.18 26.08 -28.07
N ILE D 109 -9.78 26.34 -26.91
CA ILE D 109 -10.92 25.56 -26.46
C ILE D 109 -12.14 25.91 -27.32
N ASP D 110 -12.78 24.88 -27.88
CA ASP D 110 -13.91 25.04 -28.78
C ASP D 110 -15.08 24.17 -28.32
N GLY D 111 -15.38 24.20 -27.03
CA GLY D 111 -16.52 23.48 -26.50
C GLY D 111 -16.18 22.49 -25.41
N PHE D 112 -17.14 22.25 -24.51
CA PHE D 112 -16.97 21.34 -23.39
C PHE D 112 -17.91 20.16 -23.56
N TYR D 113 -17.36 18.95 -23.44
CA TYR D 113 -18.15 17.71 -23.52
C TYR D 113 -18.57 17.23 -22.14
N GLY D 114 -19.21 18.11 -21.38
CA GLY D 114 -19.64 17.75 -20.03
C GLY D 114 -20.38 18.91 -19.40
N ASP D 115 -20.88 18.65 -18.19
CA ASP D 115 -21.67 19.63 -17.44
C ASP D 115 -20.72 20.64 -16.80
N LEU D 116 -20.54 21.77 -17.47
CA LEU D 116 -19.73 22.84 -16.91
C LEU D 116 -20.43 23.46 -15.71
N SER D 117 -19.65 23.71 -14.66
CA SER D 117 -20.17 24.28 -13.42
C SER D 117 -19.50 25.62 -13.15
N MET D 118 -20.31 26.65 -12.94
CA MET D 118 -19.80 27.98 -12.62
C MET D 118 -19.81 28.27 -11.13
N ASN D 119 -20.42 27.39 -10.33
CA ASN D 119 -20.38 27.39 -8.86
C ASN D 119 -20.38 28.79 -8.27
N GLY D 120 -21.43 29.54 -8.60
CA GLY D 120 -21.63 30.86 -8.03
C GLY D 120 -20.91 31.99 -8.71
N TYR D 121 -20.54 31.82 -9.98
CA TYR D 121 -19.85 32.86 -10.72
C TYR D 121 -20.65 33.24 -11.96
N ARG D 122 -20.34 34.42 -12.51
CA ARG D 122 -21.14 35.05 -13.54
C ARG D 122 -20.40 35.01 -14.88
N ILE D 123 -21.15 34.68 -15.94
CA ILE D 123 -20.63 34.75 -17.30
C ILE D 123 -20.84 36.16 -17.82
N THR D 124 -19.78 36.80 -18.26
CA THR D 124 -19.80 38.20 -18.64
C THR D 124 -19.66 38.35 -20.16
N HIS D 125 -20.30 39.38 -20.72
CA HIS D 125 -20.18 39.77 -22.11
C HIS D 125 -20.76 38.74 -23.07
N LEU D 126 -21.73 37.95 -22.64
CA LEU D 126 -22.38 37.00 -23.53
C LEU D 126 -23.29 37.72 -24.51
N ALA D 127 -23.15 37.38 -25.79
CA ALA D 127 -23.89 38.04 -26.85
C ALA D 127 -25.24 37.36 -27.08
N ASP D 128 -26.17 38.10 -27.68
CA ASP D 128 -27.49 37.58 -27.96
C ASP D 128 -27.44 36.54 -29.06
N GLY D 129 -28.14 35.43 -28.84
CA GLY D 129 -28.12 34.34 -29.80
C GLY D 129 -29.20 34.46 -30.87
N VAL D 130 -29.04 33.66 -31.91
CA VAL D 130 -30.02 33.59 -33.00
C VAL D 130 -30.56 32.20 -33.23
N ASP D 131 -29.84 31.14 -32.85
CA ASP D 131 -30.24 29.74 -32.93
C ASP D 131 -30.93 29.34 -31.64
N PRO D 132 -32.15 28.78 -31.67
CA PRO D 132 -32.89 28.51 -30.43
C PRO D 132 -32.18 27.60 -29.43
N LYS D 133 -31.00 27.09 -29.78
CA LYS D 133 -30.19 26.31 -28.85
C LYS D 133 -28.97 27.09 -28.35
N ASP D 134 -29.13 28.40 -28.19
CA ASP D 134 -28.03 29.28 -27.79
C ASP D 134 -28.30 29.91 -26.43
N ALA D 135 -27.23 30.28 -25.75
CA ALA D 135 -27.34 30.94 -24.45
C ALA D 135 -27.95 32.34 -24.61
N VAL D 136 -28.43 32.87 -23.49
CA VAL D 136 -29.18 34.12 -23.48
C VAL D 136 -28.52 35.10 -22.51
N ASN D 137 -28.49 36.37 -22.89
CA ASN D 137 -27.99 37.43 -22.04
C ASN D 137 -29.15 38.04 -21.26
N LYS D 138 -28.88 39.12 -20.51
CA LYS D 138 -29.93 39.75 -19.72
C LYS D 138 -30.65 40.84 -20.49
N GLY D 139 -30.08 41.35 -21.58
CA GLY D 139 -30.73 42.42 -22.32
C GLY D 139 -32.09 42.01 -22.86
N GLN D 140 -32.15 40.86 -23.53
CA GLN D 140 -33.41 40.40 -24.08
C GLN D 140 -34.34 39.88 -23.00
N LEU D 141 -33.80 39.38 -21.89
CA LEU D 141 -34.63 39.01 -20.75
C LEU D 141 -35.34 40.23 -20.19
N ASP D 142 -34.62 41.35 -20.06
CA ASP D 142 -35.23 42.59 -19.61
C ASP D 142 -36.23 43.10 -20.63
N SER D 143 -35.92 42.94 -21.92
CA SER D 143 -36.85 43.34 -22.97
C SER D 143 -38.16 42.58 -22.85
N VAL D 144 -38.08 41.28 -22.58
CA VAL D 144 -39.29 40.49 -22.33
C VAL D 144 -39.98 40.96 -21.07
N SER D 145 -39.21 41.26 -20.02
CA SER D 145 -39.79 41.74 -18.76
C SER D 145 -40.51 43.07 -18.92
N ASN D 146 -40.22 43.82 -19.98
CA ASN D 146 -40.91 45.08 -20.26
C ASN D 146 -42.04 44.89 -21.26
N ARG D 147 -42.70 43.74 -21.24
CA ARG D 147 -43.79 43.42 -22.14
C ARG D 147 -43.37 43.50 -23.60
N TYR E 3 -9.13 13.39 -30.66
CA TYR E 3 -7.77 12.88 -30.67
C TYR E 3 -7.42 12.23 -29.34
N SER E 4 -8.21 12.52 -28.31
CA SER E 4 -8.00 11.97 -26.99
C SER E 4 -9.18 11.19 -26.44
N TRP E 5 -10.33 11.24 -27.09
CA TRP E 5 -11.51 10.48 -26.69
C TRP E 5 -12.13 9.81 -27.91
N SER E 6 -12.70 8.62 -27.69
CA SER E 6 -13.34 7.86 -28.75
C SER E 6 -14.73 7.45 -28.30
N GLU E 7 -15.72 7.69 -29.16
CA GLU E 7 -17.10 7.31 -28.91
C GLU E 7 -17.61 6.46 -30.05
N GLN E 8 -18.22 5.32 -29.71
CA GLN E 8 -18.76 4.42 -30.71
C GLN E 8 -19.90 3.57 -30.14
N THR E 14 -20.12 -6.20 -28.96
CA THR E 14 -20.83 -6.01 -27.70
C THR E 14 -20.05 -6.58 -26.53
N THR E 15 -18.92 -7.22 -26.83
CA THR E 15 -18.07 -7.81 -25.81
C THR E 15 -16.63 -7.36 -25.99
N LEU E 16 -16.23 -7.10 -27.22
CA LEU E 16 -14.87 -6.67 -27.54
C LEU E 16 -14.91 -5.22 -28.00
N ILE E 17 -14.07 -4.38 -27.40
CA ILE E 17 -14.00 -2.96 -27.70
C ILE E 17 -12.58 -2.62 -28.12
N SER E 18 -12.45 -1.91 -29.24
CA SER E 18 -11.16 -1.49 -29.75
C SER E 18 -10.77 -0.13 -29.17
N VAL E 19 -9.46 0.08 -29.04
CA VAL E 19 -8.90 1.32 -28.50
C VAL E 19 -7.92 1.85 -29.53
N ASP E 20 -8.32 2.87 -30.29
CA ASP E 20 -7.47 3.43 -31.34
C ASP E 20 -6.64 4.62 -30.88
N ILE E 21 -7.00 5.25 -29.76
CA ILE E 21 -6.29 6.42 -29.29
C ILE E 21 -5.06 5.98 -28.50
N GLU E 22 -3.96 6.72 -28.67
CA GLU E 22 -2.72 6.40 -27.97
C GLU E 22 -2.80 6.81 -26.51
N TYR E 23 -1.96 6.17 -25.70
CA TYR E 23 -1.93 6.44 -24.27
C TYR E 23 -0.57 6.03 -23.72
N LEU E 24 -0.24 6.55 -22.54
CA LEU E 24 0.98 6.16 -21.85
C LEU E 24 0.79 4.98 -20.91
N ASP E 25 -0.42 4.74 -20.43
CA ASP E 25 -0.68 3.63 -19.53
C ASP E 25 -2.10 3.11 -19.77
N LYS E 26 -2.29 1.82 -19.50
CA LYS E 26 -3.62 1.23 -19.66
C LYS E 26 -4.61 1.83 -18.67
N SER E 27 -4.17 2.08 -17.44
CA SER E 27 -5.06 2.63 -16.42
C SER E 27 -5.49 4.06 -16.72
N TYR E 28 -4.86 4.72 -17.69
CA TYR E 28 -5.23 6.08 -18.05
C TYR E 28 -6.54 6.15 -18.82
N ILE E 29 -7.05 5.02 -19.29
CA ILE E 29 -8.25 4.98 -20.13
C ILE E 29 -9.45 4.64 -19.27
N TYR E 30 -10.48 5.47 -19.33
CA TYR E 30 -11.73 5.22 -18.65
C TYR E 30 -12.80 4.87 -19.67
N LEU E 31 -13.56 3.82 -19.38
CA LEU E 31 -14.59 3.31 -20.29
C LEU E 31 -15.95 3.72 -19.78
N TYR E 32 -16.78 4.29 -20.66
CA TYR E 32 -18.10 4.77 -20.31
C TYR E 32 -19.14 4.05 -21.16
N ILE E 33 -20.16 3.50 -20.50
CA ILE E 33 -21.29 2.86 -21.17
C ILE E 33 -22.53 3.65 -20.78
N ASN E 34 -23.16 4.31 -21.76
CA ASN E 34 -24.34 5.14 -21.54
C ASN E 34 -24.07 6.19 -20.45
N ASN E 35 -22.91 6.85 -20.57
CA ASN E 35 -22.48 7.89 -19.64
C ASN E 35 -22.38 7.37 -18.21
N VAL E 36 -22.02 6.10 -18.05
CA VAL E 36 -21.81 5.49 -16.75
C VAL E 36 -20.39 4.92 -16.72
N LEU E 37 -19.66 5.21 -15.64
CA LEU E 37 -18.29 4.73 -15.52
C LEU E 37 -18.28 3.26 -15.09
N ILE E 38 -17.32 2.51 -15.63
CA ILE E 38 -17.13 1.11 -15.30
C ILE E 38 -15.74 0.94 -14.69
N SER E 39 -15.69 0.30 -13.53
CA SER E 39 -14.42 0.07 -12.86
C SER E 39 -13.54 -0.87 -13.70
N ASN E 40 -12.23 -0.67 -13.60
CA ASN E 40 -11.29 -1.47 -14.38
C ASN E 40 -11.29 -2.94 -14.00
N SER E 41 -11.87 -3.30 -12.85
CA SER E 41 -11.98 -4.69 -12.45
C SER E 41 -13.05 -5.46 -13.21
N ASP E 42 -13.91 -4.76 -13.96
CA ASP E 42 -14.99 -5.39 -14.70
C ASP E 42 -14.62 -5.73 -16.14
N TYR E 43 -13.39 -5.42 -16.56
CA TYR E 43 -12.96 -5.73 -17.91
C TYR E 43 -11.46 -5.95 -17.91
N SER E 44 -10.97 -6.63 -18.94
CA SER E 44 -9.56 -6.93 -19.09
C SER E 44 -9.08 -6.51 -20.47
N TRP E 45 -7.78 -6.23 -20.57
CA TRP E 45 -7.17 -5.81 -21.83
C TRP E 45 -6.62 -7.03 -22.54
N ASN E 46 -7.29 -7.46 -23.62
CA ASN E 46 -6.77 -8.55 -24.42
C ASN E 46 -5.46 -8.15 -25.10
N SER E 47 -5.39 -6.93 -25.59
CA SER E 47 -4.17 -6.40 -26.21
C SER E 47 -4.14 -4.90 -25.99
N ASP E 48 -3.28 -4.21 -26.72
CA ASP E 48 -3.19 -2.76 -26.65
C ASP E 48 -4.27 -2.06 -27.46
N THR E 49 -5.07 -2.81 -28.22
CA THR E 49 -6.12 -2.21 -29.05
C THR E 49 -7.39 -3.07 -28.94
N LEU E 50 -7.61 -3.70 -27.79
CA LEU E 50 -8.77 -4.56 -27.60
C LEU E 50 -9.11 -4.64 -26.12
N ILE E 51 -10.35 -4.31 -25.78
CA ILE E 51 -10.86 -4.41 -24.43
C ILE E 51 -12.01 -5.39 -24.42
N GLN E 52 -11.94 -6.40 -23.54
CA GLN E 52 -12.97 -7.42 -23.43
C GLN E 52 -13.67 -7.25 -22.08
N LEU E 53 -15.00 -7.12 -22.12
CA LEU E 53 -15.77 -6.99 -20.89
C LEU E 53 -16.03 -8.36 -20.27
N ASN E 54 -16.33 -8.34 -18.98
CA ASN E 54 -16.63 -9.59 -18.28
C ASN E 54 -17.94 -10.21 -18.79
N THR E 55 -18.94 -9.38 -19.04
CA THR E 55 -20.24 -9.87 -19.51
C THR E 55 -20.67 -9.18 -20.79
N THR E 62 -24.15 2.74 -25.80
CA THR E 62 -23.01 3.37 -26.45
C THR E 62 -21.72 3.12 -25.68
N VAL E 63 -20.59 3.23 -26.38
CA VAL E 63 -19.27 3.00 -25.79
C VAL E 63 -18.47 4.29 -25.92
N LEU E 64 -17.92 4.75 -24.80
CA LEU E 64 -17.10 5.96 -24.76
C LEU E 64 -15.82 5.66 -24.01
N LEU E 65 -14.69 6.01 -24.63
CA LEU E 65 -13.37 5.85 -24.01
C LEU E 65 -12.77 7.24 -23.82
N VAL E 66 -12.38 7.54 -22.57
CA VAL E 66 -11.80 8.82 -22.23
C VAL E 66 -10.44 8.58 -21.59
N ARG E 67 -9.42 9.26 -22.10
CA ARG E 67 -8.08 9.19 -21.55
C ARG E 67 -7.86 10.35 -20.60
N ARG E 68 -7.17 10.09 -19.49
CA ARG E 68 -6.87 11.13 -18.50
C ARG E 68 -5.52 10.80 -17.86
N THR E 69 -4.45 11.41 -18.38
CA THR E 69 -3.13 11.23 -17.81
C THR E 69 -3.03 11.95 -16.47
N ASP E 70 -2.45 11.28 -15.48
CA ASP E 70 -2.25 11.91 -14.18
C ASP E 70 -1.29 13.08 -14.28
N LYS E 71 -1.55 14.12 -13.50
CA LYS E 71 -0.75 15.33 -13.49
C LYS E 71 -0.11 15.58 -12.12
N GLU E 72 -0.06 14.57 -11.27
CA GLU E 72 0.56 14.71 -9.96
C GLU E 72 2.02 14.27 -9.96
N TYR E 73 2.36 13.26 -10.75
CA TYR E 73 3.72 12.74 -10.83
C TYR E 73 4.18 12.73 -12.28
N LEU E 74 5.49 12.88 -12.47
CA LEU E 74 6.09 12.71 -13.78
C LEU E 74 6.08 11.24 -14.15
N TYR E 75 5.66 10.94 -15.39
CA TYR E 75 5.55 9.53 -15.80
C TYR E 75 6.90 8.84 -15.80
N ILE E 76 7.93 9.50 -16.34
CA ILE E 76 9.28 8.97 -16.35
C ILE E 76 10.10 9.79 -15.37
N MET E 77 10.59 9.15 -14.31
CA MET E 77 11.45 9.81 -13.34
C MET E 77 12.89 9.40 -13.65
N PHE E 78 13.77 10.39 -13.74
CA PHE E 78 15.18 10.13 -13.97
C PHE E 78 15.91 9.99 -12.66
N ALA E 79 16.89 9.09 -12.64
CA ALA E 79 17.70 8.84 -11.46
C ALA E 79 19.18 8.88 -11.85
N GLU E 80 19.98 9.43 -10.94
CA GLU E 80 21.43 9.44 -11.15
C GLU E 80 21.95 8.01 -11.24
N GLY E 81 22.79 7.76 -12.22
CA GLY E 81 23.29 6.41 -12.44
C GLY E 81 22.24 5.42 -12.89
N ALA E 82 21.38 5.83 -13.83
CA ALA E 82 20.36 4.95 -14.39
C ALA E 82 20.52 4.90 -15.89
N ALA E 83 20.10 3.77 -16.48
CA ALA E 83 20.19 3.60 -17.92
C ALA E 83 19.29 4.60 -18.64
N PHE E 84 19.81 5.16 -19.73
CA PHE E 84 19.11 6.19 -20.48
C PHE E 84 19.03 5.80 -21.95
N ILE E 85 17.87 6.05 -22.57
CA ILE E 85 17.66 5.84 -23.99
C ILE E 85 16.99 7.08 -24.55
N ARG E 86 17.01 7.19 -25.89
CA ARG E 86 16.47 8.37 -26.55
C ARG E 86 14.97 8.47 -26.36
N GLU E 87 14.27 7.35 -26.32
CA GLU E 87 12.81 7.33 -26.22
C GLU E 87 12.29 7.84 -24.87
N ASN E 88 13.15 7.93 -23.86
CA ASN E 88 12.70 8.41 -22.56
C ASN E 88 12.25 9.87 -22.64
N LEU E 89 13.04 10.71 -23.31
CA LEU E 89 12.65 12.10 -23.50
C LEU E 89 11.38 12.20 -24.33
N ASP E 90 11.25 11.35 -25.34
CA ASP E 90 10.06 11.38 -26.18
C ASP E 90 8.81 11.03 -25.37
N VAL E 91 8.90 10.03 -24.50
CA VAL E 91 7.75 9.66 -23.67
C VAL E 91 7.44 10.77 -22.66
N GLN E 92 8.48 11.36 -22.08
CA GLN E 92 8.25 12.46 -21.13
C GLN E 92 7.55 13.62 -21.81
N ASN E 93 7.96 13.97 -23.04
CA ASN E 93 7.27 15.03 -23.77
C ASN E 93 5.86 14.60 -24.16
N THR E 94 5.68 13.32 -24.50
CA THR E 94 4.37 12.81 -24.87
C THR E 94 3.39 12.95 -23.72
N GLN E 95 3.86 12.86 -22.48
CA GLN E 95 2.98 13.07 -21.34
C GLN E 95 2.33 14.45 -21.39
N PHE E 96 3.14 15.50 -21.51
CA PHE E 96 2.59 16.85 -21.59
C PHE E 96 1.76 17.06 -22.84
N LEU E 97 2.20 16.47 -23.97
CA LEU E 97 1.44 16.59 -25.20
C LEU E 97 0.04 16.03 -25.05
N HIS E 98 -0.07 14.83 -24.47
CA HIS E 98 -1.38 14.23 -24.25
C HIS E 98 -2.20 15.06 -23.27
N LEU E 99 -1.58 15.53 -22.18
CA LEU E 99 -2.31 16.35 -21.22
C LEU E 99 -2.93 17.56 -21.90
N ALA E 100 -2.15 18.26 -22.72
CA ALA E 100 -2.70 19.36 -23.50
C ALA E 100 -3.77 18.89 -24.46
N GLN E 101 -3.67 17.66 -24.97
CA GLN E 101 -4.71 17.14 -25.85
C GLN E 101 -6.06 17.07 -25.14
N GLU E 102 -6.12 16.41 -23.97
CA GLU E 102 -7.40 16.37 -23.29
C GLU E 102 -7.81 17.73 -22.76
N LEU E 103 -6.84 18.62 -22.52
CA LEU E 103 -7.22 19.99 -22.17
C LEU E 103 -7.96 20.66 -23.32
N VAL E 104 -7.51 20.41 -24.55
CA VAL E 104 -8.14 21.01 -25.72
C VAL E 104 -9.51 20.39 -25.99
N GLU E 105 -9.61 19.06 -25.88
CA GLU E 105 -10.85 18.39 -26.26
C GLU E 105 -12.04 18.76 -25.38
N GLY E 106 -11.80 19.39 -24.23
CA GLY E 106 -12.88 19.86 -23.40
C GLY E 106 -13.51 18.82 -22.48
N ARG E 107 -13.00 17.60 -22.48
CA ARG E 107 -13.51 16.55 -21.61
C ARG E 107 -12.76 16.46 -20.29
N SER E 108 -11.78 17.36 -20.06
CA SER E 108 -10.98 17.34 -18.85
C SER E 108 -11.42 18.39 -17.83
N ILE E 109 -11.68 19.62 -18.28
CA ILE E 109 -12.12 20.67 -17.39
C ILE E 109 -13.56 20.45 -17.00
N ASP E 110 -13.83 20.39 -15.69
CA ASP E 110 -15.16 20.07 -15.17
C ASP E 110 -15.79 21.25 -14.43
N GLY E 111 -15.32 22.46 -14.68
CA GLY E 111 -15.90 23.62 -14.03
C GLY E 111 -14.95 24.80 -14.08
N PHE E 112 -15.44 25.92 -13.55
CA PHE E 112 -14.68 27.16 -13.50
C PHE E 112 -14.81 27.78 -12.13
N TYR E 113 -13.81 28.58 -11.77
CA TYR E 113 -13.75 29.22 -10.46
C TYR E 113 -13.64 30.74 -10.58
N GLY E 114 -13.97 31.29 -11.74
CA GLY E 114 -13.93 32.72 -11.97
C GLY E 114 -15.03 33.13 -12.91
N ASP E 115 -14.99 34.39 -13.34
CA ASP E 115 -16.00 34.93 -14.24
C ASP E 115 -15.47 34.88 -15.67
N LEU E 116 -16.19 34.17 -16.53
CA LEU E 116 -15.82 34.15 -17.95
C LEU E 116 -16.11 35.49 -18.61
N SER E 117 -15.18 35.93 -19.44
CA SER E 117 -15.26 37.22 -20.11
C SER E 117 -15.21 37.05 -21.62
N MET E 118 -15.98 36.09 -22.12
CA MET E 118 -16.05 35.86 -23.56
C MET E 118 -16.68 37.07 -24.25
N ASN E 119 -15.94 37.70 -25.16
CA ASN E 119 -16.29 39.02 -25.67
C ASN E 119 -17.14 38.88 -26.93
N GLY E 120 -18.44 39.13 -26.78
CA GLY E 120 -19.34 39.18 -27.93
C GLY E 120 -19.45 37.89 -28.69
N TYR E 121 -19.41 36.75 -27.99
CA TYR E 121 -19.59 35.44 -28.61
C TYR E 121 -20.68 34.69 -27.88
N ARG E 122 -21.50 33.96 -28.63
CA ARG E 122 -22.63 33.24 -28.07
C ARG E 122 -22.32 31.76 -27.93
N ILE E 123 -22.86 31.17 -26.87
CA ILE E 123 -22.67 29.75 -26.57
C ILE E 123 -23.81 28.97 -27.19
N THR E 124 -23.50 27.88 -27.87
CA THR E 124 -24.48 27.10 -28.61
C THR E 124 -24.61 25.70 -28.01
N HIS E 125 -25.74 25.06 -28.34
CA HIS E 125 -26.05 23.70 -27.91
C HIS E 125 -26.05 23.58 -26.38
N LEU E 126 -27.02 24.25 -25.78
CA LEU E 126 -27.23 24.21 -24.34
C LEU E 126 -28.41 23.32 -24.02
N ALA E 127 -28.21 22.35 -23.12
CA ALA E 127 -29.32 21.55 -22.64
C ALA E 127 -30.21 22.36 -21.72
N ASP E 128 -31.51 22.09 -21.78
CA ASP E 128 -32.47 22.80 -20.95
C ASP E 128 -32.28 22.48 -19.48
N GLY E 129 -32.00 23.51 -18.69
CA GLY E 129 -31.81 23.30 -17.26
C GLY E 129 -33.11 23.05 -16.55
N VAL E 130 -33.01 22.37 -15.41
CA VAL E 130 -34.19 22.08 -14.58
C VAL E 130 -34.02 22.72 -13.21
N ASP E 131 -32.83 22.61 -12.64
CA ASP E 131 -32.49 23.37 -11.43
C ASP E 131 -32.45 24.85 -11.79
N PRO E 132 -33.21 25.71 -11.10
CA PRO E 132 -33.24 27.13 -11.51
C PRO E 132 -31.90 27.83 -11.43
N LYS E 133 -30.87 27.21 -10.86
CA LYS E 133 -29.53 27.75 -10.89
C LYS E 133 -28.81 27.48 -12.21
N ASP E 134 -29.33 26.59 -13.05
CA ASP E 134 -28.67 26.30 -14.32
C ASP E 134 -28.92 27.42 -15.32
N ALA E 135 -28.08 27.45 -16.35
CA ALA E 135 -28.29 28.37 -17.46
C ALA E 135 -29.46 27.90 -18.32
N VAL E 136 -29.98 28.82 -19.13
CA VAL E 136 -31.16 28.57 -19.96
C VAL E 136 -30.89 29.07 -21.38
N ASN E 137 -31.41 28.35 -22.36
CA ASN E 137 -31.36 28.78 -23.74
C ASN E 137 -32.66 29.50 -24.11
N LYS E 138 -32.65 30.15 -25.27
CA LYS E 138 -33.84 30.88 -25.68
C LYS E 138 -34.93 29.97 -26.25
N GLY E 139 -34.66 28.67 -26.41
CA GLY E 139 -35.73 27.74 -26.75
C GLY E 139 -36.81 27.71 -25.69
N GLN E 140 -36.46 28.04 -24.45
CA GLN E 140 -37.44 28.20 -23.38
C GLN E 140 -37.89 29.65 -23.20
N LEU E 141 -37.00 30.61 -23.47
CA LEU E 141 -37.38 32.01 -23.36
C LEU E 141 -38.47 32.37 -24.35
N ASP E 142 -38.34 31.90 -25.60
CA ASP E 142 -39.37 32.16 -26.60
C ASP E 142 -40.69 31.50 -26.23
N SER E 143 -40.63 30.29 -25.68
CA SER E 143 -41.84 29.62 -25.23
C SER E 143 -42.50 30.40 -24.11
N VAL E 144 -41.72 30.91 -23.17
CA VAL E 144 -42.26 31.75 -22.11
C VAL E 144 -42.82 33.05 -22.69
N SER E 145 -42.08 33.66 -23.61
CA SER E 145 -42.52 34.90 -24.24
C SER E 145 -43.70 34.66 -25.17
N SER F 4 -2.76 22.84 -6.46
CA SER F 4 -2.45 24.07 -7.18
C SER F 4 -2.92 25.31 -6.43
N TRP F 5 -3.97 25.14 -5.62
CA TRP F 5 -4.48 26.23 -4.82
C TRP F 5 -5.22 25.67 -3.61
N SER F 6 -5.43 26.52 -2.62
CA SER F 6 -6.12 26.13 -1.41
C SER F 6 -6.96 27.30 -0.91
N GLU F 7 -8.15 27.00 -0.41
CA GLU F 7 -9.06 27.99 0.14
C GLU F 7 -9.52 27.54 1.52
N GLN F 8 -9.57 28.49 2.45
CA GLN F 8 -9.99 28.18 3.81
C GLN F 8 -10.53 29.44 4.47
N VAL F 9 -11.29 29.25 5.54
CA VAL F 9 -11.87 30.34 6.32
C VAL F 9 -11.08 30.45 7.61
N VAL F 10 -10.45 31.61 7.83
CA VAL F 10 -9.60 31.81 8.99
C VAL F 10 -10.30 32.75 9.97
N PRO F 11 -10.06 32.62 11.28
CA PRO F 11 -10.66 33.56 12.22
C PRO F 11 -10.03 34.94 12.13
N SER F 12 -10.75 35.93 12.64
CA SER F 12 -10.28 37.30 12.62
C SER F 12 -9.03 37.45 13.48
N GLY F 13 -8.09 38.27 13.01
CA GLY F 13 -6.86 38.51 13.73
C GLY F 13 -5.72 37.55 13.44
N THR F 14 -5.79 36.82 12.32
CA THR F 14 -4.75 35.87 11.98
C THR F 14 -3.75 36.51 11.03
N THR F 15 -2.46 36.39 11.36
CA THR F 15 -1.39 36.91 10.52
C THR F 15 -0.58 35.83 9.81
N LEU F 16 -0.41 34.66 10.44
CA LEU F 16 0.37 33.58 9.85
C LEU F 16 -0.52 32.74 8.94
N ILE F 17 -0.11 32.58 7.69
CA ILE F 17 -0.81 31.75 6.72
C ILE F 17 0.16 30.68 6.24
N SER F 18 -0.25 29.42 6.35
CA SER F 18 0.59 28.29 5.99
C SER F 18 0.18 27.77 4.61
N VAL F 19 1.16 27.67 3.71
CA VAL F 19 0.93 27.19 2.36
C VAL F 19 1.41 25.75 2.25
N ASP F 20 0.72 24.96 1.43
CA ASP F 20 1.10 23.59 1.15
C ASP F 20 1.35 23.36 -0.34
N ILE F 21 1.06 24.33 -1.19
CA ILE F 21 1.26 24.19 -2.64
C ILE F 21 2.75 24.10 -2.93
N GLU F 22 3.14 23.09 -3.71
CA GLU F 22 4.53 22.94 -4.11
C GLU F 22 4.87 23.90 -5.24
N TYR F 23 5.40 25.07 -4.90
CA TYR F 23 5.71 26.08 -5.88
C TYR F 23 7.14 25.97 -6.36
N LEU F 24 7.41 26.56 -7.51
CA LEU F 24 8.76 26.66 -8.04
C LEU F 24 9.44 27.97 -7.69
N ASP F 25 8.67 29.01 -7.36
CA ASP F 25 9.22 30.30 -6.96
C ASP F 25 8.23 30.98 -6.02
N LYS F 26 8.77 31.76 -5.09
CA LYS F 26 7.93 32.46 -4.13
C LYS F 26 7.04 33.50 -4.80
N SER F 27 7.50 34.07 -5.91
CA SER F 27 6.69 35.04 -6.65
C SER F 27 5.53 34.40 -7.39
N TYR F 28 5.47 33.07 -7.45
CA TYR F 28 4.41 32.37 -8.16
C TYR F 28 3.16 32.17 -7.32
N ILE F 29 3.20 32.53 -6.04
CA ILE F 29 2.08 32.34 -5.14
C ILE F 29 1.34 33.66 -4.98
N TYR F 30 0.05 33.66 -5.26
CA TYR F 30 -0.80 34.83 -5.15
C TYR F 30 -1.73 34.67 -3.96
N LEU F 31 -1.83 35.71 -3.13
CA LEU F 31 -2.64 35.69 -1.93
C LEU F 31 -3.89 36.53 -2.15
N TYR F 32 -5.05 35.92 -1.94
CA TYR F 32 -6.34 36.58 -2.08
C TYR F 32 -7.06 36.58 -0.74
N ILE F 33 -7.55 37.74 -0.32
CA ILE F 33 -8.36 37.87 0.89
C ILE F 33 -9.73 38.36 0.46
N ASN F 34 -10.76 37.55 0.70
CA ASN F 34 -12.13 37.87 0.32
C ASN F 34 -12.23 38.19 -1.18
N ASN F 35 -11.58 37.38 -2.00
CA ASN F 35 -11.55 37.54 -3.44
C ASN F 35 -10.96 38.88 -3.87
N VAL F 36 -10.08 39.43 -3.04
CA VAL F 36 -9.37 40.67 -3.35
C VAL F 36 -7.88 40.36 -3.32
N LEU F 37 -7.20 40.67 -4.42
CA LEU F 37 -5.76 40.40 -4.52
C LEU F 37 -5.00 41.27 -3.53
N ILE F 38 -4.04 40.66 -2.83
CA ILE F 38 -3.22 41.36 -1.85
C ILE F 38 -1.87 41.67 -2.48
N SER F 39 -1.45 42.93 -2.38
CA SER F 39 -0.17 43.33 -2.94
C SER F 39 0.97 42.63 -2.20
N ASN F 40 2.07 42.42 -2.92
CA ASN F 40 3.23 41.74 -2.34
C ASN F 40 3.83 42.52 -1.18
N SER F 41 3.64 43.84 -1.15
CA SER F 41 4.19 44.66 -0.07
C SER F 41 3.41 44.53 1.23
N ASP F 42 2.25 43.87 1.22
CA ASP F 42 1.43 43.75 2.41
C ASP F 42 1.69 42.45 3.18
N TYR F 43 2.58 41.59 2.70
CA TYR F 43 2.90 40.35 3.41
C TYR F 43 4.33 39.95 3.09
N SER F 44 4.90 39.14 3.98
CA SER F 44 6.27 38.68 3.83
C SER F 44 6.33 37.19 4.15
N TRP F 45 7.35 36.53 3.59
CA TRP F 45 7.53 35.09 3.76
C TRP F 45 8.45 34.85 4.95
N ASN F 46 7.88 34.41 6.07
CA ASN F 46 8.69 34.07 7.23
C ASN F 46 9.59 32.87 6.94
N SER F 47 9.07 31.89 6.22
CA SER F 47 9.84 30.72 5.82
C SER F 47 9.33 30.25 4.47
N ASP F 48 9.70 29.03 4.09
CA ASP F 48 9.29 28.51 2.79
C ASP F 48 7.78 28.24 2.75
N THR F 49 7.19 27.84 3.87
CA THR F 49 5.78 27.46 3.94
C THR F 49 5.05 28.27 5.01
N LEU F 50 5.28 29.57 5.03
CA LEU F 50 4.63 30.43 6.02
C LEU F 50 4.58 31.85 5.49
N ILE F 51 3.39 32.43 5.45
CA ILE F 51 3.17 33.81 5.00
C ILE F 51 2.64 34.61 6.18
N GLN F 52 3.31 35.71 6.50
CA GLN F 52 2.91 36.60 7.58
C GLN F 52 2.39 37.90 7.01
N LEU F 53 1.17 38.28 7.39
CA LEU F 53 0.58 39.54 6.94
C LEU F 53 1.15 40.70 7.74
N ASN F 54 1.38 41.82 7.06
CA ASN F 54 1.86 43.02 7.75
C ASN F 54 0.84 43.52 8.76
N THR F 55 -0.44 43.50 8.39
CA THR F 55 -1.51 43.93 9.26
C THR F 55 -2.48 42.79 9.51
N PRO F 56 -2.82 42.48 10.76
CA PRO F 56 -3.76 41.39 11.02
C PRO F 56 -5.14 41.67 10.43
N MET F 57 -5.82 40.59 10.04
CA MET F 57 -7.16 40.73 9.46
C MET F 57 -8.13 41.28 10.49
N ALA F 58 -8.90 42.28 10.08
CA ALA F 58 -9.86 42.88 11.00
C ALA F 58 -11.03 41.95 11.28
N SER F 59 -11.53 41.26 10.26
CA SER F 59 -12.66 40.37 10.39
C SER F 59 -12.36 39.04 9.71
N ALA F 60 -13.05 37.99 10.15
CA ALA F 60 -12.84 36.67 9.57
C ALA F 60 -13.23 36.66 8.10
N GLY F 61 -12.38 36.03 7.29
CA GLY F 61 -12.63 35.96 5.86
C GLY F 61 -11.92 34.77 5.26
N THR F 62 -12.21 34.53 3.99
CA THR F 62 -11.62 33.41 3.26
C THR F 62 -10.25 33.80 2.71
N VAL F 63 -9.29 32.88 2.84
CA VAL F 63 -7.94 33.06 2.35
C VAL F 63 -7.74 32.13 1.16
N LEU F 64 -7.29 32.69 0.05
CA LEU F 64 -7.09 31.94 -1.18
C LEU F 64 -5.64 32.09 -1.63
N LEU F 65 -5.04 30.98 -2.06
CA LEU F 65 -3.61 30.89 -2.29
C LEU F 65 -3.31 30.35 -3.68
N VAL F 66 -3.92 30.98 -4.69
CA VAL F 66 -3.71 30.55 -6.07
C VAL F 66 -2.24 30.63 -6.45
N ARG F 67 -1.76 29.61 -7.15
CA ARG F 67 -0.44 29.61 -7.75
C ARG F 67 -0.59 29.76 -9.26
N ARG F 68 0.25 30.61 -9.86
CA ARG F 68 0.24 30.81 -11.30
C ARG F 68 1.69 30.80 -11.78
N THR F 69 2.07 29.70 -12.45
CA THR F 69 3.43 29.57 -12.95
C THR F 69 3.70 30.62 -14.02
N ASP F 70 4.87 31.25 -13.95
CA ASP F 70 5.25 32.31 -14.89
C ASP F 70 5.63 31.67 -16.22
N LYS F 71 4.70 31.68 -17.17
CA LYS F 71 4.93 31.10 -18.49
C LYS F 71 5.45 32.14 -19.48
N GLU F 72 6.50 32.86 -19.08
CA GLU F 72 7.18 33.80 -19.97
C GLU F 72 8.27 33.10 -20.76
N TYR F 73 9.25 32.52 -20.06
CA TYR F 73 10.38 31.85 -20.68
C TYR F 73 10.59 30.51 -20.00
N LEU F 74 11.31 29.63 -20.68
CA LEU F 74 11.67 28.34 -20.09
C LEU F 74 12.51 28.57 -18.84
N TYR F 75 12.17 27.84 -17.76
CA TYR F 75 12.89 28.03 -16.51
C TYR F 75 14.36 27.65 -16.65
N ILE F 76 14.64 26.57 -17.38
CA ILE F 76 16.00 26.11 -17.63
C ILE F 76 16.24 26.20 -19.13
N MET F 77 17.17 27.07 -19.53
CA MET F 77 17.55 27.22 -20.93
C MET F 77 18.83 26.43 -21.16
N PHE F 78 18.75 25.39 -21.99
CA PHE F 78 19.86 24.47 -22.14
C PHE F 78 20.99 25.03 -23.00
N ALA F 79 20.68 25.89 -23.97
CA ALA F 79 21.71 26.38 -24.88
C ALA F 79 22.62 27.43 -24.25
N GLU F 80 22.28 27.96 -23.07
CA GLU F 80 23.05 29.05 -22.48
C GLU F 80 23.76 28.65 -21.20
N GLY F 81 23.92 27.36 -20.93
CA GLY F 81 24.73 26.95 -19.80
C GLY F 81 24.24 25.78 -18.99
N ALA F 82 23.02 25.31 -19.24
CA ALA F 82 22.52 24.15 -18.51
C ALA F 82 23.33 22.91 -18.83
N ALA F 83 23.59 22.10 -17.81
CA ALA F 83 24.50 20.97 -17.94
C ALA F 83 23.81 19.67 -18.33
N PHE F 84 22.48 19.69 -18.50
CA PHE F 84 21.71 18.48 -18.80
C PHE F 84 21.97 17.39 -17.76
N ILE F 85 21.57 17.70 -16.52
CA ILE F 85 21.70 16.76 -15.42
C ILE F 85 20.32 16.43 -14.89
N ARG F 86 20.26 15.58 -13.86
CA ARG F 86 18.97 15.07 -13.40
C ARG F 86 18.07 16.19 -12.88
N GLU F 87 18.59 17.02 -11.99
CA GLU F 87 17.74 18.03 -11.36
C GLU F 87 17.32 19.10 -12.35
N ASN F 88 18.17 19.44 -13.31
CA ASN F 88 17.79 20.44 -14.32
C ASN F 88 16.60 19.96 -15.14
N LEU F 89 16.66 18.72 -15.63
CA LEU F 89 15.55 18.16 -16.38
C LEU F 89 14.31 18.02 -15.50
N ASP F 90 14.52 17.63 -14.23
CA ASP F 90 13.38 17.48 -13.33
C ASP F 90 12.66 18.80 -13.13
N VAL F 91 13.41 19.89 -12.93
CA VAL F 91 12.79 21.19 -12.74
C VAL F 91 12.13 21.68 -14.02
N GLN F 92 12.80 21.46 -15.16
CA GLN F 92 12.22 21.91 -16.43
C GLN F 92 10.90 21.20 -16.73
N ASN F 93 10.83 19.89 -16.48
CA ASN F 93 9.58 19.18 -16.67
C ASN F 93 8.57 19.52 -15.58
N THR F 94 9.03 19.83 -14.37
CA THR F 94 8.13 20.22 -13.30
C THR F 94 7.42 21.52 -13.62
N GLN F 95 8.10 22.44 -14.31
CA GLN F 95 7.44 23.66 -14.74
C GLN F 95 6.22 23.36 -15.61
N PHE F 96 6.41 22.51 -16.63
CA PHE F 96 5.31 22.17 -17.52
C PHE F 96 4.23 21.39 -16.80
N LEU F 97 4.62 20.48 -15.90
CA LEU F 97 3.64 19.71 -15.14
C LEU F 97 2.78 20.63 -14.29
N HIS F 98 3.42 21.60 -13.61
CA HIS F 98 2.68 22.56 -12.81
C HIS F 98 1.73 23.38 -13.68
N LEU F 99 2.22 23.86 -14.82
CA LEU F 99 1.39 24.66 -15.71
C LEU F 99 0.16 23.89 -16.16
N ALA F 100 0.35 22.63 -16.55
CA ALA F 100 -0.78 21.78 -16.88
C ALA F 100 -1.71 21.64 -15.69
N GLN F 101 -1.15 21.57 -14.48
CA GLN F 101 -2.00 21.47 -13.29
C GLN F 101 -2.91 22.67 -13.16
N GLU F 102 -2.35 23.89 -13.19
CA GLU F 102 -3.21 25.06 -13.01
C GLU F 102 -4.19 25.19 -14.17
N LEU F 103 -3.79 24.79 -15.38
CA LEU F 103 -4.72 24.85 -16.50
C LEU F 103 -5.89 23.89 -16.31
N VAL F 104 -5.63 22.71 -15.75
CA VAL F 104 -6.71 21.75 -15.51
C VAL F 104 -7.63 22.22 -14.39
N GLU F 105 -7.07 22.81 -13.33
CA GLU F 105 -7.90 23.24 -12.21
C GLU F 105 -8.96 24.26 -12.65
N GLY F 106 -8.68 25.00 -13.71
CA GLY F 106 -9.67 25.88 -14.30
C GLY F 106 -9.77 27.26 -13.69
N ARG F 107 -8.82 27.67 -12.86
CA ARG F 107 -8.83 28.99 -12.25
C ARG F 107 -7.94 29.97 -13.02
N SER F 108 -7.36 29.54 -14.14
CA SER F 108 -6.46 30.39 -14.91
C SER F 108 -7.07 30.92 -16.21
N ILE F 109 -8.19 30.36 -16.66
CA ILE F 109 -8.84 30.81 -17.88
C ILE F 109 -9.81 31.92 -17.54
N ASP F 110 -9.70 33.05 -18.23
CA ASP F 110 -10.55 34.21 -17.98
C ASP F 110 -11.66 34.39 -19.01
N GLY F 111 -11.44 33.98 -20.26
CA GLY F 111 -12.45 34.16 -21.27
C GLY F 111 -12.12 33.39 -22.53
N PHE F 112 -13.13 33.25 -23.38
CA PHE F 112 -13.01 32.54 -24.64
C PHE F 112 -13.28 33.49 -25.79
N TYR F 113 -12.35 33.54 -26.74
CA TYR F 113 -12.51 34.35 -27.95
C TYR F 113 -13.02 33.49 -29.10
N GLY F 114 -14.22 32.95 -28.92
CA GLY F 114 -14.83 32.12 -29.93
C GLY F 114 -16.20 31.65 -29.47
N ASP F 115 -16.90 30.98 -30.38
CA ASP F 115 -18.24 30.48 -30.10
C ASP F 115 -18.13 29.15 -29.36
N LEU F 116 -18.44 29.18 -28.06
CA LEU F 116 -18.43 27.95 -27.26
C LEU F 116 -19.59 27.06 -27.66
N SER F 117 -19.40 25.75 -27.46
CA SER F 117 -20.41 24.75 -27.83
C SER F 117 -20.47 23.71 -26.72
N MET F 118 -21.47 23.84 -25.85
CA MET F 118 -21.62 22.88 -24.76
C MET F 118 -22.06 21.50 -25.24
N ASN F 119 -22.54 21.39 -26.49
CA ASN F 119 -22.93 20.11 -27.08
C ASN F 119 -23.99 19.40 -26.25
N GLY F 120 -25.08 20.13 -25.99
CA GLY F 120 -26.20 19.57 -25.24
C GLY F 120 -25.90 19.24 -23.79
N TYR F 121 -25.13 20.09 -23.11
CA TYR F 121 -24.88 19.94 -21.69
C TYR F 121 -25.14 21.26 -20.99
N ARG F 122 -25.79 21.17 -19.83
CA ARG F 122 -26.19 22.36 -19.09
C ARG F 122 -24.99 23.05 -18.46
N ILE F 123 -25.05 24.38 -18.41
CA ILE F 123 -24.07 25.18 -17.67
C ILE F 123 -24.65 25.37 -16.28
N THR F 124 -24.33 24.45 -15.38
CA THR F 124 -24.94 24.43 -14.07
C THR F 124 -24.27 25.42 -13.12
N HIS F 125 -24.97 25.75 -12.04
CA HIS F 125 -24.46 26.59 -10.96
C HIS F 125 -24.00 27.96 -11.49
N LEU F 126 -24.84 28.57 -12.31
CA LEU F 126 -24.55 29.86 -12.92
C LEU F 126 -25.16 30.96 -12.06
N ALA F 127 -24.33 31.90 -11.61
CA ALA F 127 -24.81 32.97 -10.74
C ALA F 127 -25.72 33.93 -11.49
N ASP F 128 -26.51 34.68 -10.73
CA ASP F 128 -27.44 35.64 -11.31
C ASP F 128 -26.67 36.77 -12.01
N GLY F 129 -27.20 37.21 -13.15
CA GLY F 129 -26.57 38.30 -13.88
C GLY F 129 -26.78 39.63 -13.19
N VAL F 130 -25.85 40.55 -13.42
CA VAL F 130 -25.93 41.89 -12.83
C VAL F 130 -25.88 42.93 -13.94
N ASP F 131 -25.25 42.60 -15.06
CA ASP F 131 -25.09 43.52 -16.18
C ASP F 131 -25.91 43.03 -17.38
N PRO F 132 -26.34 43.95 -18.26
CA PRO F 132 -27.14 43.52 -19.41
C PRO F 132 -26.43 42.54 -20.32
N LYS F 133 -25.10 42.62 -20.43
CA LYS F 133 -24.36 41.70 -21.28
C LYS F 133 -24.10 40.36 -20.62
N ASP F 134 -24.34 40.23 -19.32
CA ASP F 134 -24.12 38.99 -18.61
C ASP F 134 -25.20 37.96 -18.96
N ALA F 135 -24.84 36.69 -18.82
CA ALA F 135 -25.81 35.63 -19.02
C ALA F 135 -26.77 35.55 -17.84
N VAL F 136 -27.85 34.80 -18.02
CA VAL F 136 -28.88 34.65 -17.00
C VAL F 136 -29.14 33.17 -16.78
N ASN F 137 -29.65 32.85 -15.59
CA ASN F 137 -29.98 31.48 -15.23
C ASN F 137 -31.49 31.28 -15.26
N LYS F 138 -31.91 30.05 -14.95
CA LYS F 138 -33.34 29.76 -14.89
C LYS F 138 -34.03 30.40 -13.69
N GLY F 139 -33.26 30.82 -12.69
CA GLY F 139 -33.87 31.45 -11.53
C GLY F 139 -34.58 32.74 -11.87
N GLN F 140 -33.96 33.58 -12.71
CA GLN F 140 -34.58 34.82 -13.12
C GLN F 140 -35.66 34.61 -14.17
N LEU F 141 -35.67 33.45 -14.85
CA LEU F 141 -36.77 33.13 -15.74
C LEU F 141 -38.04 32.82 -14.98
N ASP F 142 -37.92 32.41 -13.72
CA ASP F 142 -39.10 32.17 -12.89
C ASP F 142 -39.89 33.44 -12.64
N SER F 143 -39.23 34.58 -12.42
CA SER F 143 -39.96 35.83 -12.23
C SER F 143 -40.75 36.20 -13.49
N VAL F 144 -40.14 36.04 -14.66
CA VAL F 144 -40.84 36.28 -15.92
C VAL F 144 -42.00 35.33 -16.13
N SER F 145 -41.83 34.04 -15.76
CA SER F 145 -42.94 33.10 -15.86
C SER F 145 -44.08 33.49 -14.92
N ASN F 146 -43.76 33.91 -13.71
CA ASN F 146 -44.80 34.30 -12.76
C ASN F 146 -45.54 35.56 -13.21
N ARG F 147 -44.79 36.55 -13.70
CA ARG F 147 -45.43 37.80 -14.12
C ARG F 147 -46.31 37.59 -15.34
N VAL F 148 -46.05 36.52 -16.10
CA VAL F 148 -46.87 36.19 -17.26
C VAL F 148 -47.53 34.82 -17.05
N GLU G 7 -25.37 49.83 46.17
CA GLU G 7 -26.15 49.92 47.40
C GLU G 7 -27.17 48.81 47.48
N SER G 8 -27.61 48.32 46.33
CA SER G 8 -28.55 47.22 46.28
C SER G 8 -27.91 45.93 46.80
N LEU G 9 -28.74 45.06 47.38
CA LEU G 9 -28.23 43.82 47.94
C LEU G 9 -27.68 42.90 46.85
N GLU G 10 -28.23 42.97 45.64
CA GLU G 10 -27.72 42.16 44.55
C GLU G 10 -26.29 42.56 44.21
N SER G 11 -26.01 43.86 44.15
CA SER G 11 -24.68 44.34 43.86
C SER G 11 -23.69 43.92 44.94
N LEU G 12 -24.11 44.03 46.21
CA LEU G 12 -23.24 43.62 47.31
C LEU G 12 -22.97 42.12 47.28
N PHE G 13 -24.00 41.32 46.97
CA PHE G 13 -23.81 39.89 46.87
C PHE G 13 -22.86 39.53 45.74
N THR G 14 -22.98 40.21 44.60
CA THR G 14 -22.06 39.97 43.50
C THR G 14 -20.64 40.37 43.87
N LYS G 15 -20.48 41.48 44.59
CA LYS G 15 -19.16 41.97 44.95
C LYS G 15 -18.48 41.05 45.95
N ASP G 16 -19.21 40.61 46.97
CA ASP G 16 -18.62 39.82 48.04
C ASP G 16 -18.42 38.35 47.69
N SER G 17 -19.05 37.87 46.61
CA SER G 17 -18.92 36.47 46.24
C SER G 17 -17.52 36.19 45.71
N ASP G 18 -16.97 35.03 46.09
CA ASP G 18 -15.64 34.60 45.65
C ASP G 18 -15.77 33.29 44.87
N PRO G 19 -15.65 33.33 43.54
CA PRO G 19 -15.77 32.09 42.76
C PRO G 19 -14.73 31.03 43.12
N THR G 20 -13.55 31.43 43.57
CA THR G 20 -12.53 30.45 43.94
C THR G 20 -12.98 29.59 45.10
N VAL G 21 -13.60 30.21 46.11
CA VAL G 21 -14.11 29.44 47.25
C VAL G 21 -15.18 28.46 46.78
N LEU G 22 -16.06 28.90 45.89
CA LEU G 22 -17.11 28.01 45.39
C LEU G 22 -16.52 26.83 44.62
N ASP G 23 -15.51 27.10 43.79
CA ASP G 23 -14.89 26.02 43.02
C ASP G 23 -14.19 25.02 43.95
N ALA G 24 -13.47 25.52 44.95
CA ALA G 24 -12.80 24.64 45.91
C ALA G 24 -13.82 23.80 46.67
N ALA G 25 -14.93 24.43 47.07
CA ALA G 25 -15.98 23.70 47.78
C ALA G 25 -16.60 22.63 46.89
N GLU G 26 -16.80 22.94 45.60
CA GLU G 26 -17.33 21.95 44.68
C GLU G 26 -16.37 20.77 44.52
N GLN G 27 -15.07 21.04 44.42
CA GLN G 27 -14.10 19.96 44.30
C GLN G 27 -14.08 19.10 45.56
N PHE G 28 -14.10 19.74 46.73
CA PHE G 28 -14.11 18.98 47.98
C PHE G 28 -15.37 18.15 48.13
N ALA G 29 -16.52 18.71 47.74
CA ALA G 29 -17.77 17.96 47.78
C ALA G 29 -17.74 16.79 46.81
N GLN G 30 -17.14 16.98 45.63
CA GLN G 30 -17.02 15.87 44.69
C GLN G 30 -16.16 14.76 45.25
N TRP G 31 -15.05 15.11 45.91
CA TRP G 31 -14.21 14.10 46.55
C TRP G 31 -14.98 13.38 47.66
N THR G 32 -15.70 14.14 48.48
CA THR G 32 -16.50 13.63 49.58
C THR G 32 -17.93 13.39 49.08
N LEU G 33 -18.89 13.30 50.00
CA LEU G 33 -20.32 13.31 49.68
C LEU G 33 -20.62 14.36 48.63
N PRO G 34 -21.04 13.96 47.43
CA PRO G 34 -21.24 14.95 46.35
C PRO G 34 -22.53 15.75 46.47
N THR G 35 -23.49 15.29 47.27
CA THR G 35 -24.76 15.98 47.39
C THR G 35 -24.71 17.17 48.35
N VAL G 36 -23.59 17.35 49.06
CA VAL G 36 -23.49 18.43 50.03
C VAL G 36 -23.56 19.79 49.34
N LEU G 37 -22.81 19.95 48.24
CA LEU G 37 -22.73 21.23 47.56
C LEU G 37 -22.56 20.96 46.07
N THR G 38 -23.61 21.23 45.28
CA THR G 38 -23.57 21.02 43.84
C THR G 38 -23.07 22.28 43.14
N ARG G 39 -23.22 22.32 41.81
CA ARG G 39 -22.68 23.41 41.00
C ARG G 39 -23.83 24.10 40.26
N ASP G 40 -24.41 25.11 40.91
CA ASP G 40 -25.39 26.00 40.28
C ASP G 40 -26.53 25.27 39.59
N ILE G 41 -27.34 24.55 40.36
CA ILE G 41 -28.48 23.83 39.80
C ILE G 41 -29.73 24.68 39.97
N SER G 42 -29.55 25.96 40.30
CA SER G 42 -30.68 26.84 40.54
C SER G 42 -31.50 27.05 39.26
N GLY G 43 -30.84 27.25 38.13
CA GLY G 43 -31.54 27.52 36.89
C GLY G 43 -31.87 26.29 36.07
N MET G 44 -32.48 25.28 36.70
CA MET G 44 -32.88 24.06 36.01
C MET G 44 -34.28 23.59 36.41
N ASP G 45 -34.98 24.35 37.24
CA ASP G 45 -36.35 24.03 37.67
C ASP G 45 -36.36 22.65 38.33
N GLY G 46 -35.57 22.52 39.41
CA GLY G 46 -35.64 21.37 40.28
C GLY G 46 -35.47 20.01 39.63
N LYS G 47 -34.84 19.96 38.45
CA LYS G 47 -34.70 18.69 37.74
C LYS G 47 -33.45 17.97 38.22
N ARG G 48 -33.49 16.65 38.11
CA ARG G 48 -32.37 15.81 38.54
C ARG G 48 -31.15 16.07 37.66
N THR G 49 -30.03 16.36 38.29
CA THR G 49 -28.78 16.64 37.57
C THR G 49 -27.83 15.46 37.72
N SER G 50 -27.03 15.23 36.68
CA SER G 50 -26.07 14.13 36.67
C SER G 50 -24.88 14.51 37.55
N LEU G 51 -24.74 13.82 38.68
CA LEU G 51 -23.63 14.04 39.59
C LEU G 51 -22.47 13.12 39.22
N HIS G 52 -21.36 13.72 38.78
CA HIS G 52 -20.18 12.94 38.41
C HIS G 52 -19.47 12.52 39.68
N ARG G 53 -19.86 11.37 40.22
CA ARG G 53 -19.26 10.87 41.45
C ARG G 53 -17.83 10.44 41.22
N ASP G 54 -16.97 10.68 42.21
CA ASP G 54 -15.58 10.28 42.14
C ASP G 54 -15.47 8.75 42.16
N TYR G 55 -14.37 8.25 41.59
CA TYR G 55 -14.13 6.81 41.55
C TYR G 55 -13.93 6.20 42.94
N GLN G 56 -13.67 7.02 43.95
CA GLN G 56 -13.52 6.55 45.32
C GLN G 56 -14.86 6.58 46.04
N SER G 57 -14.98 5.70 47.04
CA SER G 57 -16.17 5.66 47.90
C SER G 57 -15.81 5.72 49.37
N THR G 58 -14.52 5.84 49.71
CA THR G 58 -14.12 5.87 51.11
C THR G 58 -14.38 7.24 51.73
N GLY G 59 -14.20 8.31 50.96
CA GLY G 59 -14.37 9.65 51.50
C GLY G 59 -15.77 9.91 52.02
N ALA G 60 -16.77 9.37 51.33
CA ALA G 60 -18.15 9.55 51.77
C ALA G 60 -18.38 8.93 53.14
N VAL G 61 -17.90 7.70 53.32
CA VAL G 61 -18.07 7.02 54.60
C VAL G 61 -17.30 7.74 55.69
N LEU G 62 -16.06 8.18 55.40
CA LEU G 62 -15.27 8.89 56.39
C LEU G 62 -15.97 10.17 56.82
N VAL G 63 -16.48 10.94 55.85
CA VAL G 63 -17.15 12.20 56.18
C VAL G 63 -18.41 11.94 56.98
N ASN G 64 -19.20 10.93 56.60
CA ASN G 64 -20.42 10.62 57.33
C ASN G 64 -20.12 10.26 58.78
N SER G 65 -19.15 9.35 58.99
CA SER G 65 -18.82 8.92 60.34
C SER G 65 -18.28 10.09 61.17
N ALA G 66 -17.36 10.88 60.59
CA ALA G 66 -16.78 11.98 61.33
C ALA G 66 -17.83 13.03 61.69
N SER G 67 -18.71 13.36 60.75
CA SER G 67 -19.75 14.34 61.03
C SER G 67 -20.71 13.85 62.10
N THR G 68 -21.10 12.57 62.03
CA THR G 68 -21.98 12.02 63.06
C THR G 68 -21.33 12.07 64.44
N LYS G 69 -20.05 11.68 64.51
CA LYS G 69 -19.36 11.68 65.80
C LYS G 69 -19.19 13.09 66.34
N VAL G 70 -18.85 14.05 65.48
CA VAL G 70 -18.69 15.43 65.92
C VAL G 70 -20.01 16.01 66.39
N THR G 71 -21.11 15.72 65.67
CA THR G 71 -22.42 16.20 66.09
C THR G 71 -22.81 15.58 67.43
N ASN G 72 -22.50 14.30 67.64
CA ASN G 72 -22.77 13.67 68.93
C ASN G 72 -21.97 14.36 70.03
N ALA G 73 -20.70 14.66 69.75
CA ALA G 73 -19.85 15.30 70.77
C ALA G 73 -20.34 16.69 71.12
N LEU G 74 -20.72 17.48 70.12
CA LEU G 74 -21.16 18.85 70.38
C LEU G 74 -22.47 18.89 71.15
N PHE G 75 -23.39 17.98 70.84
CA PHE G 75 -24.71 17.94 71.44
C PHE G 75 -24.94 16.56 72.04
N PRO G 76 -24.36 16.30 73.21
CA PRO G 76 -24.56 14.99 73.86
C PRO G 76 -26.03 14.78 74.19
N GLN G 77 -26.47 13.53 74.03
CA GLN G 77 -27.87 13.20 74.26
C GLN G 77 -28.16 13.10 75.74
N GLY G 78 -29.33 13.60 76.14
CA GLY G 78 -29.72 13.59 77.53
C GLY G 78 -29.13 14.73 78.33
N ALA G 79 -27.82 14.71 78.53
CA ALA G 79 -27.16 15.76 79.30
C ALA G 79 -27.21 17.08 78.52
N PRO G 80 -27.39 18.21 79.22
CA PRO G 80 -27.40 19.50 78.52
C PRO G 80 -26.05 19.82 77.93
N PHE G 81 -26.06 20.61 76.86
CA PHE G 81 -24.84 21.05 76.20
C PHE G 81 -24.32 22.38 76.74
N PHE G 82 -24.98 22.95 77.74
CA PHE G 82 -24.52 24.19 78.36
C PHE G 82 -25.07 24.27 79.77
N ARG G 83 -24.34 24.97 80.64
CA ARG G 83 -24.71 25.13 82.04
C ARG G 83 -24.52 26.57 82.47
N PHE G 84 -25.21 26.94 83.55
CA PHE G 84 -25.15 28.28 84.11
C PHE G 84 -24.16 28.30 85.27
N VAL G 85 -23.29 29.31 85.30
CA VAL G 85 -22.40 29.48 86.44
C VAL G 85 -23.18 30.10 87.59
N ASP G 86 -22.80 29.74 88.81
CA ASP G 86 -23.50 30.23 89.99
C ASP G 86 -23.09 31.67 90.29
N SER G 87 -24.09 32.55 90.35
CA SER G 87 -23.85 33.96 90.61
C SER G 87 -25.13 34.55 91.21
N PRO G 88 -25.02 35.51 92.12
CA PRO G 88 -26.24 36.08 92.72
C PRO G 88 -27.08 36.88 91.73
N ASP G 89 -26.46 37.43 90.69
CA ASP G 89 -27.22 38.13 89.65
C ASP G 89 -28.13 37.16 88.90
N MET G 90 -27.60 35.99 88.57
CA MET G 90 -28.39 35.00 87.84
C MET G 90 -29.50 34.42 88.72
N ALA G 91 -29.24 34.31 90.02
CA ALA G 91 -30.21 33.73 90.94
C ALA G 91 -31.50 34.53 90.98
N ALA G 92 -31.38 35.85 91.06
CA ALA G 92 -32.55 36.72 91.10
C ALA G 92 -33.33 36.66 89.79
N ALA G 93 -32.63 36.70 88.66
CA ALA G 93 -33.28 36.67 87.36
C ALA G 93 -34.01 35.35 87.12
N VAL G 94 -33.38 34.24 87.48
CA VAL G 94 -33.97 32.93 87.26
C VAL G 94 -35.20 32.75 88.14
N ALA G 95 -35.14 33.27 89.37
CA ALA G 95 -36.25 33.08 90.31
C ALA G 95 -37.55 33.71 89.80
N GLU G 96 -37.45 34.88 89.17
CA GLU G 96 -38.64 35.56 88.70
C GLU G 96 -39.15 34.98 87.38
N LEU G 97 -39.44 33.68 87.37
CA LEU G 97 -39.98 33.03 86.19
C LEU G 97 -41.19 32.17 86.54
N GLY G 98 -41.27 31.73 87.78
CA GLY G 98 -42.39 30.90 88.21
C GLY G 98 -42.01 29.45 88.45
N ILE G 99 -40.71 29.16 88.45
CA ILE G 99 -40.20 27.82 88.68
C ILE G 99 -39.96 27.63 90.17
N ASN G 100 -40.55 26.57 90.73
CA ASN G 100 -40.42 26.28 92.15
C ASN G 100 -39.11 25.53 92.44
N GLY G 101 -38.83 25.38 93.73
CA GLY G 101 -37.63 24.68 94.15
C GLY G 101 -36.46 25.63 94.37
N THR G 102 -35.31 25.01 94.62
CA THR G 102 -34.09 25.77 94.87
C THR G 102 -33.60 26.42 93.58
N VAL G 103 -32.71 27.41 93.74
CA VAL G 103 -32.18 28.12 92.59
C VAL G 103 -31.36 27.19 91.71
N GLN G 104 -30.62 26.27 92.33
CA GLN G 104 -29.84 25.30 91.55
C GLN G 104 -30.76 24.39 90.74
N SER G 105 -31.86 23.94 91.35
CA SER G 105 -32.81 23.11 90.63
C SER G 105 -33.45 23.88 89.48
N GLN G 106 -33.79 25.14 89.70
CA GLN G 106 -34.36 25.96 88.64
C GLN G 106 -33.37 26.12 87.49
N GLN G 107 -32.11 26.39 87.81
CA GLN G 107 -31.09 26.53 86.77
C GLN G 107 -30.92 25.23 85.99
N SER G 108 -30.89 24.10 86.70
CA SER G 108 -30.74 22.81 86.03
C SER G 108 -31.92 22.54 85.11
N GLN G 109 -33.14 22.81 85.57
CA GLN G 109 -34.32 22.59 84.74
C GLN G 109 -34.32 23.49 83.52
N ILE G 110 -33.91 24.76 83.69
CA ILE G 110 -33.85 25.68 82.58
C ILE G 110 -32.83 25.21 81.55
N GLU G 111 -31.65 24.79 82.02
CA GLU G 111 -30.63 24.30 81.10
C GLU G 111 -31.11 23.06 80.35
N LEU G 112 -31.75 22.14 81.06
CA LEU G 112 -32.27 20.93 80.43
C LEU G 112 -33.31 21.25 79.38
N SER G 113 -34.25 22.14 79.71
CA SER G 113 -35.31 22.49 78.77
C SER G 113 -34.75 23.19 77.54
N ALA G 114 -33.80 24.11 77.74
CA ALA G 114 -33.20 24.80 76.60
C ALA G 114 -32.41 23.84 75.72
N SER G 115 -31.69 22.89 76.34
CA SER G 115 -30.92 21.94 75.55
C SER G 115 -31.82 20.95 74.80
N SER G 116 -32.98 20.62 75.37
CA SER G 116 -33.87 19.65 74.73
C SER G 116 -34.45 20.16 73.41
N LEU G 117 -34.41 21.47 73.16
CA LEU G 117 -35.04 22.00 71.97
C LEU G 117 -34.31 21.61 70.69
N VAL G 118 -33.01 21.29 70.78
CA VAL G 118 -32.26 20.87 69.60
C VAL G 118 -32.75 19.55 69.03
N PHE G 119 -33.50 18.77 69.81
CA PHE G 119 -34.05 17.50 69.37
C PHE G 119 -35.54 17.60 69.05
N SER G 120 -36.10 18.80 68.99
CA SER G 120 -37.55 18.96 68.89
C SER G 120 -38.04 19.07 67.45
N ARG G 121 -37.62 20.11 66.74
CA ARG G 121 -38.14 20.42 65.41
C ARG G 121 -36.97 20.52 64.43
N ASP G 122 -36.64 19.38 63.81
CA ASP G 122 -35.63 19.25 62.77
C ASP G 122 -34.38 20.10 63.01
N ASN G 123 -33.96 20.20 64.27
CA ASN G 123 -32.76 20.94 64.62
C ASN G 123 -31.52 20.06 64.69
N TYR G 124 -31.67 18.82 65.17
CA TYR G 124 -30.55 17.89 65.13
C TYR G 124 -30.13 17.59 63.70
N ALA G 125 -31.11 17.41 62.80
CA ALA G 125 -30.78 17.22 61.40
C ALA G 125 -30.09 18.45 60.83
N ALA G 126 -30.60 19.64 61.18
CA ALA G 126 -29.95 20.88 60.73
C ALA G 126 -28.56 21.02 61.31
N SER G 127 -28.38 20.67 62.58
CA SER G 127 -27.06 20.75 63.20
C SER G 127 -26.07 19.80 62.52
N LEU G 128 -26.51 18.58 62.23
CA LEU G 128 -25.64 17.62 61.56
C LEU G 128 -25.32 18.06 60.15
N ARG G 129 -26.29 18.64 59.45
CA ARG G 129 -26.03 19.19 58.12
C ARG G 129 -25.01 20.32 58.19
N ALA G 130 -25.12 21.19 59.19
CA ALA G 130 -24.15 22.26 59.37
C ALA G 130 -22.76 21.70 59.65
N VAL G 131 -22.69 20.64 60.45
CA VAL G 131 -21.40 20.01 60.74
C VAL G 131 -20.79 19.44 59.46
N LYS G 132 -21.61 18.77 58.64
CA LYS G 132 -21.11 18.23 57.37
C LYS G 132 -20.61 19.34 56.46
N LEU G 133 -21.37 20.45 56.38
CA LEU G 133 -20.95 21.57 55.55
C LEU G 133 -19.65 22.18 56.05
N LEU G 134 -19.51 22.32 57.37
CA LEU G 134 -18.28 22.88 57.94
C LEU G 134 -17.10 21.97 57.70
N MET G 135 -17.29 20.65 57.77
CA MET G 135 -16.20 19.72 57.53
C MET G 135 -15.80 19.72 56.06
N VAL G 136 -16.77 19.71 55.16
CA VAL G 136 -16.48 19.60 53.74
C VAL G 136 -16.23 20.97 53.13
N THR G 137 -17.25 21.84 53.15
CA THR G 137 -17.11 23.16 52.55
C THR G 137 -16.26 24.08 53.41
N GLY G 138 -16.47 24.06 54.72
CA GLY G 138 -15.76 24.95 55.62
C GLY G 138 -16.55 26.17 56.07
N ASN G 139 -17.72 26.42 55.46
CA ASN G 139 -18.53 27.57 55.80
C ASN G 139 -19.99 27.16 55.88
N ALA G 140 -20.72 27.82 56.78
CA ALA G 140 -22.15 27.58 56.93
C ALA G 140 -22.79 28.78 57.61
N LEU G 141 -24.08 28.94 57.37
CA LEU G 141 -24.87 30.03 57.95
C LEU G 141 -26.10 29.43 58.62
N GLU G 142 -26.33 29.81 59.87
CA GLU G 142 -27.44 29.27 60.65
C GLU G 142 -28.39 30.40 61.04
N TYR G 143 -29.68 30.19 60.81
CA TYR G 143 -30.73 31.12 61.22
C TYR G 143 -31.72 30.38 62.12
N PHE G 144 -31.97 30.95 63.30
CA PHE G 144 -32.95 30.43 64.24
C PHE G 144 -34.20 31.27 64.13
N ASP G 145 -35.28 30.67 63.65
CA ASP G 145 -36.56 31.36 63.55
C ASP G 145 -37.14 31.51 64.95
N GLU G 146 -37.05 32.72 65.51
CA GLU G 146 -37.49 32.95 66.88
C GLU G 146 -39.00 32.82 67.05
N GLY G 147 -39.76 32.76 65.96
CA GLY G 147 -41.19 32.57 66.03
C GLY G 147 -41.58 31.12 66.17
N THR G 148 -41.14 30.28 65.23
CA THR G 148 -41.48 28.86 65.25
C THR G 148 -40.51 28.03 66.07
N GLY G 149 -39.22 28.37 66.02
CA GLY G 149 -38.22 27.62 66.73
C GLY G 149 -37.44 26.62 65.90
N ARG G 150 -37.24 26.88 64.62
CA ARG G 150 -36.51 25.97 63.73
C ARG G 150 -35.23 26.64 63.24
N SER G 151 -34.22 25.81 63.00
CA SER G 151 -32.92 26.26 62.54
C SER G 151 -32.76 25.93 61.06
N HIS G 152 -32.35 26.92 60.27
CA HIS G 152 -32.10 26.75 58.85
C HIS G 152 -30.62 26.90 58.56
N ILE G 153 -30.10 26.03 57.70
CA ILE G 153 -28.68 26.00 57.36
C ILE G 153 -28.54 26.32 55.87
N TYR G 154 -27.68 27.28 55.56
CA TYR G 154 -27.43 27.70 54.18
C TYR G 154 -25.96 27.48 53.84
N SER G 155 -25.70 26.91 52.68
CA SER G 155 -24.33 26.67 52.23
C SER G 155 -23.71 27.97 51.72
N VAL G 156 -22.40 27.91 51.45
CA VAL G 156 -21.66 29.10 51.04
C VAL G 156 -22.16 29.63 49.70
N ARG G 157 -22.83 28.80 48.90
CA ARG G 157 -23.34 29.25 47.62
C ARG G 157 -24.44 30.30 47.78
N GLU G 158 -25.17 30.26 48.89
CA GLU G 158 -26.34 31.10 49.07
C GLU G 158 -26.11 32.32 49.96
N TYR G 159 -24.89 32.53 50.44
CA TYR G 159 -24.60 33.71 51.26
C TYR G 159 -23.14 34.11 51.08
N THR G 160 -22.86 35.36 51.41
CA THR G 160 -21.52 35.92 51.34
C THR G 160 -21.18 36.58 52.67
N VAL G 161 -19.88 36.67 52.95
CA VAL G 161 -19.38 37.22 54.21
C VAL G 161 -18.25 38.20 53.90
N ARG G 162 -18.31 39.37 54.53
CA ARG G 162 -17.25 40.37 54.43
C ARG G 162 -16.71 40.63 55.83
N ARG G 163 -15.39 40.53 55.97
CA ARG G 163 -14.72 40.70 57.25
C ARG G 163 -13.67 41.79 57.15
N ASP G 164 -13.27 42.31 58.31
CA ASP G 164 -12.22 43.31 58.39
C ASP G 164 -10.87 42.61 58.61
N GLY G 165 -9.83 43.38 58.93
CA GLY G 165 -8.52 42.80 59.16
C GLY G 165 -8.49 41.90 60.37
N SER G 166 -9.15 42.31 61.46
CA SER G 166 -9.17 41.49 62.67
C SER G 166 -9.92 40.18 62.43
N GLY G 167 -11.03 40.24 61.69
CA GLY G 167 -11.80 39.04 61.42
C GLY G 167 -13.25 39.16 61.86
N ASN G 168 -13.64 40.35 62.31
CA ASN G 168 -15.01 40.57 62.74
C ASN G 168 -15.95 40.63 61.54
N ILE G 169 -17.22 40.32 61.79
CA ILE G 169 -18.22 40.30 60.72
C ILE G 169 -18.71 41.71 60.48
N LEU G 170 -18.70 42.13 59.21
CA LEU G 170 -19.17 43.45 58.82
C LEU G 170 -20.45 43.40 57.99
N ARG G 171 -20.45 42.67 56.88
CA ARG G 171 -21.62 42.57 56.03
C ARG G 171 -21.84 41.12 55.62
N VAL G 172 -23.08 40.67 55.72
CA VAL G 172 -23.49 39.34 55.27
C VAL G 172 -24.73 39.51 54.41
N VAL G 173 -24.71 38.94 53.21
CA VAL G 173 -25.85 38.99 52.29
C VAL G 173 -26.26 37.56 52.00
N LEU G 174 -27.56 37.27 52.17
CA LEU G 174 -28.10 35.94 51.98
C LEU G 174 -29.02 35.95 50.77
N LYS G 175 -28.72 35.08 49.80
CA LYS G 175 -29.53 34.93 48.60
C LYS G 175 -30.27 33.60 48.67
N GLU G 176 -31.60 33.67 48.78
CA GLU G 176 -32.43 32.47 48.88
C GLU G 176 -33.61 32.60 47.92
N ARG G 177 -34.06 31.46 47.42
CA ARG G 177 -35.15 31.38 46.46
C ARG G 177 -36.41 30.93 47.18
N ILE G 178 -37.48 31.72 47.06
CA ILE G 178 -38.74 31.45 47.73
C ILE G 178 -39.89 31.56 46.74
N ALA G 179 -41.02 30.96 47.12
CA ALA G 179 -42.21 31.04 46.28
C ALA G 179 -42.78 32.46 46.31
N ALA G 180 -43.53 32.79 45.25
CA ALA G 180 -44.07 34.14 45.12
C ALA G 180 -45.15 34.42 46.15
N MET G 181 -45.81 33.38 46.67
CA MET G 181 -46.87 33.58 47.64
C MET G 181 -46.35 34.07 48.99
N ASP G 182 -45.07 33.83 49.28
CA ASP G 182 -44.52 34.25 50.57
C ASP G 182 -44.44 35.77 50.71
N LEU G 183 -44.42 36.49 49.60
CA LEU G 183 -44.36 37.94 49.66
C LEU G 183 -45.68 38.52 50.17
N PRO G 184 -45.64 39.68 50.82
CA PRO G 184 -46.88 40.32 51.26
C PRO G 184 -47.75 40.70 50.08
N GLN G 185 -49.06 40.75 50.32
CA GLN G 185 -50.01 41.04 49.24
C GLN G 185 -49.79 42.43 48.66
N GLU G 186 -49.47 43.41 49.52
CA GLU G 186 -49.21 44.77 49.03
C GLU G 186 -48.01 44.79 48.10
N PHE G 187 -46.94 44.10 48.47
CA PHE G 187 -45.75 44.04 47.61
C PHE G 187 -46.07 43.32 46.31
N ARG G 188 -46.84 42.24 46.36
CA ARG G 188 -47.20 41.52 45.15
C ARG G 188 -48.02 42.39 44.22
N SER G 189 -48.97 43.15 44.75
CA SER G 189 -49.76 44.05 43.94
C SER G 189 -48.92 45.21 43.42
N ALA G 190 -47.86 45.57 44.14
CA ALA G 190 -47.04 46.71 43.75
C ALA G 190 -46.13 46.36 42.57
N HIS G 191 -45.26 45.37 42.75
CA HIS G 191 -44.24 45.03 41.76
C HIS G 191 -44.46 43.67 41.12
N LEU G 192 -44.58 42.62 41.92
CA LEU G 192 -44.67 41.26 41.40
C LEU G 192 -46.13 40.89 41.09
N GLY G 193 -46.76 41.71 40.26
CA GLY G 193 -48.14 41.49 39.88
C GLY G 193 -48.33 40.53 38.72
N GLN G 194 -47.26 40.12 38.06
CA GLN G 194 -47.34 39.23 36.90
C GLN G 194 -46.99 37.79 37.24
N LYS G 195 -46.76 37.46 38.51
CA LYS G 195 -46.37 36.13 38.93
C LYS G 195 -47.48 35.52 39.78
N ASP G 196 -47.83 34.27 39.48
CA ASP G 196 -48.86 33.58 40.24
C ASP G 196 -48.23 32.96 41.49
N ASP G 197 -48.99 32.09 42.16
CA ASP G 197 -48.56 31.57 43.46
C ASP G 197 -47.29 30.72 43.33
N TYR G 198 -47.26 29.81 42.37
CA TYR G 198 -46.16 28.86 42.24
C TYR G 198 -45.06 29.36 41.31
N ASP G 199 -44.53 30.54 41.57
CA ASP G 199 -43.37 31.06 40.86
C ASP G 199 -42.21 31.24 41.84
N ASP G 200 -41.08 31.67 41.30
CA ASP G 200 -39.84 31.80 42.06
C ASP G 200 -39.40 33.26 42.07
N VAL G 201 -39.11 33.78 43.25
CA VAL G 201 -38.56 35.11 43.42
C VAL G 201 -37.32 35.02 44.30
N THR G 202 -36.40 35.95 44.12
CA THR G 202 -35.14 35.97 44.85
C THR G 202 -35.26 36.93 46.02
N LEU G 203 -35.34 36.38 47.22
CA LEU G 203 -35.43 37.18 48.45
C LEU G 203 -34.02 37.43 48.97
N TYR G 204 -33.55 38.67 48.84
CA TYR G 204 -32.23 39.05 49.31
C TYR G 204 -32.34 39.54 50.76
N THR G 205 -31.54 38.95 51.64
CA THR G 205 -31.46 39.36 53.03
C THR G 205 -30.05 39.86 53.31
N GLY G 206 -29.95 41.04 53.91
CA GLY G 206 -28.67 41.68 54.16
C GLY G 206 -28.48 41.98 55.63
N ILE G 207 -27.24 41.85 56.09
CA ILE G 207 -26.87 42.13 57.48
C ILE G 207 -25.72 43.12 57.44
N CYS G 208 -25.90 44.25 58.12
CA CYS G 208 -24.90 45.32 58.11
C CYS G 208 -24.58 45.71 59.55
N LEU G 209 -23.29 45.97 59.79
CA LEU G 209 -22.83 46.41 61.10
C LEU G 209 -22.83 47.92 61.14
N GLU G 210 -23.82 48.49 61.83
CA GLU G 210 -23.95 49.94 61.98
C GLU G 210 -24.17 50.25 63.44
N ASP G 211 -23.20 50.94 64.05
CA ASP G 211 -23.25 51.31 65.47
C ASP G 211 -23.42 50.06 66.34
N ASN G 212 -22.39 49.20 66.26
CA ASN G 212 -22.27 47.92 66.97
C ASN G 212 -23.64 47.26 67.18
N LYS G 213 -24.41 47.19 66.09
CA LYS G 213 -25.74 46.61 66.12
C LYS G 213 -26.05 46.10 64.72
N PHE G 214 -26.21 44.79 64.57
CA PHE G 214 -26.50 44.21 63.26
C PHE G 214 -27.89 44.65 62.80
N LYS G 215 -27.99 45.07 61.55
CA LYS G 215 -29.24 45.51 60.95
C LYS G 215 -29.66 44.51 59.88
N ILE G 216 -30.87 44.01 59.99
CA ILE G 216 -31.40 42.98 59.09
C ILE G 216 -32.58 43.58 58.33
N TYR G 217 -32.51 43.54 57.01
CA TYR G 217 -33.61 43.97 56.15
C TYR G 217 -33.56 43.18 54.86
N GLN G 218 -34.74 43.01 54.25
CA GLN G 218 -34.90 42.18 53.07
C GLN G 218 -35.48 43.00 51.93
N GLU G 219 -35.03 42.70 50.72
CA GLU G 219 -35.56 43.37 49.53
C GLU G 219 -35.64 42.38 48.39
N VAL G 220 -36.62 42.59 47.51
CA VAL G 220 -36.79 41.81 46.30
C VAL G 220 -36.84 42.77 45.12
N GLN G 221 -35.99 42.51 44.11
CA GLN G 221 -35.90 43.37 42.93
C GLN G 221 -35.64 44.82 43.31
N GLN G 222 -34.63 45.02 44.16
CA GLN G 222 -34.21 46.34 44.63
C GLN G 222 -35.36 47.13 45.25
N GLN G 223 -36.25 46.46 45.99
CA GLN G 223 -37.36 47.10 46.67
C GLN G 223 -37.44 46.55 48.08
N GLN G 224 -37.19 47.40 49.07
CA GLN G 224 -37.18 46.96 50.47
C GLN G 224 -38.55 46.46 50.89
N ILE G 225 -38.57 45.37 51.64
CA ILE G 225 -39.81 44.73 52.10
C ILE G 225 -39.90 44.92 53.60
N GLY G 226 -40.99 45.53 54.06
CA GLY G 226 -41.20 45.68 55.49
C GLY G 226 -40.21 46.62 56.14
N ASP G 227 -40.12 46.48 57.47
CA ASP G 227 -39.22 47.30 58.26
C ASP G 227 -37.82 46.68 58.26
N ALA G 228 -36.92 47.30 59.03
CA ALA G 228 -35.53 46.85 59.15
C ALA G 228 -35.24 46.63 60.63
N SER G 229 -35.50 45.40 61.10
CA SER G 229 -35.23 45.07 62.48
C SER G 229 -33.73 45.05 62.74
N THR G 230 -33.34 45.48 63.95
CA THR G 230 -31.94 45.54 64.35
C THR G 230 -31.71 44.64 65.55
N TYR G 231 -30.65 43.84 65.50
CA TYR G 231 -30.27 42.99 66.60
C TYR G 231 -28.81 43.23 66.97
N PRO G 232 -28.48 43.23 68.26
CA PRO G 232 -27.07 43.32 68.66
C PRO G 232 -26.30 42.07 68.25
N ILE G 233 -24.99 42.15 68.44
CA ILE G 233 -24.10 41.07 67.98
C ILE G 233 -24.41 39.77 68.73
N ASP G 234 -24.63 39.86 70.03
CA ASP G 234 -24.78 38.66 70.85
C ASP G 234 -26.09 37.93 70.58
N GLU G 235 -27.09 38.57 69.96
CA GLU G 235 -28.38 37.94 69.74
C GLU G 235 -28.90 38.10 68.31
N CYS G 236 -28.01 38.16 67.34
CA CYS G 236 -28.45 38.10 65.95
C CYS G 236 -28.82 36.67 65.60
N PRO G 237 -30.04 36.43 65.08
CA PRO G 237 -30.41 35.04 64.72
C PRO G 237 -29.47 34.41 63.71
N TYR G 238 -28.98 35.20 62.75
CA TYR G 238 -27.96 34.72 61.83
C TYR G 238 -26.65 34.44 62.56
N THR G 239 -26.04 33.30 62.24
CA THR G 239 -24.79 32.87 62.87
C THR G 239 -23.90 32.30 61.79
N VAL G 240 -22.82 33.02 61.48
CA VAL G 240 -21.84 32.56 60.50
C VAL G 240 -20.87 31.59 61.18
N LEU G 241 -20.64 30.45 60.54
CA LEU G 241 -19.79 29.40 61.09
C LEU G 241 -18.66 29.10 60.12
N VAL G 242 -17.44 28.97 60.65
CA VAL G 242 -16.26 28.65 59.86
C VAL G 242 -15.49 27.55 60.56
N TRP G 243 -14.91 26.64 59.77
CA TRP G 243 -14.11 25.56 60.32
C TRP G 243 -12.71 26.02 60.66
N ASN G 244 -11.94 26.44 59.66
CA ASN G 244 -10.60 26.98 59.84
C ASN G 244 -10.54 28.33 59.16
N LEU G 245 -10.42 29.39 59.94
CA LEU G 245 -10.44 30.76 59.43
C LEU G 245 -9.02 31.27 59.30
N VAL G 246 -8.55 31.44 58.06
CA VAL G 246 -7.24 32.03 57.83
C VAL G 246 -7.30 33.52 58.13
N ASN G 247 -6.27 34.02 58.79
CA ASN G 247 -6.22 35.42 59.19
C ASN G 247 -6.26 36.31 57.94
N GLY G 248 -7.25 37.21 57.90
CA GLY G 248 -7.41 38.14 56.81
C GLY G 248 -8.39 37.70 55.75
N GLU G 249 -8.76 36.42 55.72
CA GLU G 249 -9.69 35.92 54.73
C GLU G 249 -11.13 36.03 55.23
N HIS G 250 -12.06 35.95 54.28
CA HIS G 250 -13.48 36.08 54.59
C HIS G 250 -14.20 34.75 54.78
N TYR G 251 -13.72 33.68 54.14
CA TYR G 251 -14.36 32.39 54.19
C TYR G 251 -13.42 31.36 54.79
N GLY G 252 -13.96 30.52 55.66
CA GLY G 252 -13.15 29.49 56.30
C GLY G 252 -12.83 28.34 55.36
N ARG G 253 -11.95 27.47 55.84
CA ARG G 253 -11.51 26.29 55.10
C ARG G 253 -11.90 25.04 55.87
N GLY G 254 -12.37 24.03 55.14
CA GLY G 254 -12.86 22.81 55.74
C GLY G 254 -11.74 21.85 56.11
N LEU G 255 -12.15 20.73 56.73
CA LEU G 255 -11.21 19.70 57.13
C LEU G 255 -10.69 18.90 55.95
N VAL G 256 -11.51 18.78 54.90
CA VAL G 256 -11.13 17.99 53.73
C VAL G 256 -9.91 18.60 53.04
N GLU G 257 -9.83 19.93 53.04
CA GLU G 257 -8.71 20.60 52.39
C GLU G 257 -7.37 20.18 52.99
N ASP G 258 -7.36 19.84 54.28
CA ASP G 258 -6.10 19.43 54.92
C ASP G 258 -5.54 18.16 54.31
N TYR G 259 -6.38 17.36 53.65
CA TYR G 259 -5.97 16.09 53.06
C TYR G 259 -6.43 15.98 51.62
N ALA G 260 -6.26 17.05 50.85
CA ALA G 260 -6.68 17.04 49.45
C ALA G 260 -5.77 16.13 48.61
N GLY G 261 -4.47 16.15 48.88
CA GLY G 261 -3.55 15.32 48.12
C GLY G 261 -3.82 13.85 48.29
N ASP G 262 -4.12 13.42 49.52
CA ASP G 262 -4.46 12.02 49.75
C ASP G 262 -5.71 11.63 48.98
N PHE G 263 -6.71 12.50 48.95
CA PHE G 263 -7.93 12.20 48.22
C PHE G 263 -7.66 12.12 46.72
N ALA G 264 -6.83 13.01 46.20
CA ALA G 264 -6.50 12.97 44.77
C ALA G 264 -5.75 11.69 44.41
N ARG G 265 -4.79 11.29 45.25
CA ARG G 265 -4.08 10.04 45.02
C ARG G 265 -5.03 8.86 45.08
N LEU G 266 -5.96 8.87 46.04
CA LEU G 266 -6.95 7.79 46.14
C LEU G 266 -7.82 7.73 44.89
N SER G 267 -8.23 8.89 44.38
CA SER G 267 -9.05 8.91 43.17
C SER G 267 -8.29 8.35 41.98
N VAL G 268 -7.03 8.75 41.82
CA VAL G 268 -6.23 8.26 40.70
C VAL G 268 -6.04 6.75 40.80
N LEU G 269 -5.72 6.26 42.00
CA LEU G 269 -5.50 4.83 42.18
C LEU G 269 -6.80 4.05 41.99
N SER G 270 -7.94 4.62 42.40
CA SER G 270 -9.21 3.95 42.21
C SER G 270 -9.57 3.86 40.73
N GLN G 271 -9.29 4.93 39.96
CA GLN G 271 -9.51 4.87 38.53
C GLN G 271 -8.63 3.81 37.88
N ALA G 272 -7.35 3.76 38.27
CA ALA G 272 -6.45 2.75 37.73
C ALA G 272 -6.92 1.34 38.09
N LEU G 273 -7.38 1.16 39.32
CA LEU G 273 -7.86 -0.15 39.76
C LEU G 273 -9.11 -0.56 38.98
N THR G 274 -10.01 0.39 38.73
CA THR G 274 -11.19 0.08 37.92
C THR G 274 -10.80 -0.33 36.52
N LEU G 275 -9.86 0.39 35.91
CA LEU G 275 -9.41 0.04 34.57
C LEU G 275 -8.77 -1.35 34.55
N TYR G 276 -7.96 -1.66 35.57
CA TYR G 276 -7.32 -2.97 35.62
C TYR G 276 -8.34 -4.08 35.87
N GLU G 277 -9.38 -3.81 36.66
CA GLU G 277 -10.45 -4.78 36.84
C GLU G 277 -11.18 -5.04 35.53
N VAL G 278 -11.44 -3.97 34.77
CA VAL G 278 -12.08 -4.15 33.47
C VAL G 278 -11.20 -4.98 32.56
N GLU G 279 -9.89 -4.71 32.55
CA GLU G 279 -8.98 -5.47 31.71
C GLU G 279 -8.93 -6.94 32.12
N ALA G 280 -8.91 -7.22 33.42
CA ALA G 280 -8.85 -8.60 33.89
C ALA G 280 -10.17 -9.34 33.66
N ALA G 281 -11.29 -8.62 33.66
CA ALA G 281 -12.58 -9.25 33.44
C ALA G 281 -12.73 -9.72 32.00
N ARG G 282 -11.89 -9.22 31.09
CA ARG G 282 -12.00 -9.59 29.68
C ARG G 282 -11.68 -11.06 29.49
N LEU G 283 -12.55 -11.76 28.77
CA LEU G 283 -12.37 -13.17 28.43
C LEU G 283 -12.47 -13.34 26.92
N TYR G 284 -11.45 -13.96 26.34
CA TYR G 284 -11.48 -14.29 24.93
C TYR G 284 -10.54 -15.46 24.68
N ASN G 285 -10.94 -16.37 23.79
CA ASN G 285 -10.17 -17.57 23.51
C ASN G 285 -9.27 -17.36 22.30
N ALA G 286 -8.06 -17.88 22.39
CA ALA G 286 -7.08 -17.78 21.32
C ALA G 286 -6.89 -19.15 20.68
N VAL G 287 -6.99 -19.20 19.36
CA VAL G 287 -6.90 -20.45 18.60
C VAL G 287 -5.66 -20.38 17.72
N SER G 288 -4.84 -21.41 17.78
CA SER G 288 -3.61 -21.50 17.00
C SER G 288 -3.86 -22.36 15.78
N ALA G 289 -3.61 -21.79 14.59
CA ALA G 289 -3.81 -22.53 13.36
C ALA G 289 -2.81 -23.67 13.21
N GLY G 290 -1.57 -23.48 13.67
CA GLY G 290 -0.56 -24.51 13.55
C GLY G 290 -0.76 -25.69 14.48
N ALA G 291 -1.54 -25.51 15.55
CA ALA G 291 -1.78 -26.60 16.48
C ALA G 291 -2.66 -27.69 15.87
N GLY G 292 -3.42 -27.38 14.83
CA GLY G 292 -4.27 -28.39 14.21
C GLY G 292 -5.48 -28.77 15.02
N ILE G 293 -5.90 -27.92 15.95
CA ILE G 293 -7.04 -28.25 16.80
C ILE G 293 -8.33 -28.13 16.00
N ASP G 294 -9.22 -29.12 16.17
CA ASP G 294 -10.52 -29.11 15.51
C ASP G 294 -11.42 -28.10 16.21
N VAL G 295 -11.34 -26.86 15.77
CA VAL G 295 -12.03 -25.77 16.43
C VAL G 295 -13.54 -25.95 16.35
N ASP G 296 -14.03 -26.44 15.21
CA ASP G 296 -15.47 -26.62 15.04
C ASP G 296 -16.02 -27.64 16.03
N ALA G 297 -15.30 -28.73 16.26
CA ALA G 297 -15.73 -29.71 17.25
C ALA G 297 -15.43 -29.26 18.66
N ALA G 298 -14.33 -28.51 18.86
CA ALA G 298 -13.96 -28.11 20.22
C ALA G 298 -14.85 -27.01 20.76
N GLN G 299 -15.45 -26.19 19.89
CA GLN G 299 -16.30 -25.11 20.37
C GLN G 299 -17.60 -25.61 20.97
N ALA G 300 -18.02 -26.84 20.65
CA ALA G 300 -19.24 -27.38 21.25
C ALA G 300 -18.94 -27.96 22.63
N ALA G 301 -18.14 -29.02 22.68
CA ALA G 301 -17.65 -29.65 23.90
C ALA G 301 -18.70 -29.70 25.01
N GLU G 302 -18.30 -29.36 26.23
CA GLU G 302 -19.17 -29.20 27.39
C GLU G 302 -19.86 -30.49 27.82
N THR G 303 -19.49 -31.63 27.24
CA THR G 303 -20.08 -32.90 27.63
C THR G 303 -19.06 -34.02 27.80
N GLY G 304 -17.89 -33.91 27.18
CA GLY G 304 -16.93 -34.98 27.15
C GLY G 304 -16.62 -35.51 25.77
N ASP G 305 -16.96 -34.76 24.71
CA ASP G 305 -16.73 -35.23 23.36
C ASP G 305 -15.24 -35.31 23.06
N TYR G 306 -14.90 -36.23 22.16
CA TYR G 306 -13.51 -36.43 21.76
C TYR G 306 -13.20 -35.53 20.56
N VAL G 307 -12.24 -34.64 20.73
CA VAL G 307 -11.91 -33.65 19.71
C VAL G 307 -10.48 -33.91 19.25
N GLN G 308 -10.31 -34.12 17.94
CA GLN G 308 -8.99 -34.39 17.39
C GLN G 308 -8.10 -33.16 17.46
N THR G 309 -6.84 -33.36 17.82
CA THR G 309 -5.84 -32.30 17.82
C THR G 309 -4.51 -32.88 17.38
N SER G 310 -3.64 -32.00 16.88
CA SER G 310 -2.30 -32.37 16.42
C SER G 310 -1.22 -32.00 17.41
N ALA G 311 -1.58 -31.50 18.59
CA ALA G 311 -0.58 -31.14 19.58
C ALA G 311 -0.04 -32.37 20.29
N ALA G 312 1.08 -32.20 20.97
CA ALA G 312 1.66 -33.29 21.73
C ALA G 312 0.73 -33.68 22.88
N PRO G 313 0.61 -34.97 23.19
CA PRO G 313 -0.32 -35.38 24.25
C PRO G 313 0.08 -34.81 25.60
N GLY G 314 -0.92 -34.45 26.40
CA GLY G 314 -0.71 -33.88 27.71
C GLY G 314 -0.54 -32.38 27.73
N THR G 315 -0.47 -31.73 26.58
CA THR G 315 -0.28 -30.29 26.48
C THR G 315 -1.58 -29.62 26.04
N ASN G 316 -1.51 -28.32 25.82
CA ASN G 316 -2.69 -27.58 25.37
C ASN G 316 -3.05 -27.98 23.94
N PRO G 317 -4.30 -28.32 23.68
CA PRO G 317 -4.69 -28.71 22.30
C PRO G 317 -4.47 -27.60 21.28
N GLY G 318 -4.64 -26.35 21.67
CA GLY G 318 -4.50 -25.25 20.74
C GLY G 318 -5.48 -24.12 21.00
N ILE G 319 -6.49 -24.38 21.82
CA ILE G 319 -7.45 -23.38 22.24
C ILE G 319 -7.32 -23.21 23.74
N TRP G 320 -6.88 -22.02 24.16
CA TRP G 320 -6.67 -21.75 25.57
C TRP G 320 -7.16 -20.34 25.89
N ALA G 321 -7.71 -20.19 27.09
CA ALA G 321 -8.10 -18.86 27.56
C ALA G 321 -6.86 -18.01 27.79
N VAL G 322 -6.92 -16.76 27.35
CA VAL G 322 -5.76 -15.87 27.42
C VAL G 322 -5.64 -15.30 28.82
N GLU G 323 -4.54 -15.60 29.49
CA GLU G 323 -4.23 -15.03 30.79
C GLU G 323 -3.37 -13.79 30.59
N ASN G 324 -3.98 -12.62 30.73
CA ASN G 324 -3.29 -11.36 30.51
C ASN G 324 -2.51 -10.96 31.76
N GLY G 325 -1.62 -9.98 31.59
CA GLY G 325 -0.69 -9.60 32.63
C GLY G 325 -1.28 -8.69 33.71
N SER G 326 -2.54 -8.31 33.59
CA SER G 326 -3.13 -7.41 34.57
C SER G 326 -3.63 -8.14 35.82
N ASP G 327 -3.46 -9.46 35.89
CA ASP G 327 -3.84 -10.19 37.10
C ASP G 327 -3.03 -9.72 38.30
N ARG G 328 -1.75 -9.50 38.11
CA ARG G 328 -0.90 -8.89 39.13
C ARG G 328 -1.09 -7.38 39.04
N LYS G 329 -0.54 -6.63 40.00
CA LYS G 329 -0.61 -5.18 40.09
C LYS G 329 -2.02 -4.75 40.50
N ILE G 330 -2.94 -5.72 40.62
CA ILE G 330 -4.19 -5.45 41.32
C ILE G 330 -3.98 -5.53 42.82
N MET G 331 -3.20 -6.51 43.28
CA MET G 331 -2.90 -6.62 44.70
C MET G 331 -2.07 -5.44 45.18
N SER G 332 -1.10 -5.00 44.38
CA SER G 332 -0.29 -3.84 44.77
C SER G 332 -1.14 -2.57 44.84
N LEU G 333 -2.01 -2.37 43.86
CA LEU G 333 -2.89 -1.21 43.88
C LEU G 333 -3.82 -1.26 45.08
N GLN G 334 -4.38 -2.43 45.37
CA GLN G 334 -5.25 -2.57 46.54
C GLN G 334 -4.51 -2.29 47.83
N SER G 335 -3.26 -2.76 47.94
CA SER G 335 -2.48 -2.53 49.15
C SER G 335 -2.19 -1.04 49.33
N GLU G 336 -1.81 -0.36 48.25
CA GLU G 336 -1.54 1.08 48.36
C GLU G 336 -2.81 1.85 48.70
N ILE G 337 -3.94 1.46 48.11
CA ILE G 337 -5.21 2.10 48.42
C ILE G 337 -5.57 1.85 49.88
N SER G 338 -5.30 0.65 50.39
CA SER G 338 -5.58 0.35 51.79
C SER G 338 -4.71 1.19 52.71
N MET G 339 -3.44 1.39 52.35
CA MET G 339 -2.57 2.25 53.16
C MET G 339 -3.09 3.68 53.18
N ILE G 340 -3.49 4.20 52.02
CA ILE G 340 -4.02 5.56 51.96
C ILE G 340 -5.31 5.67 52.78
N GLU G 341 -6.17 4.66 52.69
CA GLU G 341 -7.42 4.67 53.45
C GLU G 341 -7.15 4.60 54.95
N GLN G 342 -6.14 3.82 55.36
CA GLN G 342 -5.77 3.79 56.77
C GLN G 342 -5.30 5.14 57.25
N LYS G 343 -4.47 5.81 56.45
CA LYS G 343 -4.00 7.15 56.82
C LYS G 343 -5.17 8.13 56.92
N LEU G 344 -6.09 8.07 55.96
CA LEU G 344 -7.24 8.97 55.98
C LEU G 344 -8.13 8.70 57.18
N ALA G 345 -8.38 7.42 57.49
CA ALA G 345 -9.22 7.06 58.62
C ALA G 345 -8.59 7.53 59.93
N ARG G 346 -7.28 7.38 60.06
CA ARG G 346 -6.60 7.94 61.23
C ARG G 346 -6.72 9.45 61.28
N ALA G 347 -6.72 10.10 60.10
CA ALA G 347 -6.88 11.55 60.08
C ALA G 347 -8.32 11.96 60.36
N PHE G 348 -9.29 11.12 60.01
CA PHE G 348 -10.71 11.42 60.20
C PHE G 348 -11.26 10.76 61.47
N MET G 349 -10.38 10.44 62.42
CA MET G 349 -10.73 9.81 63.70
C MET G 349 -11.82 8.75 63.54
N TYR G 350 -11.56 7.82 62.62
CA TYR G 350 -12.49 6.73 62.34
C TYR G 350 -12.50 5.71 63.47
N ALA G 372 -10.39 11.03 69.56
CA ALA G 372 -11.44 11.68 70.35
C ALA G 372 -11.17 13.18 70.48
N GLN G 373 -11.61 13.93 69.47
CA GLN G 373 -11.48 15.38 69.40
C GLN G 373 -10.02 15.85 69.34
N ASN G 374 -9.07 14.93 69.27
CA ASN G 374 -7.66 15.28 69.13
C ASN G 374 -7.18 15.26 67.70
N SER G 375 -7.75 14.39 66.86
CA SER G 375 -7.42 14.42 65.44
C SER G 375 -7.86 15.74 64.82
N LEU G 376 -9.04 16.22 65.20
CA LEU G 376 -9.49 17.55 64.79
C LEU G 376 -8.66 18.62 65.49
N GLY G 377 -8.37 19.69 64.75
CA GLY G 377 -7.54 20.75 65.29
C GLY G 377 -8.30 21.71 66.17
N ASP G 378 -7.97 23.01 66.07
CA ASP G 378 -8.66 24.02 66.85
C ASP G 378 -10.08 24.28 66.35
N ALA G 379 -10.46 23.69 65.22
CA ALA G 379 -11.78 23.91 64.65
C ALA G 379 -12.88 23.48 65.59
N TYR G 380 -12.69 22.33 66.25
CA TYR G 380 -13.69 21.86 67.20
C TYR G 380 -13.84 22.82 68.37
N SER G 381 -12.72 23.34 68.87
CA SER G 381 -12.78 24.29 69.98
C SER G 381 -13.49 25.58 69.58
N ILE G 382 -13.25 26.05 68.35
CA ILE G 382 -13.93 27.26 67.89
C ILE G 382 -15.43 27.04 67.80
N LEU G 383 -15.85 25.90 67.24
CA LEU G 383 -17.28 25.60 67.12
C LEU G 383 -17.94 25.49 68.48
N SER G 384 -17.28 24.80 69.42
CA SER G 384 -17.87 24.64 70.75
C SER G 384 -17.95 25.95 71.52
N ASP G 385 -17.15 26.94 71.14
CA ASP G 385 -17.12 28.23 71.84
C ASP G 385 -18.05 29.26 71.24
N HIS G 386 -18.18 29.31 69.92
CA HIS G 386 -19.02 30.30 69.25
C HIS G 386 -20.40 29.75 68.92
N TRP G 387 -20.45 28.61 68.21
CA TRP G 387 -21.73 28.06 67.77
C TRP G 387 -22.60 27.66 68.95
N LEU G 388 -22.02 27.02 69.96
CA LEU G 388 -22.81 26.56 71.10
C LEU G 388 -23.28 27.73 71.95
N ARG G 389 -22.40 28.72 72.19
CA ARG G 389 -22.78 29.85 73.02
C ARG G 389 -23.92 30.64 72.41
N LYS G 390 -23.84 30.89 71.09
CA LYS G 390 -24.95 31.55 70.41
C LYS G 390 -26.20 30.67 70.41
N ARG G 391 -26.03 29.37 70.17
CA ARG G 391 -27.18 28.47 70.12
C ARG G 391 -27.83 28.33 71.49
N ALA G 392 -27.01 28.27 72.55
CA ALA G 392 -27.56 28.12 73.89
C ALA G 392 -28.41 29.33 74.29
N TYR G 393 -27.98 30.52 73.87
CA TYR G 393 -28.74 31.74 74.19
C TYR G 393 -30.12 31.69 73.55
N LEU G 394 -30.18 31.38 72.25
CA LEU G 394 -31.44 31.49 71.52
C LEU G 394 -32.49 30.52 72.04
N TYR G 395 -32.10 29.27 72.31
CA TYR G 395 -33.04 28.31 72.87
C TYR G 395 -33.49 28.73 74.26
N THR G 396 -32.57 29.24 75.09
CA THR G 396 -32.97 29.68 76.43
C THR G 396 -33.98 30.82 76.35
N VAL G 397 -33.76 31.78 75.45
CA VAL G 397 -34.69 32.89 75.30
C VAL G 397 -36.00 32.41 74.69
N TYR G 398 -35.93 31.53 73.69
CA TYR G 398 -37.15 31.04 73.05
C TYR G 398 -38.02 30.26 74.02
N GLN G 399 -37.41 29.42 74.86
CA GLN G 399 -38.18 28.65 75.83
C GLN G 399 -38.84 29.56 76.86
N TYR G 400 -38.11 30.57 77.34
CA TYR G 400 -38.60 31.50 78.36
C TYR G 400 -38.50 32.92 77.81
N PRO G 401 -39.57 33.44 77.22
CA PRO G 401 -39.54 34.81 76.68
C PRO G 401 -39.19 35.85 77.73
N PRO G 402 -39.67 35.73 78.98
CA PRO G 402 -39.23 36.70 79.99
C PRO G 402 -37.74 36.65 80.29
N MET G 403 -37.08 35.55 79.95
CA MET G 403 -35.65 35.43 80.23
C MET G 403 -34.80 36.29 79.29
N ARG G 404 -35.41 36.87 78.27
CA ARG G 404 -34.66 37.72 77.34
C ARG G 404 -34.07 38.92 78.05
N ALA G 405 -34.89 39.67 78.79
CA ALA G 405 -34.44 40.91 79.40
C ALA G 405 -33.64 40.64 80.67
N MET G 406 -33.55 39.37 81.08
CA MET G 406 -32.85 39.04 82.32
C MET G 406 -31.38 39.44 82.26
N PHE G 407 -30.64 38.87 81.31
CA PHE G 407 -29.22 39.15 81.19
C PHE G 407 -28.85 39.96 79.96
N THR G 408 -29.84 40.54 79.26
CA THR G 408 -29.55 41.40 78.12
C THR G 408 -29.53 42.86 78.55
N LEU G 409 -30.64 43.33 79.12
CA LEU G 409 -30.70 44.71 79.62
C LEU G 409 -29.75 44.89 80.79
N GLY G 410 -29.79 43.97 81.75
CA GLY G 410 -28.88 44.01 82.89
C GLY G 410 -28.14 42.70 83.06
N ALA G 411 -27.69 42.43 84.28
CA ALA G 411 -27.01 41.18 84.62
C ALA G 411 -25.86 40.88 83.68
N THR G 412 -24.86 41.76 83.65
CA THR G 412 -23.68 41.57 82.81
C THR G 412 -22.78 40.44 83.31
N THR G 413 -23.01 39.93 84.51
CA THR G 413 -22.18 38.86 85.06
C THR G 413 -22.69 37.47 84.70
N ILE G 414 -23.83 37.37 84.02
CA ILE G 414 -24.37 36.06 83.64
C ILE G 414 -23.52 35.41 82.56
N GLN G 415 -22.86 34.31 82.90
CA GLN G 415 -21.99 33.60 81.99
C GLN G 415 -22.41 32.14 81.90
N ILE G 416 -22.05 31.49 80.80
CA ILE G 416 -22.40 30.09 80.57
C ILE G 416 -21.15 29.32 80.20
N LEU G 417 -21.20 28.01 80.44
CA LEU G 417 -20.14 27.09 80.05
C LEU G 417 -20.69 26.14 79.00
N VAL G 418 -20.01 26.07 77.86
CA VAL G 418 -20.50 25.30 76.72
C VAL G 418 -19.44 24.28 76.31
N GLY G 419 -19.90 23.23 75.63
CA GLY G 419 -18.98 22.21 75.17
C GLY G 419 -18.51 21.31 76.30
N THR G 420 -17.28 20.83 76.18
CA THR G 420 -16.71 19.97 77.22
C THR G 420 -16.48 20.70 78.52
N ALA G 421 -16.44 22.03 78.50
CA ALA G 421 -16.25 22.80 79.73
C ALA G 421 -17.51 22.85 80.58
N SER G 422 -18.67 22.49 80.02
CA SER G 422 -19.90 22.50 80.80
C SER G 422 -19.88 21.43 81.88
N LEU G 423 -19.18 20.32 81.64
CA LEU G 423 -19.07 19.24 82.63
C LEU G 423 -17.97 19.59 83.65
N ASN G 424 -18.15 20.75 84.28
CA ASN G 424 -17.21 21.25 85.28
C ASN G 424 -17.63 20.93 86.71
N LYS G 425 -18.94 20.92 86.98
CA LYS G 425 -19.40 20.59 88.33
C LYS G 425 -19.25 19.11 88.63
N ALA G 426 -19.30 18.25 87.61
CA ALA G 426 -19.03 16.84 87.82
C ALA G 426 -17.60 16.62 88.31
N ALA G 427 -16.67 17.43 87.83
CA ALA G 427 -15.30 17.38 88.35
C ALA G 427 -15.28 17.75 89.83
N GLN G 428 -16.07 18.74 90.23
CA GLN G 428 -16.16 19.09 91.64
C GLN G 428 -16.73 17.95 92.46
N ALA G 429 -17.74 17.26 91.92
CA ALA G 429 -18.30 16.10 92.62
C ALA G 429 -17.25 14.99 92.76
N ASP G 430 -16.46 14.76 91.73
CA ASP G 430 -15.41 13.74 91.79
C ASP G 430 -14.36 14.11 92.83
N ARG G 431 -13.97 15.38 92.87
CA ARG G 431 -13.01 15.83 93.89
C ARG G 431 -13.58 15.68 95.29
N LEU G 432 -14.88 15.97 95.46
CA LEU G 432 -15.52 15.78 96.76
C LEU G 432 -15.53 14.32 97.15
N LEU G 433 -15.79 13.43 96.19
CA LEU G 433 -15.77 12.00 96.47
C LEU G 433 -14.37 11.55 96.93
N GLU G 434 -13.34 12.00 96.22
CA GLU G 434 -11.97 11.63 96.58
C GLU G 434 -11.61 12.16 97.96
N ALA G 435 -11.98 13.42 98.23
CA ALA G 435 -11.69 14.01 99.53
C ALA G 435 -12.42 13.28 100.65
N SER G 436 -13.68 12.89 100.40
CA SER G 436 -14.43 12.15 101.41
C SER G 436 -13.80 10.79 101.68
N GLN G 437 -13.34 10.11 100.63
CA GLN G 437 -12.65 8.84 100.84
C GLN G 437 -11.37 9.04 101.64
N SER G 438 -10.61 10.09 101.34
CA SER G 438 -9.39 10.37 102.09
C SER G 438 -9.69 10.65 103.55
N ILE G 439 -10.74 11.44 103.82
CA ILE G 439 -11.12 11.73 105.20
C ILE G 439 -11.53 10.46 105.92
N GLN G 440 -12.32 9.61 105.27
CA GLN G 440 -12.73 8.35 105.90
C GLN G 440 -11.54 7.49 106.23
N LEU G 441 -10.53 7.47 105.35
CA LEU G 441 -9.34 6.67 105.62
C LEU G 441 -8.47 7.27 106.72
N VAL G 442 -8.40 8.59 106.81
CA VAL G 442 -7.40 9.26 107.65
C VAL G 442 -7.92 9.60 109.03
N LEU G 443 -9.08 10.28 109.10
CA LEU G 443 -9.51 10.89 110.35
C LEU G 443 -9.64 9.91 111.52
N PRO G 444 -10.26 8.74 111.37
CA PRO G 444 -10.39 7.85 112.54
C PRO G 444 -9.05 7.44 113.14
N VAL G 445 -8.03 7.22 112.30
CA VAL G 445 -6.72 6.81 112.81
C VAL G 445 -6.12 7.91 113.68
N LEU G 446 -6.14 9.15 113.19
CA LEU G 446 -5.60 10.26 113.96
C LEU G 446 -6.41 10.49 115.23
N GLN G 447 -7.74 10.37 115.14
CA GLN G 447 -8.58 10.56 116.32
C GLN G 447 -8.27 9.51 117.39
N GLY G 448 -8.10 8.26 116.98
CA GLY G 448 -7.78 7.21 117.94
C GLY G 448 -6.34 7.25 118.43
N ALA G 449 -5.44 7.90 117.68
CA ALA G 449 -4.05 7.98 118.11
C ALA G 449 -3.91 8.82 119.36
N THR G 450 -4.51 10.02 119.37
CA THR G 450 -4.39 10.92 120.50
C THR G 450 -5.54 11.91 120.47
N LYS G 451 -5.73 12.59 121.60
CA LYS G 451 -6.73 13.64 121.73
C LYS G 451 -6.19 15.01 121.33
N ARG G 452 -4.91 15.08 120.92
CA ARG G 452 -4.30 16.33 120.49
C ARG G 452 -4.73 16.74 119.09
N THR G 453 -5.29 15.83 118.31
CA THR G 453 -5.72 16.14 116.95
C THR G 453 -6.99 16.99 116.96
N ASN G 454 -7.18 17.74 115.88
CA ASN G 454 -8.35 18.58 115.70
C ASN G 454 -9.13 18.09 114.49
N PRO G 455 -10.25 17.38 114.67
CA PRO G 455 -10.98 16.84 113.50
C PRO G 455 -11.39 17.90 112.50
N ASP G 456 -11.83 19.06 112.97
CA ASP G 456 -12.20 20.13 112.05
C ASP G 456 -11.00 20.60 111.25
N ALA G 457 -9.84 20.75 111.90
CA ALA G 457 -8.65 21.15 111.20
C ALA G 457 -8.22 20.12 110.17
N VAL G 458 -8.32 18.83 110.51
CA VAL G 458 -7.96 17.77 109.56
C VAL G 458 -8.88 17.81 108.35
N VAL G 459 -10.19 17.93 108.58
CA VAL G 459 -11.14 17.98 107.47
C VAL G 459 -10.88 19.19 106.59
N ASP G 460 -10.66 20.35 107.21
CA ASP G 460 -10.40 21.56 106.44
C ASP G 460 -9.12 21.44 105.63
N PHE G 461 -8.08 20.86 106.23
CA PHE G 461 -6.82 20.69 105.52
C PHE G 461 -6.98 19.77 104.32
N ILE G 462 -7.69 18.65 104.50
CA ILE G 462 -7.89 17.72 103.39
C ILE G 462 -8.71 18.37 102.28
N LEU G 463 -9.78 19.07 102.65
CA LEU G 463 -10.61 19.72 101.64
C LEU G 463 -9.83 20.81 100.89
N ASP G 464 -9.02 21.57 101.60
CA ASP G 464 -8.19 22.59 100.95
C ASP G 464 -7.16 21.96 100.02
N ALA G 465 -6.56 20.85 100.45
CA ALA G 465 -5.60 20.16 99.60
C ALA G 465 -6.26 19.64 98.33
N PHE G 466 -7.48 19.11 98.45
CA PHE G 466 -8.19 18.64 97.28
C PHE G 466 -8.89 19.76 96.51
N GLY G 467 -8.87 20.99 97.03
CA GLY G 467 -9.36 22.13 96.29
C GLY G 467 -10.87 22.27 96.22
N VAL G 468 -11.62 21.51 97.01
CA VAL G 468 -13.07 21.61 97.01
C VAL G 468 -13.50 22.79 97.89
N VAL G 469 -14.53 23.50 97.45
CA VAL G 469 -15.04 24.66 98.18
C VAL G 469 -15.78 24.12 99.40
N SER G 470 -15.15 24.24 100.57
CA SER G 470 -15.72 23.67 101.79
C SER G 470 -16.93 24.46 102.28
N SER G 471 -16.88 25.78 102.18
CA SER G 471 -17.93 26.62 102.76
C SER G 471 -19.27 26.42 102.05
N LYS G 472 -19.26 25.92 100.82
CA LYS G 472 -20.50 25.76 100.08
C LYS G 472 -21.34 24.58 100.55
N LEU G 473 -20.77 23.68 101.34
CA LEU G 473 -21.43 22.44 101.72
C LEU G 473 -21.41 22.20 103.23
N MET G 474 -21.33 23.28 104.02
CA MET G 474 -21.40 23.13 105.47
C MET G 474 -21.96 24.40 106.09
N TYR G 475 -22.30 24.28 107.37
CA TYR G 475 -22.90 25.39 108.11
C TYR G 475 -21.95 26.58 108.20
N THR G 476 -22.53 27.77 108.29
CA THR G 476 -21.76 28.97 108.57
C THR G 476 -21.71 29.23 110.06
N GLU G 477 -20.80 30.11 110.46
CA GLU G 477 -20.60 30.39 111.89
C GLU G 477 -21.84 31.03 112.50
N GLU G 478 -22.51 31.91 111.76
CA GLU G 478 -23.67 32.63 112.31
C GLU G 478 -24.80 31.67 112.62
N GLN G 479 -25.16 30.82 111.66
CA GLN G 479 -26.28 29.89 111.86
C GLN G 479 -25.90 28.71 112.75
N LEU G 480 -24.60 28.42 112.88
CA LEU G 480 -24.18 27.38 113.81
C LEU G 480 -24.49 27.76 115.25
N LYS G 481 -24.29 29.03 115.60
CA LYS G 481 -24.66 29.50 116.94
C LYS G 481 -26.17 29.44 117.15
N GLN G 482 -26.95 29.61 116.09
CA GLN G 482 -28.40 29.50 116.21
C GLN G 482 -28.81 28.09 116.63
N ILE G 483 -28.14 27.08 116.08
CA ILE G 483 -28.38 25.71 116.54
C ILE G 483 -27.96 25.57 118.00
N GLN G 484 -26.81 26.15 118.36
CA GLN G 484 -26.37 26.11 119.75
C GLN G 484 -27.33 26.86 120.66
N ASP G 485 -27.82 28.01 120.21
CA ASP G 485 -28.80 28.77 121.00
C ASP G 485 -30.08 27.98 121.17
N GLN G 486 -30.54 27.31 120.12
CA GLN G 486 -31.74 26.49 120.16
C GLN G 486 -31.45 25.04 120.53
N GLN G 487 -30.25 24.76 121.05
CA GLN G 487 -29.85 23.41 121.45
C GLN G 487 -29.99 22.41 120.31
N ARG H 2 5.73 6.11 -7.53
CA ARG H 2 5.95 5.26 -6.36
C ARG H 2 6.04 3.80 -6.77
N LEU H 3 5.16 3.38 -7.69
CA LEU H 3 5.20 2.01 -8.18
C LEU H 3 6.51 1.73 -8.91
N THR H 4 6.98 2.70 -9.69
CA THR H 4 8.28 2.55 -10.34
C THR H 4 9.39 2.39 -9.31
N ASP H 5 9.29 3.11 -8.19
CA ASP H 5 10.29 2.98 -7.14
C ASP H 5 10.26 1.59 -6.52
N ALA H 6 9.06 1.03 -6.34
CA ALA H 6 8.96 -0.33 -5.80
C ALA H 6 9.55 -1.34 -6.76
N VAL H 7 9.29 -1.18 -8.06
CA VAL H 7 9.86 -2.08 -9.05
C VAL H 7 11.38 -1.95 -9.08
N ASN H 8 11.88 -0.73 -8.93
CA ASN H 8 13.32 -0.52 -8.87
C ASN H 8 13.92 -1.17 -7.63
N VAL H 9 13.21 -1.13 -6.51
CA VAL H 9 13.69 -1.81 -5.31
C VAL H 9 13.77 -3.32 -5.56
N THR H 10 12.73 -3.88 -6.19
CA THR H 10 12.75 -5.31 -6.50
C THR H 10 13.90 -5.66 -7.43
N LEU H 11 14.15 -4.82 -8.44
CA LEU H 11 15.26 -5.07 -9.36
C LEU H 11 16.61 -4.93 -8.65
N GLU H 12 16.72 -3.97 -7.73
CA GLU H 12 17.95 -3.81 -6.97
C GLU H 12 18.23 -5.03 -6.11
N ALA H 13 17.18 -5.62 -5.53
CA ALA H 13 17.37 -6.82 -4.73
C ALA H 13 17.98 -7.94 -5.55
N LEU H 14 17.52 -8.12 -6.79
CA LEU H 14 18.11 -9.11 -7.68
C LEU H 14 19.49 -8.67 -8.16
N GLY H 15 19.73 -7.37 -8.26
CA GLY H 15 20.96 -6.85 -8.79
C GLY H 15 20.92 -6.47 -10.25
N GLU H 16 19.75 -6.43 -10.87
CA GLU H 16 19.61 -6.08 -12.28
C GLU H 16 19.64 -4.56 -12.43
N SER H 17 19.32 -4.08 -13.63
CA SER H 17 19.36 -2.65 -13.93
C SER H 17 18.00 -2.02 -13.62
N ARG H 18 18.04 -0.88 -12.94
CA ARG H 18 16.81 -0.16 -12.61
C ARG H 18 16.16 0.39 -13.88
N ILE H 19 14.84 0.54 -13.82
CA ILE H 19 14.07 1.09 -14.91
C ILE H 19 13.64 2.51 -14.55
N VAL H 20 13.52 3.35 -15.57
CA VAL H 20 13.02 4.71 -15.39
C VAL H 20 11.66 4.92 -16.06
N ASP H 21 11.18 3.95 -16.84
CA ASP H 21 9.91 4.05 -17.54
C ASP H 21 9.11 2.80 -17.20
N ILE H 22 8.09 2.95 -16.36
CA ILE H 22 7.24 1.83 -15.97
C ILE H 22 6.40 1.45 -17.19
N ASN H 23 5.83 0.25 -17.18
CA ASN H 23 5.06 -0.26 -18.32
C ASN H 23 5.95 -0.33 -19.56
N THR H 24 7.16 -0.83 -19.38
CA THR H 24 8.12 -1.02 -20.46
C THR H 24 8.06 -2.47 -20.95
N SER H 25 9.01 -2.85 -21.80
CA SER H 25 9.06 -4.19 -22.35
C SER H 25 10.06 -5.10 -21.65
N ASN H 26 10.64 -4.66 -20.54
CA ASN H 26 11.60 -5.49 -19.82
C ASN H 26 10.91 -6.72 -19.25
N PRO H 27 11.45 -7.93 -19.48
CA PRO H 27 10.79 -9.13 -18.93
C PRO H 27 10.68 -9.12 -17.41
N SER H 28 11.69 -8.61 -16.72
CA SER H 28 11.65 -8.58 -15.26
C SER H 28 10.86 -7.40 -14.70
N ALA H 29 10.57 -6.39 -15.54
CA ALA H 29 9.76 -5.27 -15.08
C ALA H 29 8.32 -5.71 -14.84
N GLY H 30 7.73 -6.41 -15.80
CA GLY H 30 6.37 -6.89 -15.63
C GLY H 30 6.26 -7.91 -14.51
N LEU H 31 7.29 -8.73 -14.35
CA LEU H 31 7.29 -9.70 -13.26
C LEU H 31 7.23 -9.01 -11.90
N ALA H 32 7.99 -7.93 -11.74
CA ALA H 32 7.96 -7.19 -10.48
C ALA H 32 6.59 -6.59 -10.22
N ARG H 33 5.96 -6.01 -11.25
CA ARG H 33 4.64 -5.43 -11.08
C ARG H 33 3.62 -6.50 -10.70
N ALA H 34 3.67 -7.65 -11.36
CA ALA H 34 2.73 -8.72 -11.06
C ALA H 34 2.93 -9.25 -9.64
N ALA H 35 4.18 -9.44 -9.23
CA ALA H 35 4.45 -9.89 -7.87
C ALA H 35 3.99 -8.86 -6.85
N LEU H 36 4.20 -7.58 -7.12
CA LEU H 36 3.75 -6.53 -6.23
C LEU H 36 2.22 -6.54 -6.09
N ASP H 37 1.52 -6.69 -7.22
CA ASP H 37 0.06 -6.75 -7.16
C ASP H 37 -0.42 -7.94 -6.37
N ARG H 38 0.19 -9.11 -6.60
CA ARG H 38 -0.20 -10.31 -5.87
C ARG H 38 0.03 -10.14 -4.36
N THR H 39 1.20 -9.63 -3.99
CA THR H 39 1.50 -9.43 -2.57
C THR H 39 0.54 -8.43 -1.96
N ARG H 40 0.25 -7.34 -2.68
CA ARG H 40 -0.66 -6.32 -2.16
C ARG H 40 -2.06 -6.88 -1.93
N ARG H 41 -2.58 -7.63 -2.91
CA ARG H 41 -3.91 -8.22 -2.74
C ARG H 41 -3.93 -9.23 -1.61
N GLY H 42 -2.86 -10.02 -1.48
CA GLY H 42 -2.81 -10.98 -0.39
C GLY H 42 -2.73 -10.34 0.98
N VAL H 43 -2.02 -9.22 1.08
CA VAL H 43 -1.77 -8.63 2.40
C VAL H 43 -2.91 -7.70 2.82
N LEU H 44 -3.59 -7.08 1.86
CA LEU H 44 -4.70 -6.19 2.22
C LEU H 44 -5.99 -6.96 2.50
N SER H 45 -5.99 -8.28 2.34
CA SER H 45 -7.21 -9.05 2.59
C SER H 45 -7.66 -8.91 4.03
N THR H 46 -6.72 -8.93 4.97
CA THR H 46 -7.06 -8.65 6.37
C THR H 46 -7.41 -7.18 6.53
N GLY H 47 -8.33 -6.91 7.45
CA GLY H 47 -8.80 -5.54 7.66
C GLY H 47 -7.77 -4.59 8.22
N TRP H 48 -7.62 -3.44 7.59
CA TRP H 48 -6.79 -2.35 8.09
C TRP H 48 -7.66 -1.10 8.28
N TRP H 49 -7.02 -0.03 8.74
CA TRP H 49 -7.76 1.20 8.99
C TRP H 49 -8.17 1.91 7.71
N PHE H 50 -7.43 1.73 6.62
CA PHE H 50 -7.75 2.37 5.35
C PHE H 50 -8.40 1.43 4.36
N ASN H 51 -8.82 0.25 4.79
CA ASN H 51 -9.51 -0.72 3.94
C ASN H 51 -10.93 -1.01 4.37
N THR H 52 -11.21 -1.07 5.66
CA THR H 52 -12.52 -1.45 6.16
C THR H 52 -13.46 -0.26 6.15
N ILE H 53 -14.60 -0.43 5.48
CA ILE H 53 -15.67 0.56 5.49
C ILE H 53 -16.97 -0.17 5.78
N ILE H 54 -17.78 0.39 6.68
CA ILE H 54 -19.06 -0.19 7.04
C ILE H 54 -20.16 0.44 6.19
N ARG H 55 -20.82 -0.38 5.38
CA ARG H 55 -21.84 0.10 4.46
C ARG H 55 -23.05 -0.83 4.52
N GLU H 56 -24.21 -0.29 4.18
CA GLU H 56 -25.46 -1.03 4.11
C GLU H 56 -26.10 -0.79 2.76
N VAL H 57 -26.43 -1.87 2.05
CA VAL H 57 -26.98 -1.80 0.70
C VAL H 57 -28.33 -2.50 0.69
N THR H 58 -29.33 -1.83 0.12
CA THR H 58 -30.67 -2.39 0.02
C THR H 58 -30.89 -2.89 -1.41
N PRO H 59 -31.55 -4.04 -1.59
CA PRO H 59 -31.92 -4.47 -2.95
C PRO H 59 -32.76 -3.41 -3.64
N THR H 60 -32.21 -2.85 -4.74
CA THR H 60 -32.86 -1.76 -5.46
C THR H 60 -34.22 -2.15 -6.01
N PRO H 61 -34.37 -3.30 -6.71
CA PRO H 61 -35.71 -3.69 -7.18
C PRO H 61 -36.50 -4.39 -6.10
N ASN H 62 -37.68 -4.89 -6.46
CA ASN H 62 -38.39 -5.80 -5.59
C ASN H 62 -37.48 -6.98 -5.26
N PRO H 63 -37.58 -7.58 -4.06
CA PRO H 63 -36.46 -8.35 -3.50
C PRO H 63 -35.76 -9.26 -4.48
N GLY H 64 -34.50 -8.94 -4.78
CA GLY H 64 -33.72 -9.67 -5.77
C GLY H 64 -32.23 -9.62 -5.48
N GLN H 65 -31.42 -9.61 -6.53
CA GLN H 65 -29.97 -9.65 -6.38
C GLN H 65 -29.42 -8.27 -6.04
N ILE H 66 -28.22 -8.26 -5.48
CA ILE H 66 -27.51 -7.03 -5.14
C ILE H 66 -26.16 -7.10 -5.84
N LYS H 67 -25.91 -6.16 -6.75
CA LYS H 67 -24.61 -6.06 -7.39
C LYS H 67 -23.61 -5.40 -6.44
N VAL H 68 -22.57 -6.12 -6.05
CA VAL H 68 -21.63 -5.63 -5.05
C VAL H 68 -20.74 -4.54 -5.67
N PRO H 69 -20.72 -3.34 -5.08
CA PRO H 69 -19.81 -2.30 -5.58
C PRO H 69 -18.43 -2.42 -4.97
N TRP H 70 -17.57 -1.43 -5.24
CA TRP H 70 -16.19 -1.36 -4.75
C TRP H 70 -15.34 -2.49 -5.30
N ASN H 71 -14.03 -2.40 -5.08
CA ASN H 71 -13.09 -3.47 -5.43
C ASN H 71 -12.83 -4.31 -4.18
N GLN H 72 -13.84 -5.09 -3.83
CA GLN H 72 -13.82 -5.84 -2.58
C GLN H 72 -12.75 -6.92 -2.60
N LEU H 73 -12.11 -7.12 -1.45
CA LEU H 73 -11.16 -8.20 -1.23
C LEU H 73 -11.72 -9.26 -0.29
N SER H 74 -12.20 -8.85 0.88
CA SER H 74 -12.91 -9.71 1.81
C SER H 74 -14.25 -9.05 2.15
N MET H 75 -15.21 -9.87 2.58
CA MET H 75 -16.57 -9.38 2.80
C MET H 75 -17.14 -10.10 4.02
N TYR H 76 -17.08 -9.44 5.18
CA TYR H 76 -17.68 -9.96 6.40
C TYR H 76 -19.09 -9.41 6.56
N GLY H 77 -19.93 -10.17 7.25
CA GLY H 77 -21.32 -9.80 7.48
C GLY H 77 -21.53 -9.36 8.92
N LEU H 78 -22.07 -8.14 9.06
CA LEU H 78 -22.36 -7.62 10.39
C LEU H 78 -23.46 -8.43 11.07
N ASP H 79 -24.44 -8.89 10.29
CA ASP H 79 -25.49 -9.75 10.82
C ASP H 79 -24.97 -11.18 10.93
N GLY H 80 -25.86 -12.13 11.20
CA GLY H 80 -25.45 -13.50 11.40
C GLY H 80 -25.45 -14.35 10.14
N THR H 81 -25.09 -13.74 9.02
CA THR H 81 -25.03 -14.45 7.74
C THR H 81 -23.67 -14.24 7.10
N LYS H 82 -23.26 -15.23 6.30
CA LYS H 82 -21.99 -15.19 5.58
C LYS H 82 -22.24 -14.80 4.14
N TYR H 83 -21.42 -13.88 3.62
CA TYR H 83 -21.59 -13.33 2.29
C TYR H 83 -20.42 -13.72 1.39
N GLY H 84 -20.73 -13.89 0.11
CA GLY H 84 -19.72 -14.15 -0.90
C GLY H 84 -19.81 -13.17 -2.05
N GLU H 85 -19.24 -13.54 -3.20
CA GLU H 85 -19.31 -12.68 -4.39
C GLU H 85 -19.26 -13.59 -5.61
N ARG H 86 -20.42 -13.87 -6.20
CA ARG H 86 -20.53 -14.72 -7.36
C ARG H 86 -21.05 -13.90 -8.55
N ASP H 87 -20.31 -13.95 -9.66
CA ASP H 87 -20.71 -13.26 -10.89
C ASP H 87 -20.87 -11.76 -10.67
N GLY H 88 -20.12 -11.22 -9.71
CA GLY H 88 -20.15 -9.79 -9.44
C GLY H 88 -21.31 -9.31 -8.59
N VAL H 89 -22.16 -10.20 -8.10
CA VAL H 89 -23.30 -9.83 -7.27
C VAL H 89 -23.17 -10.51 -5.92
N LEU H 90 -23.95 -10.03 -4.96
CA LEU H 90 -23.93 -10.58 -3.61
C LEU H 90 -24.46 -12.01 -3.61
N TYR H 91 -23.93 -12.83 -2.71
CA TYR H 91 -24.29 -14.23 -2.65
C TYR H 91 -24.19 -14.70 -1.20
N ASN H 92 -25.21 -15.41 -0.74
CA ASN H 92 -25.25 -15.94 0.61
C ASN H 92 -24.58 -17.30 0.63
N LEU H 93 -23.42 -17.39 1.28
CA LEU H 93 -22.61 -18.61 1.20
C LEU H 93 -23.32 -19.81 1.81
N VAL H 94 -23.97 -19.62 2.96
CA VAL H 94 -24.60 -20.74 3.63
C VAL H 94 -25.96 -21.07 3.02
N ASP H 95 -26.71 -20.05 2.60
CA ASP H 95 -28.03 -20.27 2.02
C ASP H 95 -27.99 -20.64 0.54
N GLN H 96 -26.86 -20.44 -0.13
CA GLN H 96 -26.73 -20.72 -1.56
C GLN H 96 -27.79 -19.96 -2.38
N THR H 97 -28.00 -18.70 -2.03
CA THR H 97 -28.97 -17.86 -2.72
C THR H 97 -28.32 -16.54 -3.09
N LYS H 98 -28.88 -15.90 -4.12
CA LYS H 98 -28.40 -14.61 -4.59
C LYS H 98 -29.43 -13.49 -4.45
N VAL H 99 -30.66 -13.80 -4.07
CA VAL H 99 -31.71 -12.81 -3.92
C VAL H 99 -31.91 -12.52 -2.44
N PHE H 100 -31.98 -11.25 -2.09
CA PHE H 100 -32.17 -10.81 -0.71
C PHE H 100 -33.47 -10.04 -0.60
N SER H 101 -34.14 -10.19 0.55
CA SER H 101 -35.42 -9.53 0.79
C SER H 101 -35.27 -8.20 1.52
N ASP H 102 -34.45 -8.14 2.56
CA ASP H 102 -34.25 -6.94 3.34
C ASP H 102 -32.84 -6.39 3.10
N THR H 103 -32.62 -5.18 3.61
CA THR H 103 -31.30 -4.57 3.50
C THR H 103 -30.28 -5.34 4.33
N VAL H 104 -29.05 -5.37 3.84
CA VAL H 104 -27.97 -6.10 4.50
C VAL H 104 -26.91 -5.12 4.97
N HIS H 105 -26.45 -5.31 6.21
CA HIS H 105 -25.37 -4.52 6.77
C HIS H 105 -24.12 -5.39 6.82
N LEU H 106 -23.01 -4.87 6.30
CA LEU H 106 -21.81 -5.67 6.18
C LEU H 106 -20.59 -4.76 6.19
N LYS H 107 -19.45 -5.35 6.58
CA LYS H 107 -18.17 -4.67 6.59
C LYS H 107 -17.32 -5.24 5.46
N VAL H 108 -16.96 -4.39 4.50
CA VAL H 108 -16.26 -4.81 3.30
C VAL H 108 -14.84 -4.26 3.32
N VAL H 109 -13.88 -5.10 2.93
CA VAL H 109 -12.48 -4.72 2.86
C VAL H 109 -12.17 -4.46 1.39
N ILE H 110 -12.08 -3.18 1.03
CA ILE H 110 -11.83 -2.78 -0.36
C ILE H 110 -10.35 -2.94 -0.68
N ASP H 111 -10.02 -2.88 -1.96
CA ASP H 111 -8.64 -2.96 -2.43
C ASP H 111 -8.14 -1.56 -2.72
N ILE H 112 -6.86 -1.32 -2.44
CA ILE H 112 -6.24 -0.01 -2.60
C ILE H 112 -5.12 -0.12 -3.62
N ASP H 113 -5.11 0.80 -4.58
CA ASP H 113 -4.06 0.82 -5.58
C ASP H 113 -2.72 1.16 -4.94
N PHE H 114 -1.64 0.73 -5.60
CA PHE H 114 -0.31 0.89 -5.02
C PHE H 114 0.15 2.34 -5.01
N GLU H 115 -0.58 3.25 -5.67
CA GLU H 115 -0.16 4.64 -5.66
C GLU H 115 -0.80 5.44 -4.51
N ASP H 116 -1.79 4.89 -3.83
CA ASP H 116 -2.59 5.64 -2.86
C ASP H 116 -2.73 4.88 -1.55
N LEU H 117 -1.63 4.37 -1.01
CA LEU H 117 -1.63 3.71 0.28
C LEU H 117 -0.51 4.30 1.12
N PRO H 118 -0.58 4.17 2.46
CA PRO H 118 0.42 4.81 3.32
C PRO H 118 1.84 4.35 3.02
N GLU H 119 2.79 5.19 3.43
CA GLU H 119 4.20 4.97 3.08
C GLU H 119 4.73 3.68 3.69
N HIS H 120 4.42 3.45 4.98
CA HIS H 120 4.93 2.24 5.65
C HIS H 120 4.38 0.98 5.00
N MET H 121 3.08 0.98 4.70
CA MET H 121 2.47 -0.20 4.08
C MET H 121 3.06 -0.45 2.70
N ALA H 122 3.27 0.62 1.92
CA ALA H 122 3.86 0.47 0.60
C ALA H 122 5.29 -0.07 0.69
N MET H 123 6.08 0.44 1.64
CA MET H 123 7.43 -0.08 1.82
C MET H 123 7.41 -1.54 2.21
N TRP H 124 6.51 -1.93 3.10
CA TRP H 124 6.40 -3.33 3.49
C TRP H 124 6.05 -4.21 2.29
N VAL H 125 5.09 -3.77 1.48
CA VAL H 125 4.70 -4.56 0.32
C VAL H 125 5.85 -4.68 -0.67
N ALA H 126 6.54 -3.56 -0.94
CA ALA H 126 7.62 -3.57 -1.91
C ALA H 126 8.76 -4.48 -1.46
N ASN H 127 9.15 -4.39 -0.18
CA ASN H 127 10.23 -5.22 0.32
C ASN H 127 9.83 -6.69 0.42
N ALA H 128 8.59 -7.00 0.77
CA ALA H 128 8.15 -8.39 0.75
C ALA H 128 8.16 -8.95 -0.67
N THR H 129 7.73 -8.16 -1.65
CA THR H 129 7.77 -8.60 -3.04
C THR H 129 9.21 -8.83 -3.49
N ALA H 130 10.12 -7.93 -3.12
CA ALA H 130 11.52 -8.10 -3.49
C ALA H 130 12.11 -9.36 -2.84
N ALA H 131 11.78 -9.61 -1.57
CA ALA H 131 12.27 -10.81 -0.91
C ALA H 131 11.73 -12.07 -1.57
N GLN H 132 10.44 -12.08 -1.91
CA GLN H 132 9.86 -13.24 -2.58
C GLN H 132 10.50 -13.48 -3.94
N VAL H 133 10.71 -12.41 -4.72
CA VAL H 133 11.32 -12.56 -6.03
C VAL H 133 12.75 -13.07 -5.91
N TYR H 134 13.51 -12.54 -4.95
CA TYR H 134 14.88 -13.01 -4.74
C TYR H 134 14.89 -14.49 -4.34
N LEU H 135 13.98 -14.89 -3.45
CA LEU H 135 13.90 -16.28 -3.05
C LEU H 135 13.59 -17.19 -4.23
N ASN H 136 12.65 -16.77 -5.08
CA ASN H 136 12.29 -17.60 -6.23
C ASN H 136 13.41 -17.65 -7.26
N ASP H 137 14.18 -16.57 -7.41
CA ASP H 137 15.16 -16.49 -8.49
C ASP H 137 16.53 -17.02 -8.09
N LEU H 138 17.14 -16.43 -7.07
CA LEU H 138 18.52 -16.73 -6.70
C LEU H 138 18.63 -17.66 -5.50
N GLY H 139 17.52 -18.20 -5.00
CA GLY H 139 17.56 -19.15 -3.91
C GLY H 139 17.56 -18.51 -2.55
N ALA H 140 17.45 -19.36 -1.53
CA ALA H 140 17.37 -18.91 -0.14
C ALA H 140 18.78 -18.83 0.44
N ASP H 141 19.20 -17.63 0.81
CA ASP H 141 20.50 -17.42 1.43
C ASP H 141 20.47 -16.24 2.38
N GLY H 142 21.64 -15.72 2.75
CA GLY H 142 21.69 -14.61 3.70
C GLY H 142 20.98 -13.37 3.20
N ASN H 143 21.05 -13.11 1.89
CA ASN H 143 20.34 -11.97 1.33
C ASN H 143 18.84 -12.10 1.54
N TYR H 144 18.30 -13.32 1.39
CA TYR H 144 16.88 -13.54 1.62
C TYR H 144 16.51 -13.23 3.08
N LYS H 145 17.33 -13.67 4.03
CA LYS H 145 17.05 -13.40 5.43
C LYS H 145 17.13 -11.91 5.74
N SER H 146 18.10 -11.21 5.15
CA SER H 146 18.20 -9.76 5.36
C SER H 146 16.98 -9.04 4.79
N LEU H 147 16.54 -9.43 3.60
CA LEU H 147 15.36 -8.81 3.01
C LEU H 147 14.12 -9.10 3.86
N LEU H 148 14.02 -10.32 4.39
CA LEU H 148 12.91 -10.65 5.28
C LEU H 148 12.94 -9.79 6.54
N GLY H 149 14.13 -9.56 7.08
CA GLY H 149 14.24 -8.69 8.25
C GLY H 149 13.81 -7.27 7.98
N ILE H 150 14.21 -6.73 6.84
CA ILE H 150 13.78 -5.38 6.46
C ILE H 150 12.27 -5.32 6.29
N ALA H 151 11.71 -6.34 5.63
CA ALA H 151 10.25 -6.40 5.46
C ALA H 151 9.54 -6.50 6.80
N ALA H 152 10.09 -7.26 7.74
CA ALA H 152 9.51 -7.35 9.08
C ALA H 152 9.56 -6.03 9.82
N GLU H 153 10.67 -5.29 9.69
CA GLU H 153 10.73 -3.97 10.32
C GLU H 153 9.68 -3.03 9.75
N TYR H 154 9.51 -3.03 8.43
CA TYR H 154 8.46 -2.19 7.85
C TYR H 154 7.07 -2.68 8.22
N GLU H 155 6.90 -3.99 8.40
CA GLU H 155 5.63 -4.53 8.91
C GLU H 155 5.35 -4.02 10.32
N ALA H 156 6.37 -3.97 11.17
CA ALA H 156 6.20 -3.41 12.51
C ALA H 156 5.81 -1.95 12.44
N MET H 157 6.43 -1.19 11.54
CA MET H 157 6.07 0.21 11.37
C MET H 157 4.61 0.36 10.92
N ASN H 158 4.18 -0.47 9.97
CA ASN H 158 2.79 -0.42 9.52
C ASN H 158 1.83 -0.78 10.65
N MET H 159 2.17 -1.77 11.46
CA MET H 159 1.34 -2.14 12.59
C MET H 159 1.25 -0.99 13.59
N ARG H 160 2.37 -0.31 13.83
CA ARG H 160 2.35 0.86 14.71
C ARG H 160 1.44 1.94 14.17
N GLU H 161 1.50 2.21 12.87
CA GLU H 161 0.62 3.20 12.27
C GLU H 161 -0.84 2.81 12.41
N HIS H 162 -1.15 1.54 12.14
CA HIS H 162 -2.54 1.07 12.23
C HIS H 162 -3.06 1.18 13.66
N LEU H 163 -2.22 0.81 14.64
CA LEU H 163 -2.65 0.91 16.03
C LEU H 163 -2.78 2.35 16.49
N ARG H 164 -1.94 3.26 15.96
CA ARG H 164 -2.04 4.66 16.34
C ARG H 164 -3.30 5.30 15.79
N ASN H 165 -3.63 5.02 14.52
CA ASN H 165 -4.77 5.70 13.92
C ASN H 165 -6.09 5.10 14.40
N GLN H 166 -6.07 3.85 14.84
CA GLN H 166 -7.26 3.20 15.40
C GLN H 166 -7.06 3.09 16.91
N ARG H 167 -7.74 3.97 17.65
CA ARG H 167 -7.60 3.98 19.10
C ARG H 167 -8.25 2.73 19.68
N TYR H 168 -7.43 1.77 20.11
CA TYR H 168 -7.88 0.51 20.68
C TYR H 168 -7.56 0.54 22.17
N SER H 169 -8.47 1.09 22.96
CA SER H 169 -8.33 1.18 24.39
C SER H 169 -9.37 0.30 25.08
N THR H 170 -9.38 0.36 26.41
CA THR H 170 -10.35 -0.39 27.22
C THR H 170 -11.65 0.41 27.25
N SER H 171 -12.46 0.24 26.22
CA SER H 171 -13.74 0.94 26.11
C SER H 171 -14.83 -0.01 25.60
N ARG H 172 -14.84 -1.24 26.12
CA ARG H 172 -15.85 -2.23 25.74
C ARG H 172 -16.81 -2.52 26.89
N THR H 173 -16.29 -2.94 28.04
CA THR H 173 -17.10 -3.16 29.22
C THR H 173 -16.93 -2.07 30.27
N HIS H 174 -15.88 -1.24 30.14
CA HIS H 174 -15.69 -0.14 31.06
C HIS H 174 -16.76 0.93 30.92
N ALA H 175 -17.48 0.95 29.79
CA ALA H 175 -18.58 1.90 29.64
C ALA H 175 -19.67 1.63 30.68
N ALA H 176 -19.98 0.37 30.93
CA ALA H 176 -20.98 0.03 31.94
C ALA H 176 -20.53 0.44 33.34
N ARG H 177 -19.24 0.27 33.65
CA ARG H 177 -18.71 0.64 34.96
C ARG H 177 -18.39 2.12 35.09
N LYS H 178 -18.46 2.88 33.99
CA LYS H 178 -18.19 4.30 34.01
C LYS H 178 -19.43 5.16 33.93
N ILE H 179 -20.43 4.75 33.13
CA ILE H 179 -21.68 5.51 33.06
C ILE H 179 -22.45 5.43 34.37
N ARG H 180 -22.27 4.35 35.13
CA ARG H 180 -22.97 4.22 36.40
C ARG H 180 -22.41 5.19 37.44
N SER H 181 -21.10 5.42 37.42
CA SER H 181 -20.51 6.38 38.34
C SER H 181 -20.92 7.82 38.03
N GLY H 182 -21.47 8.06 36.85
CA GLY H 182 -21.92 9.40 36.46
C GLY H 182 -23.41 9.56 36.77
#